data_7X6V
#
_entry.id   7X6V
#
_cell.length_a   1.00
_cell.length_b   1.00
_cell.length_c   1.00
_cell.angle_alpha   90.00
_cell.angle_beta   90.00
_cell.angle_gamma   90.00
#
_symmetry.space_group_name_H-M   'P 1'
#
loop_
_entity.id
_entity.type
_entity.pdbx_description
1 polymer 'RING finger protein Z'
2 polymer 'RNA-directed RNA polymerase L'
3 non-polymer 'ZINC ION'
4 non-polymer 'MANGANESE (II) ION'
#
loop_
_entity_poly.entity_id
_entity_poly.type
_entity_poly.pdbx_seq_one_letter_code
_entity_poly.pdbx_strand_id
1 'polypeptide(L)'
;MGQGKSREEKGTNSTNRAEILPDTTYLGPLSCKSCWQKFDSLVRCHDHYLCRHCLNLLLSVSDRCPLCKYPLPTRLKIST
APSSPPPYEE
;
B
2 'polypeptide(L)'
;MDEIISELRELCLNYIEQDERLSRQKLNFLGQREPRMVLIEGLKLLSRCIEIDSADKSGCTHNHDDKSVETILVESGIVC
PGLPLIIPDGYKLIDNSLILLECFVRSTPASFEKKFIEDTNKLACIREDLAVAGVTLVPIVDGRCDYDNSFMPEWANFKF
RDLLFKLLEYSNQNEKVFEESEYFRLCESLKTTIDKRSGMDSMKILKDARSTHNDEIMRMCHEGINPNMSCDDVVFGINS
LFSRFRRDLESGKLKRNFQKVNPEGLIKEFSELYENLADSDDILTLSREAVESCPLMRFITAETHGHERGSETSTEYERL
LSMLNKVKSLKLLNTRRRQLLNLDVLCLSSLIKQSKFKGLKNDKHWVGCCYSSVNDRLVSFHSTKEEFIRLLRNRKKSKV
FRKVSFEELFRASISEFIAKIQKCLLVVGLSFEHYGLSEHLEQECHIPFTEFENFMKIGAHPIMYYTKFEDYNFQPSTEQ
LKNIQSLRRLSSVCLALTNSMKTSSVARLRQNQIGSVRYQVVECKEVFCQVIKLDSEEYHLLYQKTGESSRCYSIQGPDG
HLISFYADPKRFFLPIFSDEVLYNMIDIMISWIRSCPDLKDCLTDIEVALRTLLLLMLTNPTKRNQKQVQSVRYLVMAIV
SDFSSTSLMDKLREDLITPAEKVVYKLLRFLIKTIFGTGEKVLLSAKFKFMLNVSYLCHLITKETPDRLTDQIKCFEKFF
EPKSQFGFFVNPKEAITPEEECVFYEQMKRFTSKEIDCQHTTPGVNLEAFSLMVSSFNNGTLIFKGEKKLNSLDPMTNSG
CATALDLASNKSVVVNKHLNGERLLEYDFNKLLVSAVSQITESFVRKQKYKLSHSDYEYKVSKLVSRLVIGSKGEETGRS
EDNLAEICFDGEEETSFFKSLEEKVNTTIARYRRGRRANDKGDGEKLTNTKGLHHLQLILTGKMAHLRKVILSEISFHLV
EDFDPSCLTNDDMKFICEAVEGSTELSPLYFTSVIKDQCGLDEMAKNLCRKFFSENDWFSCMKMILLQMNANAYSGKYRH
MQRQGLNFKFDWDKLEEDVRISERESNSESLSKALSLTKCMSAALKNLCFYSEESPTSYTSVGPDSGRLKFALSYKEQVG
GNRELYIGDLRTKMFTRLIEDYFESFSSFFSGSCLNNDKEFENAILSMTINVREGFLNYSMDHSKWGPMMCPFLFLMFLQ
NLKLGDDQYVRSGKDHVSTLLTWHMHKLVEVPFPVVNAMMKSYVKSKLKLLRGSETTVTERIFRQYFEMGIVPSHISSLI
DMGQGILHNASDFYGLLSERFINYCIGVIFGERPEAYTSSDDQITLFDRRLSDLVVSDPEEVLVLLEFQSHLSGLLNKFI
SPKSVAGRFAAEFKSRFYVWGEEVPLLTKFVSAALHNVKCKEPHQLCETIDTIADQAIANGVPVSLVNSIQRRTLDLLKY
ANFPLDPFLLNTNTDVKDWLDGSRGYRIQRLIEELCPNETKVVRKLVRKLHHKLKNGEFNEEFFLDLFNRDKKEAILQLG
DLLGLEEDLNQLADVNWLNLNEMFPLRMVLRQKVVYPSVMTFQEERIPSLIKTLQNKLCSKFTRGAQKLLSEAINKSAFQ
SCISSGFIGLCKTLGSRCVRNKNRENLYIKKLLEDLTTDDHVTRVCNRDGITLYICDKQSHPEAHRDHICLLRPLLWDYI
CISLSNSFELGVWVLAEPTKGKNNSENLTLKHLNPCDYVARKPESSRLLEDKVNLNQVIQSVRRLYPKIFEDQLLPFMSD
MSSKNMRWSPRIKFLDLCVLIDINSESLSLISHVVKWKRDEHYTVLFSDLANSHQRSDSSLVDEFVVSTRDVCKNFLKQV
YFESFVREFVATTRTLGNFSWFPHKEMMPSEDGAEALGPFQSFVSKVVNKNVERPMFRNDLQFGFGWFSYRMGDVVCNAA
MLIRQGLTNPKAFKSLKDLWDYMLNYTKGVLEFSISVDFTHNQNNTDCLRKFSLIFLVRCQLQNPGVAELLSCSHLFKGE
IDRRMLDECLHLLRTDSVFKVNDGVFDIRSEEFEDYMEDPLILGDSLELELLGSKRILDGIRSIDFERVGPEWEPVPLTV
KMGALFEGRNLVQNIIVKLETKDMKVFLAGLEGYEKISDVLGNLFLHRFRTGEHLLGSEISVILQELCIDRSILLIPLSL
LPDWFAFKDCRLCFSKSRSTLMYETVGGRFRLKGRSCDDWLGGSVAEDID
;
A
#
# COMPACT_ATOMS: atom_id res chain seq x y z
N LEU A 27 -21.89 -11.34 -40.98
CA LEU A 27 -20.91 -10.56 -40.24
C LEU A 27 -21.60 -9.62 -39.26
N GLY A 28 -20.82 -8.76 -38.63
CA GLY A 28 -21.33 -7.84 -37.63
C GLY A 28 -21.37 -6.33 -37.82
N PRO A 29 -20.23 -5.68 -37.62
CA PRO A 29 -20.13 -4.25 -37.91
C PRO A 29 -19.85 -4.02 -39.39
N LEU A 30 -19.89 -2.75 -39.79
CA LEU A 30 -19.82 -2.38 -41.19
C LEU A 30 -18.71 -1.35 -41.38
N SER A 31 -17.48 -1.84 -41.48
CA SER A 31 -16.27 -1.09 -41.82
C SER A 31 -15.11 -2.08 -41.78
N CYS A 32 -13.97 -1.66 -42.30
CA CYS A 32 -12.78 -2.50 -42.18
C CYS A 32 -12.46 -2.73 -40.71
N LYS A 33 -12.39 -3.99 -40.34
CA LYS A 33 -12.10 -4.25 -38.96
C LYS A 33 -10.71 -3.72 -38.65
N SER A 34 -10.03 -3.20 -39.68
CA SER A 34 -8.68 -2.68 -39.63
C SER A 34 -8.34 -1.32 -40.15
N CYS A 35 -9.16 -0.76 -41.04
CA CYS A 35 -9.05 0.68 -41.33
C CYS A 35 -9.55 1.62 -40.23
N TRP A 36 -10.43 1.07 -39.38
CA TRP A 36 -11.09 1.76 -38.26
C TRP A 36 -11.76 2.95 -38.91
N GLN A 37 -11.92 2.89 -40.22
CA GLN A 37 -12.55 3.98 -40.94
C GLN A 37 -13.27 3.39 -42.15
N LYS A 38 -13.53 4.22 -43.15
CA LYS A 38 -14.00 3.73 -44.43
C LYS A 38 -15.35 3.04 -44.33
N PHE A 39 -16.40 3.84 -44.21
CA PHE A 39 -17.76 3.38 -43.95
C PHE A 39 -18.13 2.07 -44.66
N ASP A 40 -18.19 2.06 -46.00
CA ASP A 40 -18.63 0.84 -46.68
C ASP A 40 -18.26 -0.06 -47.86
N SER A 41 -17.05 0.13 -48.39
CA SER A 41 -16.82 -0.42 -49.72
C SER A 41 -16.10 -1.77 -49.64
N LEU A 42 -15.93 -2.34 -48.46
CA LEU A 42 -14.92 -3.35 -48.20
C LEU A 42 -15.37 -4.74 -48.68
N VAL A 43 -14.46 -5.71 -48.52
CA VAL A 43 -14.66 -7.10 -48.92
C VAL A 43 -14.76 -7.93 -47.65
N ARG A 44 -15.47 -9.06 -47.75
CA ARG A 44 -15.74 -9.90 -46.59
C ARG A 44 -14.59 -10.86 -46.33
N CYS A 45 -14.08 -10.85 -45.10
CA CYS A 45 -13.13 -11.86 -44.64
C CYS A 45 -13.92 -13.02 -44.01
N HIS A 46 -13.23 -13.89 -43.28
CA HIS A 46 -13.91 -14.96 -42.57
C HIS A 46 -14.77 -14.43 -41.43
N ASP A 47 -14.32 -13.39 -40.75
CA ASP A 47 -15.01 -12.78 -39.63
C ASP A 47 -15.17 -11.28 -39.59
N HIS A 48 -14.49 -10.56 -40.48
CA HIS A 48 -14.53 -9.11 -40.46
C HIS A 48 -14.51 -8.61 -41.90
N TYR A 49 -14.57 -7.29 -42.05
CA TYR A 49 -14.55 -6.66 -43.36
C TYR A 49 -13.17 -6.12 -43.66
N LEU A 50 -12.79 -6.15 -44.93
CA LEU A 50 -11.51 -5.62 -45.36
C LEU A 50 -11.66 -5.03 -46.75
N CYS A 51 -10.96 -3.92 -47.03
CA CYS A 51 -11.06 -3.26 -48.34
C CYS A 51 -10.34 -3.96 -49.49
N ARG A 52 -10.57 -3.49 -50.71
CA ARG A 52 -9.65 -3.69 -51.83
C ARG A 52 -8.25 -3.48 -51.30
N HIS A 53 -7.99 -2.26 -50.82
CA HIS A 53 -6.75 -1.89 -50.17
C HIS A 53 -6.30 -2.96 -49.18
N CYS A 54 -6.01 -2.43 -47.81
CA CYS A 54 -6.14 -3.20 -46.58
C CYS A 54 -5.69 -4.65 -46.75
N LEU A 55 -6.48 -5.25 -47.87
CA LEU A 55 -6.18 -6.61 -48.27
C LEU A 55 -4.88 -6.65 -49.07
N ASN A 56 -4.65 -5.66 -49.92
CA ASN A 56 -3.41 -5.61 -50.67
C ASN A 56 -2.21 -5.50 -49.74
N LEU A 57 -2.25 -4.53 -48.82
CA LEU A 57 -1.10 -4.27 -47.98
C LEU A 57 -0.92 -5.32 -46.90
N LEU A 58 -1.88 -6.23 -46.72
CA LEU A 58 -1.59 -7.39 -45.90
C LEU A 58 -1.13 -8.58 -46.74
N LEU A 59 -1.80 -8.84 -47.85
CA LEU A 59 -1.46 -9.96 -48.70
C LEU A 59 -0.08 -9.80 -49.32
N SER A 60 0.48 -8.61 -49.29
CA SER A 60 1.84 -8.42 -49.79
C SER A 60 2.91 -8.76 -48.75
N VAL A 61 2.54 -9.09 -47.52
CA VAL A 61 3.50 -9.41 -46.47
C VAL A 61 3.40 -10.87 -46.03
N SER A 62 2.18 -11.37 -45.86
CA SER A 62 2.00 -12.70 -45.28
C SER A 62 0.78 -13.41 -45.86
N ASP A 63 0.44 -14.55 -45.28
CA ASP A 63 -0.64 -15.40 -45.77
C ASP A 63 -1.83 -15.45 -44.82
N ARG A 64 -1.59 -15.41 -43.52
CA ARG A 64 -2.67 -15.43 -42.54
C ARG A 64 -3.37 -14.08 -42.46
N CYS A 65 -4.63 -14.11 -42.04
CA CYS A 65 -5.28 -12.89 -41.59
C CYS A 65 -4.72 -12.57 -40.21
N PRO A 66 -3.85 -11.60 -40.10
CA PRO A 66 -3.20 -11.35 -38.81
C PRO A 66 -4.20 -10.92 -37.76
N LEU A 67 -5.43 -10.64 -38.16
CA LEU A 67 -6.48 -10.25 -37.23
C LEU A 67 -7.38 -11.37 -36.75
N CYS A 68 -7.97 -12.13 -37.68
CA CYS A 68 -8.82 -13.23 -37.27
C CYS A 68 -8.18 -14.60 -37.15
N LYS A 69 -6.86 -14.66 -37.27
CA LYS A 69 -6.11 -15.92 -37.18
C LYS A 69 -6.65 -17.01 -38.12
N TYR A 70 -6.65 -16.68 -39.41
CA TYR A 70 -7.19 -17.51 -40.47
C TYR A 70 -6.53 -17.09 -41.78
N PRO A 71 -6.68 -17.87 -42.85
CA PRO A 71 -6.10 -17.45 -44.13
C PRO A 71 -6.96 -16.38 -44.82
N LEU A 72 -6.31 -15.29 -45.21
CA LEU A 72 -6.93 -14.10 -45.81
C LEU A 72 -7.70 -14.47 -47.08
N PRO A 73 -8.57 -13.59 -47.58
CA PRO A 73 -9.29 -13.89 -48.82
C PRO A 73 -8.47 -13.54 -50.05
N THR A 74 -8.92 -14.07 -51.18
CA THR A 74 -8.28 -13.82 -52.46
C THR A 74 -9.28 -13.35 -53.50
N MET B 1 -37.08 4.73 49.53
CA MET B 1 -36.21 5.84 49.94
C MET B 1 -34.93 5.31 50.57
N ASP B 2 -35.01 4.94 51.85
CA ASP B 2 -33.86 4.48 52.61
C ASP B 2 -33.66 2.97 52.55
N GLU B 3 -34.61 2.23 51.96
CA GLU B 3 -34.47 0.79 51.89
C GLU B 3 -33.28 0.39 51.02
N ILE B 4 -33.06 1.12 49.93
CA ILE B 4 -31.90 0.84 49.08
C ILE B 4 -30.61 1.17 49.83
N ILE B 5 -30.63 2.22 50.64
CA ILE B 5 -29.46 2.56 51.44
C ILE B 5 -29.15 1.45 52.43
N SER B 6 -30.18 0.92 53.09
CA SER B 6 -29.96 -0.20 54.02
C SER B 6 -29.48 -1.43 53.27
N GLU B 7 -29.99 -1.66 52.05
CA GLU B 7 -29.52 -2.78 51.25
C GLU B 7 -28.05 -2.63 50.91
N LEU B 8 -27.62 -1.43 50.53
CA LEU B 8 -26.20 -1.19 50.29
C LEU B 8 -25.39 -1.39 51.56
N ARG B 9 -25.91 -0.93 52.69
CA ARG B 9 -25.20 -1.08 53.96
C ARG B 9 -24.99 -2.55 54.31
N GLU B 10 -26.00 -3.39 54.07
CA GLU B 10 -25.84 -4.81 54.33
C GLU B 10 -25.11 -5.54 53.22
N LEU B 11 -24.94 -4.91 52.05
CA LEU B 11 -24.21 -5.57 50.97
C LEU B 11 -22.71 -5.31 51.05
N CYS B 12 -22.30 -4.11 51.46
CA CYS B 12 -20.88 -3.75 51.39
C CYS B 12 -20.04 -4.63 52.29
N LEU B 13 -20.39 -4.72 53.57
CA LEU B 13 -19.60 -5.47 54.53
C LEU B 13 -19.85 -6.97 54.50
N ASN B 14 -20.94 -7.41 53.87
CA ASN B 14 -21.33 -8.82 53.93
C ASN B 14 -21.19 -9.56 52.61
N TYR B 15 -20.99 -8.85 51.49
CA TYR B 15 -20.86 -9.50 50.20
C TYR B 15 -19.64 -9.05 49.41
N ILE B 16 -18.89 -8.06 49.90
CA ILE B 16 -17.68 -7.60 49.24
C ILE B 16 -16.48 -8.05 50.07
N GLU B 17 -15.37 -8.30 49.40
CA GLU B 17 -14.16 -8.74 50.10
C GLU B 17 -13.70 -7.67 51.08
N GLN B 18 -13.28 -8.12 52.25
CA GLN B 18 -12.92 -7.22 53.35
C GLN B 18 -11.41 -7.04 53.35
N ASP B 19 -10.93 -5.98 52.71
CA ASP B 19 -9.52 -5.63 52.68
C ASP B 19 -9.28 -4.36 53.49
N GLU B 20 -8.02 -4.19 53.89
CA GLU B 20 -7.68 -3.02 54.70
C GLU B 20 -7.88 -1.73 53.92
N ARG B 21 -7.53 -1.72 52.64
CA ARG B 21 -7.69 -0.52 51.82
C ARG B 21 -9.16 -0.23 51.55
N LEU B 22 -9.98 -1.27 51.44
CA LEU B 22 -11.40 -1.09 51.22
C LEU B 22 -12.13 -0.63 52.49
N SER B 23 -11.65 -1.06 53.65
CA SER B 23 -12.37 -0.83 54.90
C SER B 23 -12.52 0.66 55.21
N ARG B 24 -11.46 1.44 54.98
CA ARG B 24 -11.50 2.85 55.31
C ARG B 24 -12.65 3.55 54.60
N GLN B 25 -12.86 3.23 53.32
CA GLN B 25 -13.96 3.81 52.58
C GLN B 25 -15.29 3.14 52.91
N LYS B 26 -15.27 1.84 53.22
CA LYS B 26 -16.51 1.13 53.52
C LYS B 26 -17.18 1.69 54.77
N LEU B 27 -16.38 1.97 55.80
CA LEU B 27 -16.95 2.52 57.03
C LEU B 27 -17.60 3.87 56.77
N ASN B 28 -16.91 4.74 56.03
CA ASN B 28 -17.44 6.06 55.73
C ASN B 28 -18.71 5.96 54.89
N PHE B 29 -18.73 5.04 53.93
CA PHE B 29 -19.90 4.89 53.07
C PHE B 29 -21.11 4.40 53.86
N LEU B 30 -20.95 3.32 54.63
CA LEU B 30 -22.07 2.77 55.37
C LEU B 30 -22.49 3.68 56.52
N GLY B 31 -21.60 4.56 56.99
CA GLY B 31 -21.95 5.46 58.07
C GLY B 31 -22.59 6.77 57.67
N GLN B 32 -22.85 6.99 56.39
CA GLN B 32 -23.46 8.21 55.91
C GLN B 32 -24.86 7.92 55.38
N ARG B 33 -25.72 8.92 55.43
CA ARG B 33 -27.13 8.76 55.07
C ARG B 33 -27.57 9.66 53.93
N GLU B 34 -27.02 10.87 53.81
CA GLU B 34 -27.52 11.83 52.84
C GLU B 34 -27.33 11.28 51.42
N PRO B 35 -28.35 11.33 50.57
CA PRO B 35 -28.26 10.66 49.27
C PRO B 35 -27.08 11.10 48.42
N ARG B 36 -26.76 12.40 48.38
CA ARG B 36 -25.61 12.84 47.61
C ARG B 36 -24.32 12.24 48.16
N MET B 37 -24.18 12.23 49.48
CA MET B 37 -23.03 11.58 50.10
C MET B 37 -23.00 10.09 49.80
N VAL B 38 -24.16 9.45 49.81
CA VAL B 38 -24.22 8.02 49.51
C VAL B 38 -23.72 7.76 48.08
N LEU B 39 -24.18 8.56 47.12
CA LEU B 39 -23.74 8.37 45.75
C LEU B 39 -22.24 8.60 45.60
N ILE B 40 -21.73 9.70 46.18
CA ILE B 40 -20.30 9.97 45.99
C ILE B 40 -19.46 8.89 46.65
N GLU B 41 -19.88 8.42 47.83
CA GLU B 41 -19.14 7.36 48.51
C GLU B 41 -19.18 6.07 47.69
N GLY B 42 -20.36 5.71 47.16
CA GLY B 42 -20.45 4.49 46.38
C GLY B 42 -19.60 4.55 45.12
N LEU B 43 -19.60 5.70 44.46
CA LEU B 43 -18.75 5.86 43.28
C LEU B 43 -17.28 5.73 43.65
N LYS B 44 -16.86 6.33 44.77
CA LYS B 44 -15.47 6.22 45.19
C LYS B 44 -15.11 4.78 45.51
N LEU B 45 -16.00 4.05 46.17
CA LEU B 45 -15.75 2.64 46.45
C LEU B 45 -15.60 1.84 45.16
N LEU B 46 -16.51 2.05 44.21
CA LEU B 46 -16.46 1.29 42.97
C LEU B 46 -15.21 1.64 42.17
N SER B 47 -14.71 2.87 42.31
CA SER B 47 -13.47 3.25 41.65
C SER B 47 -12.26 2.57 42.30
N ARG B 48 -12.19 2.64 43.64
CA ARG B 48 -11.02 2.09 44.33
C ARG B 48 -10.95 0.58 44.18
N CYS B 49 -12.10 -0.09 44.09
CA CYS B 49 -12.10 -1.53 43.88
C CYS B 49 -11.34 -1.90 42.61
N ILE B 50 -11.71 -1.28 41.48
CA ILE B 50 -11.04 -1.55 40.23
C ILE B 50 -9.58 -1.11 40.30
N GLU B 51 -9.32 0.04 40.94
CA GLU B 51 -7.94 0.53 41.03
C GLU B 51 -7.04 -0.51 41.68
N ILE B 52 -7.42 -0.97 42.88
CA ILE B 52 -6.58 -1.91 43.61
C ILE B 52 -6.54 -3.25 42.90
N ASP B 53 -7.67 -3.70 42.36
CA ASP B 53 -7.69 -4.99 41.68
C ASP B 53 -6.73 -5.01 40.50
N SER B 54 -6.83 -4.00 39.62
CA SER B 54 -5.95 -3.94 38.46
C SER B 54 -4.50 -3.75 38.87
N ALA B 55 -4.25 -2.92 39.89
CA ALA B 55 -2.88 -2.71 40.34
C ALA B 55 -2.25 -4.01 40.83
N ASP B 56 -2.99 -4.76 41.65
CA ASP B 56 -2.48 -6.04 42.13
C ASP B 56 -2.31 -7.03 40.99
N LYS B 57 -3.26 -7.06 40.05
CA LYS B 57 -3.19 -8.01 38.95
C LYS B 57 -1.97 -7.75 38.08
N SER B 58 -1.67 -6.48 37.81
CA SER B 58 -0.45 -6.16 37.08
C SER B 58 0.79 -6.33 37.92
N GLY B 59 0.64 -6.55 39.23
CA GLY B 59 1.78 -6.59 40.12
C GLY B 59 2.25 -5.23 40.59
N CYS B 60 1.65 -4.15 40.10
CA CYS B 60 2.04 -2.81 40.49
C CYS B 60 1.36 -2.45 41.80
N THR B 61 2.16 -2.09 42.80
CA THR B 61 1.61 -1.70 44.09
C THR B 61 0.71 -0.47 43.92
N HIS B 62 -0.49 -0.54 44.50
CA HIS B 62 -1.45 0.55 44.35
C HIS B 62 -0.99 1.78 45.14
N ASN B 63 -1.40 2.95 44.65
CA ASN B 63 -1.07 4.22 45.29
C ASN B 63 -2.27 4.66 46.13
N HIS B 64 -2.43 4.01 47.29
CA HIS B 64 -3.55 4.31 48.17
C HIS B 64 -3.48 5.75 48.68
N ASP B 65 -2.29 6.17 49.13
CA ASP B 65 -2.11 7.48 49.73
C ASP B 65 -1.93 8.59 48.71
N ASP B 66 -2.26 8.35 47.44
CA ASP B 66 -2.23 9.37 46.40
C ASP B 66 -0.84 9.99 46.26
N LYS B 67 0.19 9.15 46.39
CA LYS B 67 1.57 9.62 46.30
C LYS B 67 1.89 10.07 44.88
N SER B 68 2.65 11.16 44.78
CA SER B 68 3.04 11.73 43.50
CA SER B 68 3.02 11.71 43.48
C SER B 68 4.24 10.98 42.92
N VAL B 69 4.53 11.25 41.65
CA VAL B 69 5.68 10.64 40.99
C VAL B 69 6.97 11.09 41.67
N GLU B 70 7.09 12.38 41.98
CA GLU B 70 8.24 12.86 42.74
C GLU B 70 8.27 12.23 44.12
N THR B 71 7.10 12.04 44.73
CA THR B 71 7.04 11.34 46.00
C THR B 71 7.53 9.90 45.87
N ILE B 72 7.15 9.23 44.78
CA ILE B 72 7.61 7.86 44.54
C ILE B 72 9.13 7.83 44.38
N LEU B 73 9.68 8.84 43.70
CA LEU B 73 11.12 8.88 43.50
C LEU B 73 11.87 9.23 44.78
N VAL B 74 11.28 10.03 45.65
CA VAL B 74 11.99 10.49 46.85
C VAL B 74 11.86 9.49 48.00
N GLU B 75 10.78 8.71 48.06
CA GLU B 75 10.63 7.75 49.14
C GLU B 75 11.73 6.70 49.12
N SER B 76 12.32 6.43 47.97
CA SER B 76 13.48 5.54 47.86
C SER B 76 14.80 6.27 48.09
N GLY B 77 14.76 7.58 48.33
CA GLY B 77 15.95 8.35 48.61
C GLY B 77 16.53 9.11 47.44
N ILE B 78 15.91 9.04 46.27
CA ILE B 78 16.41 9.71 45.08
C ILE B 78 15.74 11.07 44.95
N VAL B 79 16.56 12.10 44.72
CA VAL B 79 16.07 13.47 44.59
C VAL B 79 15.95 13.80 43.11
N CYS B 80 14.73 14.08 42.66
CA CYS B 80 14.45 14.45 41.27
C CYS B 80 13.55 15.67 41.23
N PRO B 81 14.07 16.84 41.61
CA PRO B 81 13.23 18.04 41.66
C PRO B 81 12.77 18.49 40.29
N GLY B 82 11.46 18.44 40.06
CA GLY B 82 10.89 18.88 38.80
C GLY B 82 10.39 17.77 37.91
N LEU B 83 9.08 17.55 37.91
CA LEU B 83 8.45 16.52 37.08
C LEU B 83 6.97 16.83 36.97
N PRO B 84 6.33 16.50 35.85
CA PRO B 84 4.88 16.71 35.74
C PRO B 84 4.13 15.92 36.79
N LEU B 85 3.08 16.53 37.33
CA LEU B 85 2.35 15.97 38.46
C LEU B 85 1.32 14.98 37.95
N ILE B 86 1.58 13.69 38.16
CA ILE B 86 0.66 12.62 37.77
C ILE B 86 0.51 11.66 38.93
N ILE B 87 -0.58 10.91 38.91
CA ILE B 87 -0.86 9.92 39.94
C ILE B 87 -1.13 8.58 39.28
N PRO B 88 -0.11 7.78 39.02
CA PRO B 88 -0.33 6.43 38.48
C PRO B 88 -1.09 5.55 39.47
N ASP B 89 -1.91 4.67 38.91
CA ASP B 89 -2.66 3.72 39.75
C ASP B 89 -1.73 2.77 40.46
N GLY B 90 -0.72 2.26 39.77
CA GLY B 90 0.22 1.33 40.37
C GLY B 90 1.65 1.69 40.00
N TYR B 91 2.58 1.26 40.85
CA TYR B 91 3.98 1.62 40.70
C TYR B 91 4.87 0.48 41.17
N LYS B 92 5.94 0.24 40.43
CA LYS B 92 6.96 -0.73 40.80
C LYS B 92 8.33 -0.07 40.67
N LEU B 93 9.02 0.06 41.79
CA LEU B 93 10.36 0.64 41.81
C LEU B 93 11.40 -0.47 41.87
N ILE B 94 12.36 -0.43 40.95
CA ILE B 94 13.49 -1.34 40.95
C ILE B 94 14.76 -0.50 40.99
N ASP B 95 15.92 -1.16 40.97
CA ASP B 95 17.18 -0.46 41.12
C ASP B 95 17.41 0.57 40.01
N ASN B 96 17.11 0.22 38.77
CA ASN B 96 17.39 1.10 37.64
C ASN B 96 16.24 1.37 36.68
N SER B 97 15.00 1.25 37.16
CA SER B 97 13.84 1.40 36.30
C SER B 97 12.66 1.86 37.14
N LEU B 98 11.57 2.19 36.45
CA LEU B 98 10.33 2.60 37.10
C LEU B 98 9.15 2.12 36.27
N ILE B 99 8.12 1.62 36.94
CA ILE B 99 6.89 1.18 36.30
C ILE B 99 5.76 2.06 36.80
N LEU B 100 5.05 2.68 35.87
CA LEU B 100 3.88 3.51 36.18
C LEU B 100 2.66 2.90 35.51
N LEU B 101 1.58 2.73 36.27
CA LEU B 101 0.39 2.04 35.80
C LEU B 101 -0.79 3.00 35.78
N GLU B 102 -1.52 3.00 34.66
CA GLU B 102 -2.75 3.77 34.52
C GLU B 102 -3.88 2.82 34.15
N CYS B 103 -5.00 2.93 34.85
CA CYS B 103 -6.15 2.07 34.63
C CYS B 103 -7.40 2.90 34.43
N PHE B 104 -8.37 2.34 33.72
CA PHE B 104 -9.62 2.99 33.37
C PHE B 104 -10.53 1.98 32.70
N VAL B 105 -11.84 2.12 32.92
CA VAL B 105 -12.83 1.23 32.36
C VAL B 105 -13.84 2.07 31.60
N ARG B 106 -13.91 1.87 30.28
CA ARG B 106 -14.81 2.63 29.41
C ARG B 106 -15.72 1.67 28.66
N SER B 107 -16.94 2.12 28.39
CA SER B 107 -17.92 1.31 27.67
C SER B 107 -17.88 1.59 26.17
N THR B 108 -18.11 2.83 25.77
CA THR B 108 -18.12 3.17 24.36
C THR B 108 -16.71 2.99 23.78
N PRO B 109 -16.57 2.34 22.63
CA PRO B 109 -15.23 2.16 22.06
C PRO B 109 -14.51 3.45 21.78
N ALA B 110 -15.24 4.49 21.36
CA ALA B 110 -14.61 5.74 20.97
C ALA B 110 -13.94 6.42 22.14
N SER B 111 -14.67 6.58 23.25
CA SER B 111 -14.08 7.20 24.43
C SER B 111 -12.98 6.34 24.99
N PHE B 112 -13.10 5.02 24.88
CA PHE B 112 -12.05 4.13 25.33
C PHE B 112 -10.76 4.39 24.57
N GLU B 113 -10.84 4.49 23.23
CA GLU B 113 -9.66 4.76 22.44
C GLU B 113 -9.08 6.13 22.76
N LYS B 114 -9.95 7.12 22.96
CA LYS B 114 -9.48 8.45 23.29
C LYS B 114 -8.70 8.44 24.61
N LYS B 115 -9.24 7.75 25.61
CA LYS B 115 -8.55 7.65 26.88
C LYS B 115 -7.24 6.90 26.73
N PHE B 116 -7.23 5.86 25.89
CA PHE B 116 -6.02 5.09 25.66
C PHE B 116 -4.91 5.96 25.11
N ILE B 117 -5.19 6.73 24.06
CA ILE B 117 -4.14 7.55 23.47
C ILE B 117 -3.72 8.66 24.43
N GLU B 118 -4.69 9.24 25.15
CA GLU B 118 -4.36 10.30 26.10
C GLU B 118 -3.41 9.77 27.18
N ASP B 119 -3.70 8.61 27.75
CA ASP B 119 -2.86 8.07 28.81
C ASP B 119 -1.52 7.62 28.29
N THR B 120 -1.46 7.08 27.06
CA THR B 120 -0.16 6.72 26.49
C THR B 120 0.72 7.95 26.34
N ASN B 121 0.16 9.04 25.82
CA ASN B 121 0.93 10.27 25.70
C ASN B 121 1.35 10.80 27.06
N LYS B 122 0.45 10.73 28.04
CA LYS B 122 0.77 11.23 29.38
C LYS B 122 1.92 10.44 30.00
N LEU B 123 1.93 9.12 29.81
CA LEU B 123 3.02 8.31 30.34
C LEU B 123 4.32 8.56 29.59
N ALA B 124 4.24 8.70 28.26
CA ALA B 124 5.44 8.83 27.44
C ALA B 124 6.06 10.23 27.52
N CYS B 125 5.34 11.22 28.03
CA CYS B 125 5.90 12.58 28.07
C CYS B 125 7.18 12.64 28.91
N ILE B 126 7.21 11.95 30.05
CA ILE B 126 8.30 12.09 31.00
C ILE B 126 9.38 11.04 30.73
N ARG B 127 9.34 10.43 29.55
CA ARG B 127 10.31 9.39 29.21
C ARG B 127 11.73 9.92 29.27
N GLU B 128 11.97 11.07 28.65
CA GLU B 128 13.33 11.61 28.59
C GLU B 128 13.82 12.05 29.96
N ASP B 129 12.95 12.61 30.79
CA ASP B 129 13.35 13.00 32.14
C ASP B 129 13.68 11.77 32.98
N LEU B 130 12.90 10.70 32.84
CA LEU B 130 13.24 9.45 33.51
C LEU B 130 14.59 8.92 33.02
N ALA B 131 14.82 8.98 31.71
CA ALA B 131 16.07 8.47 31.15
C ALA B 131 17.27 9.25 31.66
N VAL B 132 17.17 10.58 31.69
CA VAL B 132 18.28 11.39 32.16
C VAL B 132 18.40 11.33 33.68
N ALA B 133 17.35 10.88 34.37
CA ALA B 133 17.41 10.70 35.82
C ALA B 133 18.11 9.41 36.22
N GLY B 134 18.45 8.55 35.27
CA GLY B 134 19.09 7.29 35.55
C GLY B 134 18.17 6.09 35.63
N VAL B 135 16.91 6.22 35.21
CA VAL B 135 15.93 5.14 35.24
C VAL B 135 15.25 5.06 33.88
N THR B 136 14.27 4.17 33.77
CA THR B 136 13.51 4.00 32.55
C THR B 136 12.08 3.61 32.89
N LEU B 137 11.18 3.82 31.94
CA LEU B 137 9.76 3.57 32.14
C LEU B 137 9.34 2.27 31.46
N VAL B 138 8.50 1.50 32.15
CA VAL B 138 7.84 0.34 31.57
C VAL B 138 6.39 0.73 31.30
N PRO B 139 6.00 0.93 30.05
CA PRO B 139 4.63 1.38 29.77
C PRO B 139 3.62 0.28 30.01
N ILE B 140 2.47 0.66 30.56
CA ILE B 140 1.39 -0.28 30.82
C ILE B 140 0.10 0.50 31.04
N VAL B 141 -1.00 0.00 30.48
CA VAL B 141 -2.32 0.55 30.70
C VAL B 141 -3.26 -0.61 31.01
N ASP B 142 -4.40 -0.29 31.61
CA ASP B 142 -5.41 -1.28 31.95
C ASP B 142 -6.75 -0.77 31.44
N GLY B 143 -7.05 -1.05 30.18
CA GLY B 143 -8.34 -0.70 29.63
C GLY B 143 -9.29 -1.87 29.65
N ARG B 144 -10.19 -1.91 30.61
CA ARG B 144 -11.10 -3.02 30.80
C ARG B 144 -12.50 -2.61 30.35
N CYS B 145 -13.13 -3.46 29.56
CA CYS B 145 -14.50 -3.23 29.11
C CYS B 145 -15.53 -3.76 30.11
N ASP B 146 -15.15 -3.93 31.37
CA ASP B 146 -16.07 -4.43 32.39
C ASP B 146 -15.60 -3.96 33.76
N TYR B 147 -16.49 -4.06 34.74
CA TYR B 147 -16.20 -3.67 36.11
C TYR B 147 -15.89 -4.87 37.01
N ASP B 148 -15.66 -6.04 36.42
CA ASP B 148 -15.31 -7.19 37.25
C ASP B 148 -13.97 -6.97 37.95
N ASN B 149 -13.81 -7.62 39.10
CA ASN B 149 -12.64 -7.42 39.94
C ASN B 149 -12.61 -8.51 41.00
N SER B 150 -11.47 -8.59 41.69
CA SER B 150 -11.30 -9.60 42.73
C SER B 150 -12.23 -9.35 43.91
N PHE B 151 -12.34 -8.09 44.35
CA PHE B 151 -13.04 -7.78 45.59
C PHE B 151 -14.55 -7.93 45.50
N MET B 152 -15.11 -8.12 44.30
CA MET B 152 -16.53 -8.24 44.20
C MET B 152 -16.89 -9.24 43.10
N PRO B 153 -17.78 -10.19 43.39
CA PRO B 153 -18.27 -11.08 42.34
C PRO B 153 -19.14 -10.33 41.34
N GLU B 154 -19.48 -11.02 40.26
CA GLU B 154 -20.25 -10.41 39.18
C GLU B 154 -21.58 -9.88 39.67
N TRP B 155 -22.33 -10.70 40.41
CA TRP B 155 -23.65 -10.30 40.86
C TRP B 155 -23.55 -9.15 41.86
N ALA B 156 -22.50 -9.13 42.69
CA ALA B 156 -22.34 -8.06 43.65
C ALA B 156 -22.18 -6.71 42.95
N ASN B 157 -21.25 -6.64 41.99
CA ASN B 157 -21.06 -5.39 41.25
C ASN B 157 -22.29 -5.02 40.45
N PHE B 158 -22.94 -6.01 39.83
CA PHE B 158 -24.13 -5.73 39.03
C PHE B 158 -25.23 -5.09 39.89
N LYS B 159 -25.56 -5.74 41.02
CA LYS B 159 -26.59 -5.21 41.91
C LYS B 159 -26.18 -3.88 42.50
N PHE B 160 -24.90 -3.73 42.87
CA PHE B 160 -24.43 -2.47 43.43
C PHE B 160 -24.64 -1.33 42.44
N ARG B 161 -24.20 -1.53 41.20
CA ARG B 161 -24.37 -0.50 40.18
C ARG B 161 -25.84 -0.20 39.93
N ASP B 162 -26.69 -1.23 39.91
CA ASP B 162 -28.11 -1.00 39.69
C ASP B 162 -28.73 -0.19 40.84
N LEU B 163 -28.30 -0.47 42.07
CA LEU B 163 -28.84 0.25 43.22
C LEU B 163 -28.40 1.71 43.18
N LEU B 164 -27.13 1.98 42.89
CA LEU B 164 -26.72 3.37 42.70
C LEU B 164 -27.45 4.02 41.53
N PHE B 165 -27.77 3.25 40.49
CA PHE B 165 -28.53 3.79 39.37
C PHE B 165 -29.91 4.27 39.80
N LYS B 166 -30.65 3.39 40.48
CA LYS B 166 -31.99 3.74 40.95
C LYS B 166 -31.93 4.92 41.91
N LEU B 167 -30.97 4.90 42.83
CA LEU B 167 -30.82 6.03 43.74
C LEU B 167 -30.44 7.29 43.00
N LEU B 168 -29.74 7.16 41.87
CA LEU B 168 -29.39 8.32 41.07
C LEU B 168 -30.61 8.97 40.45
N GLU B 169 -31.51 8.16 39.88
CA GLU B 169 -32.76 8.74 39.39
C GLU B 169 -33.59 9.33 40.53
N TYR B 170 -33.60 8.65 41.69
CA TYR B 170 -34.34 9.18 42.83
C TYR B 170 -33.80 10.54 43.25
N SER B 171 -32.48 10.69 43.27
CA SER B 171 -31.88 11.99 43.57
C SER B 171 -32.18 12.99 42.47
N ASN B 172 -32.17 12.55 41.21
CA ASN B 172 -32.46 13.44 40.09
C ASN B 172 -33.89 13.97 40.18
N GLN B 173 -34.79 13.22 40.81
CA GLN B 173 -36.10 13.77 41.09
C GLN B 173 -36.02 14.98 42.01
N ASN B 174 -35.16 14.91 43.02
CA ASN B 174 -35.00 15.98 43.99
C ASN B 174 -34.12 17.09 43.41
N GLU B 175 -33.69 18.00 44.28
CA GLU B 175 -32.86 19.13 43.88
C GLU B 175 -31.44 18.73 43.53
N LYS B 176 -31.11 17.44 43.58
CA LYS B 176 -29.77 16.98 43.21
C LYS B 176 -29.54 16.97 41.72
N VAL B 177 -30.43 17.66 41.00
CA VAL B 177 -30.37 17.69 39.54
C VAL B 177 -29.02 18.21 39.07
N PHE B 178 -28.45 17.53 38.08
CA PHE B 178 -27.24 17.96 37.39
C PHE B 178 -27.59 18.16 35.92
N GLU B 179 -27.06 19.24 35.33
CA GLU B 179 -27.48 19.64 33.99
C GLU B 179 -27.21 18.55 32.97
N GLU B 180 -25.93 18.30 32.69
CA GLU B 180 -25.51 17.21 31.83
C GLU B 180 -24.48 16.30 32.49
N SER B 181 -23.86 16.71 33.59
CA SER B 181 -23.04 15.78 34.36
C SER B 181 -23.87 14.61 34.85
N GLU B 182 -25.17 14.83 35.09
CA GLU B 182 -26.06 13.73 35.38
C GLU B 182 -26.12 12.76 34.22
N TYR B 183 -26.13 13.30 33.00
CA TYR B 183 -26.15 12.44 31.82
C TYR B 183 -24.91 11.57 31.76
N PHE B 184 -23.74 12.16 32.01
CA PHE B 184 -22.49 11.40 32.01
C PHE B 184 -22.55 10.27 33.02
N ARG B 185 -23.01 10.55 34.24
CA ARG B 185 -23.16 9.50 35.23
C ARG B 185 -24.10 8.41 34.73
N LEU B 186 -25.37 8.75 34.54
CA LEU B 186 -26.41 7.74 34.38
C LEU B 186 -26.32 6.99 33.07
N CYS B 187 -26.19 7.70 31.95
CA CYS B 187 -26.30 7.01 30.67
C CYS B 187 -24.96 6.45 30.19
N GLU B 188 -23.86 6.84 30.82
CA GLU B 188 -22.54 6.36 30.46
C GLU B 188 -22.01 5.47 31.58
N SER B 189 -21.55 4.28 31.20
CA SER B 189 -20.98 3.29 32.11
C SER B 189 -22.05 2.64 32.98
N LEU B 190 -23.29 3.13 32.89
CA LEU B 190 -24.44 2.58 33.62
C LEU B 190 -24.18 2.51 35.12
N MET B 200 -24.17 3.13 18.09
CA MET B 200 -24.27 3.56 16.70
C MET B 200 -25.72 3.75 16.26
N ASP B 201 -25.99 3.53 14.98
CA ASP B 201 -27.33 3.53 14.37
C ASP B 201 -28.29 4.65 14.80
N SER B 202 -27.78 5.89 14.71
CA SER B 202 -28.59 7.08 14.98
C SER B 202 -28.92 7.20 16.47
N MET B 203 -27.89 7.51 17.25
CA MET B 203 -28.11 7.96 18.62
C MET B 203 -28.89 9.26 18.61
N LYS B 204 -30.16 9.20 18.98
CA LYS B 204 -31.01 10.37 19.10
C LYS B 204 -31.17 10.82 20.54
N ILE B 205 -30.41 10.21 21.45
CA ILE B 205 -30.52 10.44 22.89
C ILE B 205 -30.04 11.83 23.27
N LEU B 206 -29.47 12.56 22.31
CA LEU B 206 -28.93 13.88 22.58
C LEU B 206 -30.06 14.92 22.61
N LYS B 207 -29.77 16.06 23.24
CA LYS B 207 -30.76 17.13 23.33
C LYS B 207 -30.75 17.89 22.02
N ASP B 208 -31.39 19.07 21.94
CA ASP B 208 -31.39 19.83 20.69
C ASP B 208 -31.21 21.29 21.03
N ALA B 209 -30.03 21.84 20.72
CA ALA B 209 -29.73 23.24 20.97
C ALA B 209 -29.69 24.06 19.70
N ARG B 210 -30.55 23.74 18.73
CA ARG B 210 -30.49 24.35 17.41
C ARG B 210 -31.34 25.62 17.37
N SER B 211 -30.71 26.76 17.10
CA SER B 211 -31.41 28.03 17.12
C SER B 211 -30.58 29.09 16.40
N THR B 212 -31.27 29.89 15.59
CA THR B 212 -30.80 31.12 14.94
C THR B 212 -29.49 30.96 14.17
N HIS B 213 -29.05 29.74 13.97
CA HIS B 213 -28.03 29.46 12.97
C HIS B 213 -28.43 28.34 12.04
N ASN B 214 -29.14 27.34 12.53
CA ASN B 214 -29.81 26.41 11.62
C ASN B 214 -31.17 26.95 11.24
N ASP B 215 -31.19 28.22 10.88
CA ASP B 215 -32.26 28.88 10.15
C ASP B 215 -31.72 29.67 8.97
N GLU B 216 -30.58 30.33 9.12
CA GLU B 216 -29.84 30.78 7.95
C GLU B 216 -29.50 29.60 7.04
N ILE B 217 -28.92 28.55 7.63
CA ILE B 217 -28.44 27.43 6.84
C ILE B 217 -29.59 26.65 6.24
N MET B 218 -30.70 26.52 6.97
CA MET B 218 -31.86 25.83 6.44
C MET B 218 -32.80 26.77 5.70
N ARG B 219 -32.45 28.04 5.57
CA ARG B 219 -33.20 28.98 4.77
C ARG B 219 -32.61 29.19 3.39
N MET B 220 -31.28 29.31 3.30
CA MET B 220 -30.65 29.42 1.98
C MET B 220 -30.93 28.21 1.12
N CYS B 221 -31.27 27.07 1.71
CA CYS B 221 -31.60 25.88 0.95
C CYS B 221 -33.00 25.91 0.37
N HIS B 222 -33.81 26.92 0.71
CA HIS B 222 -35.16 27.01 0.21
C HIS B 222 -35.47 28.33 -0.48
N GLU B 223 -34.54 29.27 -0.52
CA GLU B 223 -34.82 30.60 -1.06
C GLU B 223 -34.39 30.64 -2.52
N GLY B 224 -35.38 30.70 -3.41
CA GLY B 224 -35.15 30.75 -4.85
C GLY B 224 -35.57 29.48 -5.57
N ILE B 225 -35.41 28.35 -4.93
CA ILE B 225 -35.76 27.08 -5.55
C ILE B 225 -37.26 26.88 -5.49
N ASN B 226 -37.81 26.25 -6.52
CA ASN B 226 -39.24 26.01 -6.64
C ASN B 226 -39.44 24.52 -6.87
N PRO B 227 -39.31 23.72 -5.83
CA PRO B 227 -39.10 22.28 -6.03
C PRO B 227 -40.34 21.49 -6.36
N ASN B 228 -41.42 22.12 -6.83
CA ASN B 228 -42.60 21.33 -7.21
C ASN B 228 -43.17 21.62 -8.58
N MET B 229 -42.35 22.11 -9.51
CA MET B 229 -42.87 22.46 -10.82
C MET B 229 -43.52 21.24 -11.48
N SER B 230 -44.38 21.51 -12.44
CA SER B 230 -45.18 20.45 -13.04
C SER B 230 -44.31 19.58 -13.96
N CYS B 231 -44.96 18.63 -14.63
CA CYS B 231 -44.27 17.75 -15.55
C CYS B 231 -44.16 18.31 -16.95
N ASP B 232 -44.84 19.42 -17.24
CA ASP B 232 -44.68 20.10 -18.52
C ASP B 232 -44.36 21.57 -18.32
N ASP B 233 -44.16 21.99 -17.08
CA ASP B 233 -43.53 23.26 -16.80
C ASP B 233 -42.02 23.12 -16.64
N VAL B 234 -41.51 21.90 -16.75
CA VAL B 234 -40.08 21.65 -16.79
C VAL B 234 -39.56 21.58 -18.21
N VAL B 235 -40.33 20.97 -19.12
CA VAL B 235 -39.95 20.98 -20.53
C VAL B 235 -39.85 22.40 -21.05
N PHE B 236 -40.84 23.22 -20.72
CA PHE B 236 -40.85 24.60 -21.16
C PHE B 236 -39.77 25.40 -20.47
N GLY B 237 -39.23 24.86 -19.38
CA GLY B 237 -38.11 25.52 -18.72
C GLY B 237 -36.81 25.18 -19.41
N ILE B 238 -36.64 23.90 -19.76
CA ILE B 238 -35.45 23.47 -20.47
C ILE B 238 -35.34 24.18 -21.81
N ASN B 239 -36.41 24.16 -22.59
CA ASN B 239 -36.37 24.75 -23.92
C ASN B 239 -36.24 26.26 -23.89
N SER B 240 -36.07 26.84 -22.70
CA SER B 240 -35.77 28.26 -22.57
C SER B 240 -34.46 28.45 -21.85
N LEU B 241 -33.72 27.37 -21.67
CA LEU B 241 -32.35 27.41 -21.19
C LEU B 241 -31.36 27.09 -22.30
N PHE B 242 -31.64 26.07 -23.08
CA PHE B 242 -31.12 25.97 -24.43
C PHE B 242 -31.85 27.00 -25.28
N SER B 243 -31.31 27.29 -26.45
CA SER B 243 -31.84 28.34 -27.33
C SER B 243 -31.85 29.69 -26.61
N ARG B 244 -31.12 29.73 -25.51
CA ARG B 244 -30.71 30.96 -24.87
C ARG B 244 -29.24 30.76 -24.57
N PHE B 245 -28.74 29.62 -25.06
CA PHE B 245 -27.35 29.24 -25.09
C PHE B 245 -26.87 29.15 -26.54
N ARG B 246 -27.54 28.32 -27.32
CA ARG B 246 -27.21 28.16 -28.72
C ARG B 246 -27.30 29.47 -29.49
N ARG B 247 -28.13 30.40 -29.04
CA ARG B 247 -28.23 31.72 -29.65
C ARG B 247 -27.16 32.67 -29.11
N ASP B 248 -26.42 32.25 -28.08
CA ASP B 248 -25.29 33.01 -27.58
C ASP B 248 -23.98 32.26 -27.76
N LEU B 249 -23.91 31.33 -28.70
CA LEU B 249 -22.68 30.59 -28.93
C LEU B 249 -21.91 31.10 -30.14
N GLU B 250 -22.58 31.69 -31.12
CA GLU B 250 -21.87 32.19 -32.30
C GLU B 250 -21.13 33.48 -32.04
N SER B 251 -21.38 34.16 -30.92
CA SER B 251 -20.55 35.30 -30.55
C SER B 251 -20.14 35.36 -29.09
N GLY B 252 -20.80 34.64 -28.19
CA GLY B 252 -20.65 34.94 -26.78
C GLY B 252 -19.45 34.38 -26.05
N LYS B 253 -19.43 33.07 -25.82
CA LYS B 253 -18.52 32.54 -24.81
C LYS B 253 -17.21 31.88 -25.21
N LEU B 254 -17.31 30.88 -26.07
CA LEU B 254 -16.15 30.14 -26.53
C LEU B 254 -16.73 29.10 -27.47
N LYS B 255 -15.93 28.57 -28.40
CA LYS B 255 -16.41 27.48 -29.24
C LYS B 255 -16.19 26.14 -28.56
N ARG B 256 -16.91 25.98 -27.45
CA ARG B 256 -17.24 24.68 -26.85
C ARG B 256 -16.03 23.94 -26.29
N ASN B 257 -14.82 24.44 -26.47
CA ASN B 257 -13.63 23.72 -26.07
C ASN B 257 -13.52 22.39 -26.82
N PHE B 258 -14.46 22.10 -27.71
CA PHE B 258 -14.55 20.79 -28.33
C PHE B 258 -14.39 20.93 -29.83
N GLN B 259 -13.31 20.37 -30.37
CA GLN B 259 -12.99 20.46 -31.78
C GLN B 259 -12.79 19.07 -32.34
N LYS B 260 -13.03 18.82 -33.68
CA LYS B 260 -12.77 17.56 -34.35
C LYS B 260 -11.27 17.30 -34.39
N VAL B 261 -10.90 16.09 -34.79
CA VAL B 261 -9.50 15.71 -34.80
C VAL B 261 -9.08 15.39 -36.23
N ASN B 262 -8.00 16.01 -36.67
CA ASN B 262 -7.24 15.53 -37.81
C ASN B 262 -5.98 14.88 -37.26
N PRO B 263 -5.79 13.57 -37.44
CA PRO B 263 -4.63 12.91 -36.81
C PRO B 263 -3.32 13.58 -37.15
N GLU B 264 -3.15 14.02 -38.40
CA GLU B 264 -1.93 14.71 -38.79
C GLU B 264 -1.77 16.02 -38.00
N GLY B 265 -2.88 16.71 -37.76
CA GLY B 265 -2.81 17.92 -36.97
C GLY B 265 -2.31 17.67 -35.56
N LEU B 266 -2.86 16.65 -34.90
CA LEU B 266 -2.37 16.29 -33.57
C LEU B 266 -0.90 15.93 -33.58
N ILE B 267 -0.49 15.14 -34.57
CA ILE B 267 0.90 14.68 -34.58
C ILE B 267 1.84 15.85 -34.80
N LYS B 268 1.48 16.79 -35.69
CA LYS B 268 2.32 17.95 -35.91
C LYS B 268 2.33 18.86 -34.68
N GLU B 269 1.18 19.00 -34.02
CA GLU B 269 1.12 19.83 -32.81
C GLU B 269 1.95 19.22 -31.70
N PHE B 270 1.98 17.90 -31.60
CA PHE B 270 2.90 17.23 -30.67
C PHE B 270 4.34 17.51 -31.05
N SER B 271 4.66 17.35 -32.34
CA SER B 271 6.03 17.51 -32.78
C SER B 271 6.55 18.93 -32.50
N GLU B 272 5.69 19.93 -32.60
CA GLU B 272 6.12 21.31 -32.41
C GLU B 272 6.10 21.75 -30.94
N LEU B 273 5.85 20.83 -30.02
CA LEU B 273 5.93 21.18 -28.60
C LEU B 273 7.34 21.60 -28.25
N TYR B 274 7.47 22.38 -27.17
CA TYR B 274 8.75 22.90 -26.71
C TYR B 274 9.56 23.46 -27.88
N GLU B 275 9.04 24.52 -28.49
CA GLU B 275 9.78 25.13 -29.58
C GLU B 275 10.66 26.06 -28.75
N ASN B 276 11.60 25.47 -28.01
CA ASN B 276 12.73 26.18 -27.41
C ASN B 276 13.92 25.33 -27.85
N LEU B 277 14.14 24.19 -27.23
CA LEU B 277 15.37 23.43 -27.35
C LEU B 277 15.20 22.09 -28.04
N ALA B 278 14.11 21.37 -27.74
CA ALA B 278 13.79 20.15 -28.48
C ALA B 278 13.25 20.57 -29.83
N ASP B 279 14.07 20.45 -30.86
CA ASP B 279 13.85 21.15 -32.13
C ASP B 279 13.80 20.31 -33.40
N SER B 280 13.37 19.05 -33.27
CA SER B 280 13.27 18.12 -34.39
C SER B 280 14.64 17.57 -34.79
N ASP B 281 15.23 16.80 -33.87
CA ASP B 281 16.35 15.92 -34.17
C ASP B 281 15.79 14.66 -34.82
N ASP B 282 16.01 14.50 -36.12
CA ASP B 282 15.16 13.62 -36.92
C ASP B 282 15.73 12.20 -37.04
N ILE B 283 16.93 12.07 -37.60
CA ILE B 283 17.42 10.76 -38.02
C ILE B 283 17.56 9.85 -36.81
N LEU B 284 17.37 8.55 -37.03
CA LEU B 284 17.52 7.61 -35.94
C LEU B 284 18.93 7.61 -35.40
N THR B 285 19.92 7.38 -36.27
CA THR B 285 21.29 7.25 -35.81
C THR B 285 21.73 8.43 -34.96
N LEU B 286 21.28 9.63 -35.33
CA LEU B 286 21.56 10.79 -34.49
C LEU B 286 20.88 10.67 -33.13
N SER B 287 19.63 10.22 -33.11
CA SER B 287 18.93 10.11 -31.84
C SER B 287 19.59 9.08 -30.93
N ARG B 288 19.98 7.92 -31.49
CA ARG B 288 20.64 6.89 -30.68
C ARG B 288 22.02 7.34 -30.24
N GLU B 289 22.77 8.00 -31.11
CA GLU B 289 24.08 8.52 -30.71
C GLU B 289 23.96 9.57 -29.62
N ALA B 290 22.88 10.34 -29.62
CA ALA B 290 22.67 11.27 -28.53
C ALA B 290 22.19 10.56 -27.27
N VAL B 291 21.44 9.47 -27.44
CA VAL B 291 20.92 8.73 -26.29
C VAL B 291 22.05 8.07 -25.53
N GLU B 292 22.95 7.40 -26.23
CA GLU B 292 24.05 6.65 -25.63
C GLU B 292 25.05 7.51 -25.02
N SER B 293 24.77 8.80 -24.91
CA SER B 293 25.68 9.72 -24.23
C SER B 293 24.93 10.68 -23.31
N CYS B 294 23.66 10.43 -23.01
CA CYS B 294 22.91 11.40 -22.24
C CYS B 294 23.39 11.47 -20.79
N PRO B 295 23.15 10.43 -19.97
CA PRO B 295 23.56 10.53 -18.57
C PRO B 295 25.02 10.13 -18.45
N LEU B 296 25.53 10.00 -17.24
CA LEU B 296 26.85 9.41 -17.11
C LEU B 296 26.81 7.90 -16.98
N MET B 297 25.66 7.31 -16.65
CA MET B 297 25.64 5.87 -16.49
C MET B 297 25.53 5.18 -17.83
N ARG B 298 24.52 5.50 -18.64
CA ARG B 298 24.30 4.77 -19.88
C ARG B 298 25.55 4.83 -20.76
N PHE B 299 26.53 5.61 -20.34
CA PHE B 299 27.84 5.70 -20.96
C PHE B 299 28.77 4.57 -20.51
N ILE B 300 28.36 3.75 -19.54
CA ILE B 300 29.02 2.47 -19.23
C ILE B 300 28.16 1.29 -19.65
N THR B 301 26.87 1.34 -19.34
CA THR B 301 25.94 0.24 -19.54
C THR B 301 26.03 -0.28 -20.96
N ALA B 302 26.68 0.48 -21.84
CA ALA B 302 26.84 0.13 -23.25
C ALA B 302 28.27 0.14 -23.80
N GLU B 303 29.27 -0.22 -22.98
CA GLU B 303 30.67 0.16 -23.19
C GLU B 303 31.56 -0.89 -23.85
N THR B 304 31.21 -2.17 -23.81
CA THR B 304 32.00 -3.27 -24.42
C THR B 304 33.42 -3.43 -23.88
N HIS B 305 33.51 -3.67 -22.59
CA HIS B 305 34.80 -4.01 -22.00
C HIS B 305 35.11 -5.50 -22.24
N GLY B 306 36.14 -5.99 -21.58
CA GLY B 306 36.53 -7.38 -21.71
C GLY B 306 37.99 -7.59 -21.37
N THR B 315 39.40 -20.25 -2.47
CA THR B 315 39.00 -19.02 -1.80
C THR B 315 39.46 -19.02 -0.34
N GLU B 316 40.77 -19.05 -0.14
CA GLU B 316 41.32 -18.92 1.20
C GLU B 316 40.90 -17.59 1.82
N TYR B 317 41.14 -16.50 1.10
CA TYR B 317 40.58 -15.20 1.45
C TYR B 317 39.13 -15.19 0.95
N GLU B 318 38.50 -14.01 0.97
CA GLU B 318 37.09 -13.83 0.60
C GLU B 318 36.21 -14.77 1.42
N ARG B 319 36.73 -15.29 2.52
CA ARG B 319 35.96 -15.92 3.58
C ARG B 319 36.51 -15.65 4.96
N LEU B 320 37.80 -15.31 5.08
CA LEU B 320 38.30 -14.76 6.33
C LEU B 320 37.51 -13.51 6.71
N LEU B 321 37.02 -12.78 5.71
CA LEU B 321 36.24 -11.58 5.91
C LEU B 321 34.92 -11.86 6.62
N SER B 322 34.25 -12.95 6.26
CA SER B 322 32.98 -13.28 6.90
C SER B 322 33.20 -13.43 8.39
N MET B 323 34.27 -14.10 8.78
CA MET B 323 34.56 -14.25 10.20
C MET B 323 34.91 -12.91 10.82
N LEU B 324 35.85 -12.18 10.23
CA LEU B 324 36.28 -10.93 10.82
C LEU B 324 35.16 -9.91 10.90
N ASN B 325 34.10 -10.12 10.12
CA ASN B 325 32.96 -9.21 10.04
C ASN B 325 31.84 -9.64 10.96
N LYS B 326 31.65 -10.95 11.15
CA LYS B 326 30.56 -11.43 11.98
C LYS B 326 30.70 -10.91 13.41
N VAL B 327 31.90 -10.97 13.96
CA VAL B 327 32.10 -10.35 15.27
C VAL B 327 32.47 -8.89 15.02
N LYS B 328 31.49 -8.08 14.63
CA LYS B 328 31.65 -6.64 14.58
C LYS B 328 30.44 -5.88 15.10
N SER B 329 29.24 -6.44 15.00
CA SER B 329 28.04 -5.71 15.38
C SER B 329 27.92 -5.52 16.89
N LEU B 330 28.60 -6.36 17.67
CA LEU B 330 28.51 -6.27 19.11
C LEU B 330 29.09 -4.96 19.62
N LYS B 331 30.21 -4.55 19.05
CA LYS B 331 30.86 -3.31 19.44
C LYS B 331 31.25 -2.47 18.23
N LEU B 332 31.43 -1.17 18.44
CA LEU B 332 31.85 -0.27 17.38
C LEU B 332 32.54 0.96 17.97
N LEU B 333 33.86 1.02 17.79
CA LEU B 333 34.65 2.15 18.30
C LEU B 333 35.86 2.46 17.43
N ASN B 334 36.19 3.73 17.33
CA ASN B 334 37.33 4.19 16.53
C ASN B 334 38.67 3.74 17.12
N THR B 335 38.73 3.51 18.43
CA THR B 335 39.93 2.88 18.97
C THR B 335 40.03 1.42 18.52
N ARG B 336 38.90 0.77 18.31
CA ARG B 336 38.85 -0.51 17.62
C ARG B 336 38.86 -0.22 16.12
N ARG B 337 38.61 -1.25 15.30
CA ARG B 337 38.60 -1.21 13.85
C ARG B 337 39.98 -0.95 13.26
N ARG B 338 41.00 -0.73 14.09
CA ARG B 338 42.38 -0.65 13.61
C ARG B 338 43.11 -1.98 13.83
N GLN B 339 43.10 -2.49 15.06
CA GLN B 339 43.59 -3.84 15.25
C GLN B 339 42.61 -4.86 14.68
N LEU B 340 41.40 -4.43 14.33
CA LEU B 340 40.51 -5.26 13.53
C LEU B 340 40.88 -5.21 12.06
N LEU B 341 41.80 -4.33 11.67
CA LEU B 341 42.30 -4.28 10.31
C LEU B 341 43.72 -4.80 10.17
N ASN B 342 44.50 -4.80 11.24
CA ASN B 342 45.79 -5.49 11.19
C ASN B 342 45.60 -6.97 10.93
N LEU B 343 44.55 -7.56 11.52
CA LEU B 343 44.24 -8.96 11.30
C LEU B 343 43.96 -9.25 9.83
N ASP B 344 43.61 -8.23 9.06
CA ASP B 344 43.33 -8.43 7.64
C ASP B 344 44.50 -8.04 6.75
N VAL B 345 45.23 -6.99 7.08
CA VAL B 345 46.42 -6.65 6.31
C VAL B 345 47.46 -7.75 6.47
N LEU B 346 47.54 -8.36 7.65
CA LEU B 346 48.47 -9.46 7.86
C LEU B 346 48.20 -10.58 6.87
N CYS B 347 46.93 -10.94 6.68
CA CYS B 347 46.60 -11.96 5.71
C CYS B 347 46.97 -11.54 4.30
N LEU B 348 46.90 -10.24 4.00
CA LEU B 348 47.40 -9.80 2.70
C LEU B 348 48.89 -9.51 2.75
N SER B 349 49.63 -10.40 3.39
CA SER B 349 51.08 -10.46 3.28
C SER B 349 51.56 -11.90 3.30
N SER B 350 50.64 -12.85 3.38
CA SER B 350 50.95 -14.27 3.38
C SER B 350 50.21 -14.99 2.26
N LEU B 351 49.76 -14.23 1.25
CA LEU B 351 49.11 -14.79 0.09
C LEU B 351 49.62 -14.21 -1.22
N ILE B 352 50.36 -13.11 -1.19
CA ILE B 352 50.98 -12.57 -2.39
C ILE B 352 52.49 -12.64 -2.19
N LYS B 353 52.93 -12.54 -0.93
CA LYS B 353 54.34 -12.78 -0.63
C LYS B 353 54.72 -14.22 -0.96
N GLN B 354 53.85 -15.17 -0.62
CA GLN B 354 54.00 -16.56 -1.06
C GLN B 354 53.20 -16.56 -2.34
N SER B 355 53.73 -15.91 -3.37
CA SER B 355 53.16 -15.92 -4.70
C SER B 355 54.03 -15.11 -5.66
N CYS B 370 40.04 -8.77 -3.26
CA CYS B 370 41.03 -8.14 -4.13
C CYS B 370 41.78 -7.04 -3.42
N TYR B 371 42.33 -6.11 -4.20
CA TYR B 371 43.25 -5.12 -3.68
C TYR B 371 42.94 -4.04 -4.73
N SER B 372 42.44 -2.90 -4.28
CA SER B 372 42.18 -1.81 -5.23
C SER B 372 43.28 -0.80 -5.51
N SER B 373 44.54 -1.06 -5.15
CA SER B 373 45.73 -0.10 -5.07
C SER B 373 46.17 0.71 -3.83
N VAL B 374 45.36 0.78 -2.78
CA VAL B 374 45.65 1.39 -1.46
C VAL B 374 44.87 0.81 -0.30
N ASN B 375 44.11 -0.22 -0.67
CA ASN B 375 43.03 -0.92 0.00
C ASN B 375 43.33 -2.32 0.23
N ASP B 376 43.14 -2.69 1.44
CA ASP B 376 43.05 -3.98 2.12
C ASP B 376 41.65 -4.08 2.72
N ARG B 377 40.68 -4.46 1.86
CA ARG B 377 39.27 -4.31 2.17
C ARG B 377 39.03 -4.77 3.60
N LEU B 378 38.55 -3.88 4.44
CA LEU B 378 38.37 -4.16 5.86
C LEU B 378 36.97 -4.74 6.08
N VAL B 379 36.53 -4.75 7.33
CA VAL B 379 35.39 -5.57 7.72
C VAL B 379 34.09 -5.06 7.11
N SER B 380 33.84 -3.77 7.21
CA SER B 380 32.48 -3.22 7.11
C SER B 380 31.98 -2.86 5.72
N PHE B 381 32.52 -3.45 4.65
CA PHE B 381 32.53 -2.96 3.28
C PHE B 381 33.42 -1.74 3.20
N HIS B 382 34.14 -1.45 4.26
CA HIS B 382 35.10 -0.39 4.43
C HIS B 382 36.22 -0.56 3.40
N SER B 383 37.09 0.43 3.29
CA SER B 383 38.24 0.29 2.39
C SER B 383 39.24 1.19 3.11
N THR B 384 40.31 0.60 3.63
CA THR B 384 41.36 1.39 4.24
C THR B 384 42.53 1.57 3.28
N LYS B 385 43.51 2.37 3.69
CA LYS B 385 44.72 2.62 2.92
C LYS B 385 45.88 1.90 3.59
N GLU B 386 46.64 1.14 2.81
CA GLU B 386 47.79 0.44 3.40
C GLU B 386 48.93 1.24 3.99
N GLU B 387 48.74 2.55 4.08
CA GLU B 387 49.74 3.42 4.69
C GLU B 387 49.25 4.08 5.97
N PHE B 388 47.93 4.24 6.16
CA PHE B 388 47.43 4.63 7.47
C PHE B 388 47.46 3.45 8.42
N ILE B 389 47.12 2.25 7.94
CA ILE B 389 47.61 1.06 8.61
C ILE B 389 49.09 0.93 8.28
N ARG B 390 49.81 0.14 9.09
CA ARG B 390 51.26 0.11 9.10
C ARG B 390 51.85 1.46 9.48
N LEU B 391 51.02 2.39 9.91
CA LEU B 391 51.46 3.59 10.62
C LEU B 391 50.62 3.85 11.86
N LEU B 392 49.40 3.32 11.93
CA LEU B 392 48.68 3.31 13.20
C LEU B 392 49.45 2.50 14.23
N ARG B 393 49.91 1.31 13.85
CA ARG B 393 50.93 0.65 14.60
C ARG B 393 52.22 1.45 14.48
N ASN B 394 53.18 1.13 15.35
CA ASN B 394 54.41 1.88 15.55
C ASN B 394 54.17 3.23 16.22
N ARG B 395 52.92 3.61 16.45
CA ARG B 395 52.62 4.54 17.55
C ARG B 395 51.71 3.87 18.57
N LYS B 396 50.65 3.18 18.14
CA LYS B 396 49.89 2.37 19.07
C LYS B 396 50.71 1.22 19.62
N LYS B 397 51.80 0.86 18.96
CA LYS B 397 52.73 -0.15 19.46
C LYS B 397 53.92 0.47 20.18
N SER B 398 54.48 1.57 19.67
CA SER B 398 55.58 2.24 20.36
C SER B 398 55.12 2.81 21.70
N LYS B 399 53.83 3.10 21.84
CA LYS B 399 53.33 3.56 23.13
C LYS B 399 53.51 2.50 24.21
N VAL B 400 53.55 1.23 23.82
CA VAL B 400 53.76 0.14 24.76
C VAL B 400 55.22 0.07 25.16
N ARG B 411 62.49 -3.43 21.90
CA ARG B 411 61.77 -4.70 21.84
C ARG B 411 60.58 -4.61 20.89
N ALA B 412 60.77 -3.90 19.78
CA ALA B 412 59.69 -3.75 18.80
C ALA B 412 59.28 -5.09 18.21
N SER B 413 60.26 -5.93 17.86
CA SER B 413 59.95 -7.24 17.31
C SER B 413 59.19 -8.09 18.31
N ILE B 414 59.61 -8.04 19.57
CA ILE B 414 58.87 -8.74 20.62
C ILE B 414 57.57 -8.02 20.95
N SER B 415 57.44 -6.75 20.59
CA SER B 415 56.24 -6.00 20.90
C SER B 415 55.02 -6.52 20.16
N GLU B 416 55.20 -7.20 19.04
CA GLU B 416 54.07 -7.86 18.40
C GLU B 416 53.72 -9.12 19.17
N PHE B 417 52.75 -9.87 18.66
CA PHE B 417 52.23 -11.08 19.29
C PHE B 417 51.88 -10.78 20.74
N ILE B 418 51.53 -9.52 21.05
CA ILE B 418 50.89 -9.14 22.30
C ILE B 418 49.49 -8.65 21.98
N ALA B 419 49.31 -8.19 20.74
CA ALA B 419 48.01 -7.79 20.24
C ALA B 419 47.59 -8.54 19.00
N LYS B 420 48.52 -9.21 18.33
CA LYS B 420 48.18 -10.06 17.20
C LYS B 420 47.85 -11.48 17.63
N ILE B 421 47.92 -11.77 18.92
CA ILE B 421 47.54 -13.08 19.47
C ILE B 421 46.46 -12.89 20.51
N GLN B 422 46.64 -11.89 21.38
CA GLN B 422 45.59 -11.54 22.32
C GLN B 422 44.29 -11.20 21.60
N LYS B 423 44.38 -10.49 20.47
CA LYS B 423 43.18 -10.18 19.71
C LYS B 423 42.56 -11.43 19.13
N CYS B 424 43.38 -12.36 18.64
CA CYS B 424 42.83 -13.61 18.15
C CYS B 424 42.09 -14.34 19.25
N LEU B 425 42.67 -14.39 20.44
CA LEU B 425 42.04 -15.06 21.56
C LEU B 425 40.75 -14.37 21.98
N LEU B 426 40.73 -13.03 21.97
CA LEU B 426 39.51 -12.31 22.34
C LEU B 426 38.41 -12.53 21.32
N VAL B 427 38.76 -12.49 20.03
CA VAL B 427 37.76 -12.71 18.99
C VAL B 427 37.23 -14.13 19.06
N VAL B 428 38.10 -15.10 19.34
CA VAL B 428 37.64 -16.45 19.59
C VAL B 428 36.89 -16.52 20.92
N GLY B 429 37.02 -15.51 21.76
CA GLY B 429 36.17 -15.41 22.94
C GLY B 429 34.70 -15.37 22.56
N LEU B 430 34.40 -14.87 21.37
CA LEU B 430 33.07 -15.05 20.77
C LEU B 430 33.25 -16.36 19.99
N SER B 431 33.30 -17.43 20.79
CA SER B 431 33.41 -18.82 20.38
C SER B 431 32.01 -19.42 20.21
N PHE B 432 31.93 -20.73 20.39
CA PHE B 432 30.68 -21.48 20.43
C PHE B 432 29.56 -20.78 21.20
N GLU B 433 29.90 -19.73 21.97
CA GLU B 433 28.91 -18.75 22.39
C GLU B 433 28.19 -18.50 21.06
N HIS B 434 26.87 -18.62 21.07
CA HIS B 434 26.08 -18.49 19.85
C HIS B 434 26.76 -19.20 18.67
N TYR B 435 27.37 -20.35 18.95
CA TYR B 435 27.83 -21.29 17.91
C TYR B 435 28.89 -20.68 17.01
N GLY B 436 30.01 -20.29 17.62
CA GLY B 436 31.19 -19.92 16.84
C GLY B 436 31.69 -21.09 16.03
N LEU B 437 31.55 -20.99 14.71
CA LEU B 437 31.72 -22.14 13.82
C LEU B 437 33.21 -22.36 13.55
N SER B 438 33.49 -23.26 12.60
CA SER B 438 34.84 -23.78 12.39
C SER B 438 35.86 -22.70 12.10
N GLU B 439 35.43 -21.52 11.66
CA GLU B 439 36.40 -20.50 11.28
C GLU B 439 36.82 -20.09 12.68
N HIS B 440 37.84 -20.72 13.23
CA HIS B 440 38.71 -20.22 14.27
C HIS B 440 40.17 -20.66 14.14
N LEU B 441 40.42 -21.89 13.70
CA LEU B 441 41.78 -22.38 13.54
C LEU B 441 42.40 -22.04 12.19
N GLU B 442 41.58 -21.63 11.22
CA GLU B 442 42.11 -21.26 9.91
C GLU B 442 43.03 -20.04 10.01
N GLN B 443 42.63 -19.03 10.78
CA GLN B 443 43.42 -17.81 10.93
C GLN B 443 44.62 -17.97 11.85
N GLU B 444 44.61 -18.97 12.74
CA GLU B 444 45.73 -19.21 13.63
C GLU B 444 47.02 -19.54 12.88
N CYS B 445 46.94 -19.72 11.56
CA CYS B 445 48.12 -19.87 10.72
C CYS B 445 48.52 -18.58 10.03
N HIS B 446 47.55 -17.85 9.47
CA HIS B 446 47.86 -16.61 8.76
C HIS B 446 48.38 -15.53 9.72
N ILE B 447 47.65 -15.29 10.80
CA ILE B 447 47.90 -14.11 11.63
C ILE B 447 49.27 -14.14 12.31
N PRO B 448 49.67 -15.20 13.00
CA PRO B 448 51.03 -15.19 13.59
C PRO B 448 52.12 -15.15 12.54
N PHE B 449 51.79 -15.43 11.28
CA PHE B 449 52.76 -15.38 10.19
C PHE B 449 52.84 -13.88 9.92
N THR B 450 53.57 -13.20 10.79
CA THR B 450 53.92 -11.79 10.64
C THR B 450 55.21 -11.52 11.40
N GLU B 451 55.87 -10.44 11.02
CA GLU B 451 57.19 -10.09 11.53
C GLU B 451 57.32 -8.58 11.33
N PHE B 452 58.49 -8.04 11.64
CA PHE B 452 58.74 -6.62 11.42
C PHE B 452 59.75 -6.35 10.32
N GLU B 453 60.65 -7.29 10.02
CA GLU B 453 61.36 -7.23 8.76
C GLU B 453 60.42 -7.47 7.59
N ASN B 454 59.24 -8.02 7.85
CA ASN B 454 58.22 -8.24 6.83
C ASN B 454 57.08 -7.23 6.91
N PHE B 455 56.79 -6.69 8.08
CA PHE B 455 55.74 -5.70 8.23
C PHE B 455 56.23 -4.27 8.02
N MET B 456 57.49 -4.10 7.63
CA MET B 456 58.02 -2.81 7.25
C MET B 456 57.96 -2.58 5.74
N LYS B 457 57.49 -3.56 4.98
CA LYS B 457 57.34 -3.40 3.54
C LYS B 457 56.08 -4.05 2.98
N ILE B 458 55.20 -4.60 3.82
CA ILE B 458 54.04 -5.34 3.33
C ILE B 458 53.16 -4.44 2.47
N GLY B 459 52.90 -3.23 2.96
CA GLY B 459 52.23 -2.24 2.16
C GLY B 459 53.13 -1.50 1.20
N ALA B 460 54.43 -1.70 1.30
CA ALA B 460 55.38 -1.09 0.39
C ALA B 460 55.59 -1.91 -0.86
N HIS B 461 55.12 -3.14 -0.90
CA HIS B 461 55.28 -3.97 -2.09
C HIS B 461 54.32 -3.55 -3.19
N PRO B 462 52.99 -3.55 -2.98
CA PRO B 462 52.07 -3.20 -4.09
C PRO B 462 51.79 -1.70 -4.15
N ILE B 463 52.85 -0.91 -4.25
CA ILE B 463 52.70 0.56 -4.22
C ILE B 463 52.50 1.00 -5.66
N MET B 464 51.27 0.86 -6.14
CA MET B 464 50.82 1.46 -7.39
C MET B 464 49.46 2.07 -7.08
N TYR B 465 49.42 3.37 -6.78
CA TYR B 465 48.19 3.98 -6.32
C TYR B 465 47.20 4.12 -7.47
N TYR B 472 38.54 7.35 -21.20
CA TYR B 472 37.18 6.91 -21.53
C TYR B 472 37.22 5.70 -22.43
N ASN B 473 36.17 4.98 -22.08
CA ASN B 473 35.55 3.86 -22.67
C ASN B 473 34.42 4.78 -23.20
N PHE B 474 34.06 4.53 -24.44
CA PHE B 474 33.02 5.28 -25.11
C PHE B 474 31.89 4.27 -25.22
N GLN B 475 30.82 4.64 -25.94
CA GLN B 475 29.44 4.24 -25.80
C GLN B 475 28.98 3.31 -26.90
N PRO B 476 29.84 2.28 -27.43
CA PRO B 476 29.42 1.48 -28.59
C PRO B 476 27.92 1.28 -28.67
N SER B 477 27.32 1.90 -29.68
CA SER B 477 25.89 2.08 -29.77
C SER B 477 25.20 0.99 -30.57
N THR B 478 25.91 -0.05 -30.96
CA THR B 478 25.29 -1.15 -31.66
C THR B 478 24.61 -2.13 -30.73
N GLU B 479 24.84 -1.89 -29.47
CA GLU B 479 24.52 -2.90 -28.49
C GLU B 479 23.15 -3.25 -28.03
N GLN B 480 22.09 -2.93 -28.77
CA GLN B 480 20.75 -3.42 -28.39
C GLN B 480 20.43 -4.75 -29.02
N LEU B 481 19.19 -5.23 -29.02
CA LEU B 481 18.98 -6.67 -29.15
C LEU B 481 20.16 -7.42 -28.56
N LYS B 482 20.78 -6.89 -27.50
CA LYS B 482 21.87 -7.56 -26.81
C LYS B 482 21.56 -7.59 -25.33
N ASN B 483 21.50 -8.81 -24.77
CA ASN B 483 21.30 -8.90 -23.34
C ASN B 483 22.41 -8.20 -22.59
N ILE B 484 23.65 -8.34 -23.02
CA ILE B 484 24.68 -7.78 -22.18
C ILE B 484 24.71 -6.31 -21.81
N GLN B 485 23.72 -5.60 -22.33
CA GLN B 485 23.66 -4.18 -22.04
C GLN B 485 22.60 -3.90 -21.00
N SER B 486 21.69 -4.84 -20.76
CA SER B 486 20.77 -4.84 -19.63
C SER B 486 21.25 -5.76 -18.53
N LEU B 487 21.98 -6.81 -18.90
CA LEU B 487 22.62 -7.74 -18.00
C LEU B 487 23.82 -7.11 -17.32
N ARG B 488 24.07 -5.82 -17.58
CA ARG B 488 24.98 -5.02 -16.80
C ARG B 488 24.30 -3.99 -15.93
N ARG B 489 23.12 -3.50 -16.31
CA ARG B 489 22.31 -2.78 -15.32
C ARG B 489 21.89 -3.71 -14.20
N LEU B 490 21.50 -4.94 -14.55
CA LEU B 490 21.05 -5.91 -13.55
C LEU B 490 22.16 -6.34 -12.61
N SER B 491 23.35 -5.75 -12.74
CA SER B 491 24.41 -5.97 -11.78
C SER B 491 25.13 -4.69 -11.41
N SER B 492 24.80 -3.55 -12.00
CA SER B 492 25.22 -2.28 -11.45
C SER B 492 24.12 -1.63 -10.63
N VAL B 493 22.99 -2.31 -10.46
CA VAL B 493 22.00 -1.91 -9.46
C VAL B 493 22.10 -2.76 -8.21
N CYS B 494 22.36 -4.07 -8.35
CA CYS B 494 22.50 -4.97 -7.21
C CYS B 494 23.75 -4.61 -6.43
N LEU B 495 24.58 -3.75 -6.98
CA LEU B 495 25.70 -3.18 -6.26
C LEU B 495 25.51 -1.72 -5.97
N ALA B 496 24.37 -1.14 -6.32
CA ALA B 496 23.91 0.11 -5.75
C ALA B 496 22.76 -0.10 -4.78
N LEU B 497 22.13 -1.27 -4.81
CA LEU B 497 21.04 -1.64 -3.94
C LEU B 497 21.51 -2.27 -2.64
N THR B 498 22.38 -3.27 -2.69
CA THR B 498 22.96 -3.77 -1.45
C THR B 498 23.51 -2.76 -0.49
N ASN B 499 23.54 -1.51 -0.93
CA ASN B 499 24.37 -0.41 -0.53
C ASN B 499 23.74 0.46 0.52
N SER B 500 22.42 0.45 0.65
CA SER B 500 21.80 0.94 1.86
C SER B 500 22.12 0.05 3.05
N MET B 501 22.68 -1.14 2.81
CA MET B 501 22.97 -2.13 3.84
C MET B 501 24.36 -1.97 4.42
N LYS B 502 24.96 -0.80 4.31
CA LYS B 502 26.17 -0.52 5.07
C LYS B 502 25.76 -0.14 6.48
N THR B 503 26.69 0.38 7.27
CA THR B 503 26.39 0.76 8.65
C THR B 503 27.07 2.07 9.00
N SER B 504 26.97 2.47 10.27
CA SER B 504 27.54 3.75 10.66
C SER B 504 29.02 3.82 10.33
N SER B 505 29.81 2.94 10.96
CA SER B 505 31.26 2.87 10.74
C SER B 505 31.92 4.23 10.87
N VAL B 506 31.36 5.09 11.72
CA VAL B 506 31.84 6.45 11.92
C VAL B 506 31.96 7.18 10.59
N CYS B 524 43.63 9.90 1.49
CA CYS B 524 42.19 9.72 1.59
C CYS B 524 41.86 8.28 1.95
N LYS B 525 41.19 7.59 1.02
CA LYS B 525 40.91 6.17 1.14
C LYS B 525 40.00 5.69 2.28
N GLU B 526 38.87 6.39 2.40
CA GLU B 526 37.80 5.94 3.30
C GLU B 526 36.61 6.02 2.36
N VAL B 527 36.22 4.87 1.82
CA VAL B 527 35.23 4.81 0.75
C VAL B 527 34.62 3.42 0.72
N PHE B 528 33.31 3.32 0.78
CA PHE B 528 32.69 2.04 1.07
C PHE B 528 32.56 1.21 -0.20
N CYS B 529 33.67 0.62 -0.58
CA CYS B 529 33.78 -0.16 -1.82
C CYS B 529 32.88 -1.38 -1.79
N GLN B 530 31.78 -1.34 -2.53
CA GLN B 530 31.01 -2.55 -2.78
C GLN B 530 31.68 -3.26 -3.95
N VAL B 531 31.07 -4.33 -4.46
CA VAL B 531 31.67 -5.11 -5.54
C VAL B 531 30.62 -5.40 -6.60
N ILE B 532 30.99 -5.21 -7.86
CA ILE B 532 30.10 -5.44 -8.99
C ILE B 532 30.51 -6.77 -9.60
N LYS B 533 29.85 -7.84 -9.16
CA LYS B 533 30.13 -9.11 -9.80
C LYS B 533 29.44 -9.16 -11.15
N LEU B 534 29.88 -10.09 -11.97
CA LEU B 534 29.49 -10.21 -13.37
C LEU B 534 30.21 -11.46 -13.86
N ASP B 535 30.10 -11.83 -15.09
CA ASP B 535 30.74 -13.02 -15.51
C ASP B 535 32.18 -12.64 -15.19
N SER B 536 32.84 -13.54 -14.49
CA SER B 536 34.25 -13.39 -14.19
C SER B 536 34.31 -11.96 -13.75
N GLU B 537 35.11 -11.13 -14.47
CA GLU B 537 35.72 -9.87 -14.05
C GLU B 537 34.76 -8.95 -13.31
N GLU B 538 35.29 -8.22 -12.33
CA GLU B 538 34.49 -7.46 -11.39
C GLU B 538 35.05 -6.06 -11.23
N TYR B 539 34.15 -5.08 -11.23
CA TYR B 539 34.45 -3.68 -11.01
C TYR B 539 33.75 -3.07 -9.80
N HIS B 540 34.30 -2.12 -9.12
CA HIS B 540 33.82 -1.68 -7.82
C HIS B 540 32.74 -0.63 -7.79
N LEU B 541 32.50 -0.06 -6.62
CA LEU B 541 31.89 1.25 -6.42
C LEU B 541 32.85 2.02 -5.54
N LEU B 542 32.61 3.30 -5.33
CA LEU B 542 33.43 4.05 -4.39
C LEU B 542 32.32 5.05 -4.07
N TYR B 543 32.02 5.24 -2.79
CA TYR B 543 31.28 6.42 -2.34
C TYR B 543 31.64 6.76 -0.91
N GLN B 544 30.93 7.71 -0.31
CA GLN B 544 31.34 8.16 1.02
C GLN B 544 30.20 8.29 2.03
N LYS B 545 28.95 8.12 1.65
CA LYS B 545 27.84 8.35 2.55
C LYS B 545 26.85 7.19 2.48
N THR B 546 26.44 6.71 3.65
CA THR B 546 25.57 5.56 3.77
C THR B 546 24.19 5.98 4.25
N GLY B 547 23.33 5.00 4.43
CA GLY B 547 21.96 5.26 4.83
C GLY B 547 21.13 5.09 3.58
N GLU B 548 20.16 5.97 3.38
CA GLU B 548 19.31 5.86 2.20
C GLU B 548 19.25 7.18 1.43
N SER B 549 20.10 8.14 1.76
CA SER B 549 20.10 9.46 1.14
C SER B 549 20.86 9.40 -0.16
N SER B 550 21.10 10.54 -0.78
CA SER B 550 21.84 10.60 -2.03
C SER B 550 23.33 10.70 -1.75
N ARG B 551 24.12 10.24 -2.72
CA ARG B 551 25.56 10.36 -2.62
C ARG B 551 26.12 10.26 -4.03
N CYS B 552 27.35 10.69 -4.20
CA CYS B 552 27.99 10.67 -5.51
C CYS B 552 28.85 9.42 -5.61
N TYR B 553 28.41 8.48 -6.44
CA TYR B 553 29.06 7.18 -6.53
C TYR B 553 30.23 7.25 -7.49
N SER B 554 30.84 6.10 -7.77
CA SER B 554 31.88 6.03 -8.79
C SER B 554 31.86 4.63 -9.38
N ILE B 555 32.87 4.33 -10.19
CA ILE B 555 33.16 2.98 -10.67
C ILE B 555 34.67 2.90 -10.83
N GLN B 556 35.21 1.70 -10.68
CA GLN B 556 36.62 1.48 -10.97
C GLN B 556 36.79 0.14 -11.66
N GLY B 557 37.73 0.11 -12.60
CA GLY B 557 38.09 -1.11 -13.25
C GLY B 557 39.58 -1.32 -13.05
N PRO B 558 40.25 -1.89 -14.05
CA PRO B 558 41.70 -2.03 -13.99
C PRO B 558 42.48 -0.77 -14.34
N ASP B 559 41.83 0.38 -14.52
CA ASP B 559 42.52 1.54 -15.05
C ASP B 559 42.20 2.89 -14.41
N GLY B 560 41.34 2.97 -13.41
CA GLY B 560 40.80 4.27 -13.03
C GLY B 560 39.33 4.38 -13.35
N HIS B 561 38.96 5.07 -14.43
CA HIS B 561 37.63 4.91 -15.03
C HIS B 561 36.56 5.51 -14.11
N LEU B 562 36.79 6.75 -13.69
CA LEU B 562 35.94 7.41 -12.70
C LEU B 562 34.69 7.80 -13.50
N ILE B 563 33.70 6.91 -13.50
CA ILE B 563 32.41 7.18 -14.14
C ILE B 563 31.49 7.65 -13.01
N SER B 564 31.64 8.91 -12.63
CA SER B 564 30.89 9.43 -11.52
C SER B 564 29.43 9.65 -11.91
N PHE B 565 28.54 9.46 -10.95
CA PHE B 565 27.17 9.87 -11.19
C PHE B 565 26.53 10.06 -9.82
N TYR B 566 25.22 10.32 -9.80
CA TYR B 566 24.52 10.79 -8.61
C TYR B 566 23.20 10.04 -8.75
N ALA B 567 22.94 9.11 -7.85
CA ALA B 567 21.67 8.40 -7.86
C ALA B 567 21.23 8.09 -6.43
N ASP B 568 20.08 7.45 -6.32
CA ASP B 568 19.55 7.03 -5.04
C ASP B 568 19.22 5.54 -5.05
N PRO B 569 19.74 4.78 -4.10
CA PRO B 569 19.58 3.33 -4.17
C PRO B 569 18.15 2.86 -4.11
N LYS B 570 17.28 3.54 -3.35
CA LYS B 570 15.92 3.03 -3.17
C LYS B 570 15.15 2.96 -4.47
N ARG B 571 15.53 3.74 -5.47
CA ARG B 571 14.78 3.79 -6.72
C ARG B 571 15.11 2.63 -7.65
N PHE B 572 16.09 1.79 -7.31
CA PHE B 572 16.72 0.88 -8.26
C PHE B 572 16.52 -0.59 -7.96
N PHE B 573 15.31 -1.02 -7.61
CA PHE B 573 15.10 -2.42 -7.31
C PHE B 573 14.61 -3.23 -8.49
N LEU B 574 13.91 -2.61 -9.42
CA LEU B 574 13.29 -3.39 -10.50
C LEU B 574 14.28 -4.24 -11.28
N PRO B 575 15.41 -3.72 -11.74
CA PRO B 575 16.30 -4.59 -12.51
C PRO B 575 17.28 -5.37 -11.65
N ILE B 576 16.87 -5.97 -10.54
CA ILE B 576 17.88 -6.52 -9.66
C ILE B 576 18.26 -7.94 -10.02
N PHE B 577 17.38 -8.69 -10.67
CA PHE B 577 17.84 -9.91 -11.33
C PHE B 577 17.42 -10.02 -12.77
N SER B 578 16.56 -9.13 -13.24
CA SER B 578 15.60 -9.26 -14.33
C SER B 578 16.30 -8.89 -15.62
N ASP B 579 16.94 -9.86 -16.24
CA ASP B 579 17.58 -9.65 -17.53
C ASP B 579 16.96 -10.45 -18.65
N GLU B 580 16.16 -11.46 -18.34
CA GLU B 580 15.52 -12.28 -19.35
C GLU B 580 14.02 -12.07 -19.37
N VAL B 581 13.50 -11.22 -18.49
CA VAL B 581 12.11 -10.83 -18.52
C VAL B 581 11.91 -9.48 -19.20
N LEU B 582 12.79 -8.51 -18.97
CA LEU B 582 12.69 -7.27 -19.70
C LEU B 582 12.98 -7.47 -21.18
N TYR B 583 14.05 -8.20 -21.49
CA TYR B 583 14.41 -8.42 -22.87
C TYR B 583 13.43 -9.33 -23.59
N ASN B 584 12.51 -9.97 -22.89
CA ASN B 584 11.45 -10.68 -23.56
C ASN B 584 10.14 -9.92 -23.58
N MET B 585 9.94 -9.01 -22.63
CA MET B 585 8.80 -8.11 -22.73
C MET B 585 8.92 -7.23 -23.95
N ILE B 586 10.09 -6.63 -24.13
CA ILE B 586 10.33 -5.68 -25.21
C ILE B 586 10.59 -6.45 -26.51
N ASP B 587 10.49 -7.77 -26.43
CA ASP B 587 10.53 -8.60 -27.62
C ASP B 587 9.19 -9.23 -27.96
N ILE B 588 8.27 -9.33 -27.00
CA ILE B 588 6.91 -9.63 -27.34
C ILE B 588 6.27 -8.42 -28.00
N MET B 589 6.51 -7.23 -27.44
CA MET B 589 5.81 -6.03 -27.95
C MET B 589 6.00 -5.89 -29.45
N ILE B 590 7.22 -6.13 -29.93
CA ILE B 590 7.52 -5.90 -31.34
C ILE B 590 7.09 -7.11 -32.15
N SER B 591 6.34 -8.02 -31.55
CA SER B 591 5.66 -9.05 -32.31
C SER B 591 4.18 -8.73 -32.52
N TRP B 592 3.71 -7.60 -31.98
CA TRP B 592 2.37 -7.13 -32.28
C TRP B 592 2.34 -6.33 -33.58
N ILE B 593 3.48 -5.74 -33.95
CA ILE B 593 3.54 -4.68 -34.92
C ILE B 593 4.27 -5.18 -36.15
N ARG B 594 4.07 -6.44 -36.50
CA ARG B 594 4.45 -6.92 -37.83
C ARG B 594 3.28 -6.54 -38.73
N SER B 595 3.21 -5.23 -38.94
CA SER B 595 2.22 -4.54 -39.72
C SER B 595 2.88 -4.27 -40.97
N CYS B 596 2.19 -4.56 -42.01
CA CYS B 596 2.67 -4.38 -43.32
C CYS B 596 3.45 -3.17 -43.69
N PRO B 597 2.83 -2.04 -43.65
CA PRO B 597 3.29 -0.72 -44.04
C PRO B 597 4.59 -0.43 -43.37
N ASP B 598 4.88 -1.25 -42.36
CA ASP B 598 6.12 -1.06 -41.61
C ASP B 598 7.19 -2.07 -41.97
N LEU B 599 6.88 -3.05 -42.82
CA LEU B 599 7.85 -4.09 -43.14
C LEU B 599 9.12 -3.51 -43.77
N LYS B 600 9.05 -2.31 -44.32
CA LYS B 600 10.24 -1.64 -44.82
C LYS B 600 11.16 -1.36 -43.64
N ASP B 601 12.35 -0.83 -43.88
CA ASP B 601 13.31 -0.76 -42.79
C ASP B 601 12.74 0.39 -41.97
N CYS B 602 11.75 0.12 -41.16
CA CYS B 602 11.37 0.80 -39.95
C CYS B 602 11.22 -0.10 -38.74
N LEU B 603 11.11 -1.42 -38.92
CA LEU B 603 10.96 -2.31 -37.78
C LEU B 603 12.20 -2.31 -36.91
N THR B 604 13.38 -2.42 -37.53
CA THR B 604 14.61 -2.36 -36.75
C THR B 604 14.76 -1.01 -36.09
N ASP B 605 14.35 0.06 -36.77
CA ASP B 605 14.44 1.39 -36.19
C ASP B 605 13.55 1.51 -34.96
N ILE B 606 12.33 0.96 -35.04
CA ILE B 606 11.42 0.96 -33.90
C ILE B 606 11.99 0.13 -32.77
N GLU B 607 12.57 -1.04 -33.08
CA GLU B 607 13.13 -1.89 -32.04
C GLU B 607 14.28 -1.19 -31.32
N VAL B 608 15.17 -0.55 -32.06
CA VAL B 608 16.27 0.17 -31.43
C VAL B 608 15.73 1.31 -30.59
N ALA B 609 14.73 2.03 -31.10
CA ALA B 609 14.18 3.15 -30.34
C ALA B 609 13.54 2.68 -29.04
N LEU B 610 12.76 1.60 -29.10
CA LEU B 610 12.09 1.12 -27.89
C LEU B 610 13.09 0.58 -26.87
N ARG B 611 14.10 -0.15 -27.32
CA ARG B 611 15.14 -0.60 -26.40
C ARG B 611 15.85 0.58 -25.76
N THR B 612 16.26 1.57 -26.57
CA THR B 612 16.95 2.73 -26.03
C THR B 612 16.03 3.59 -25.19
N LEU B 613 14.72 3.34 -25.22
CA LEU B 613 13.82 4.04 -24.32
C LEU B 613 13.74 3.33 -22.98
N LEU B 614 13.59 1.99 -23.00
CA LEU B 614 13.55 1.27 -21.74
C LEU B 614 14.85 1.45 -20.98
N LEU B 615 15.98 1.47 -21.68
CA LEU B 615 17.25 1.71 -21.02
C LEU B 615 17.23 3.06 -20.32
N LEU B 616 16.74 4.10 -21.00
CA LEU B 616 16.73 5.43 -20.40
C LEU B 616 15.83 5.48 -19.18
N MET B 617 14.66 4.87 -19.27
CA MET B 617 13.74 4.93 -18.13
C MET B 617 14.30 4.20 -16.92
N LEU B 618 14.85 2.99 -17.12
CA LEU B 618 15.41 2.26 -15.98
C LEU B 618 16.65 2.94 -15.43
N THR B 619 17.48 3.50 -16.30
CA THR B 619 18.77 4.04 -15.88
C THR B 619 18.63 5.41 -15.25
N ASN B 620 17.63 6.17 -15.64
CA ASN B 620 17.43 7.55 -15.19
C ASN B 620 16.00 7.72 -14.70
N PRO B 621 15.64 7.06 -13.60
CA PRO B 621 14.26 7.10 -13.14
C PRO B 621 14.01 8.37 -12.35
N THR B 622 12.93 9.06 -12.68
CA THR B 622 12.58 10.28 -11.97
C THR B 622 11.15 10.64 -12.32
N LYS B 623 10.56 11.54 -11.52
CA LYS B 623 9.12 11.77 -11.59
C LYS B 623 8.70 12.27 -12.97
N ARG B 624 9.48 13.17 -13.57
CA ARG B 624 9.13 13.71 -14.87
C ARG B 624 9.06 12.61 -15.92
N ASN B 625 10.03 11.70 -15.91
CA ASN B 625 10.03 10.59 -16.85
C ASN B 625 8.85 9.67 -16.64
N GLN B 626 8.19 9.75 -15.50
CA GLN B 626 6.99 8.97 -15.31
C GLN B 626 5.77 9.69 -15.83
N LYS B 627 5.59 10.95 -15.42
CA LYS B 627 4.42 11.70 -15.86
C LYS B 627 4.40 11.84 -17.38
N GLN B 628 5.57 12.05 -17.98
CA GLN B 628 5.69 12.17 -19.43
C GLN B 628 5.17 10.93 -20.14
N VAL B 629 5.81 9.78 -19.91
CA VAL B 629 5.41 8.57 -20.60
C VAL B 629 4.02 8.15 -20.18
N GLN B 630 3.50 8.67 -19.07
CA GLN B 630 2.12 8.38 -18.71
C GLN B 630 1.15 9.18 -19.57
N SER B 631 1.52 10.42 -19.90
CA SER B 631 0.62 11.27 -20.66
C SER B 631 0.40 10.78 -22.08
N VAL B 632 1.26 9.91 -22.59
CA VAL B 632 1.18 9.49 -23.98
C VAL B 632 0.03 8.51 -24.18
N ARG B 633 -0.77 8.30 -23.14
CA ARG B 633 -2.00 7.54 -23.32
C ARG B 633 -3.12 8.42 -23.86
N TYR B 634 -3.23 9.65 -23.35
CA TYR B 634 -4.29 10.54 -23.81
C TYR B 634 -4.10 10.92 -25.26
N LEU B 635 -2.86 11.17 -25.68
CA LEU B 635 -2.62 11.55 -27.06
C LEU B 635 -2.99 10.41 -28.02
N VAL B 636 -2.62 9.17 -27.69
CA VAL B 636 -2.96 8.08 -28.59
C VAL B 636 -4.45 7.80 -28.58
N MET B 637 -5.08 7.89 -27.41
CA MET B 637 -6.51 7.67 -27.38
C MET B 637 -7.26 8.79 -28.07
N ALA B 638 -6.61 9.94 -28.27
CA ALA B 638 -7.19 11.01 -29.07
C ALA B 638 -6.95 10.82 -30.56
N ILE B 639 -5.78 10.28 -30.94
CA ILE B 639 -5.51 10.01 -32.34
C ILE B 639 -6.41 8.91 -32.88
N VAL B 640 -6.76 7.93 -32.05
CA VAL B 640 -7.73 6.92 -32.49
C VAL B 640 -9.18 7.38 -32.29
N SER B 641 -9.40 8.43 -31.51
CA SER B 641 -10.74 8.89 -31.17
C SER B 641 -11.30 9.81 -32.24
N ASP B 642 -12.44 10.45 -31.96
CA ASP B 642 -13.18 11.21 -32.95
C ASP B 642 -13.54 12.63 -32.52
N PHE B 643 -13.40 12.98 -31.25
CA PHE B 643 -13.47 14.35 -30.78
C PHE B 643 -12.50 14.48 -29.62
N SER B 644 -12.17 15.70 -29.25
CA SER B 644 -11.14 15.87 -28.25
C SER B 644 -11.11 17.32 -27.80
N SER B 645 -10.86 17.53 -26.53
CA SER B 645 -10.88 18.88 -26.01
C SER B 645 -9.85 19.74 -26.71
N THR B 646 -10.19 21.01 -26.90
CA THR B 646 -9.29 21.92 -27.60
C THR B 646 -8.04 22.21 -26.76
N SER B 647 -8.17 22.20 -25.44
CA SER B 647 -7.05 22.53 -24.56
C SER B 647 -6.21 21.32 -24.19
N LEU B 648 -6.13 20.33 -25.07
CA LEU B 648 -5.41 19.11 -24.73
C LEU B 648 -3.93 19.38 -24.56
N MET B 649 -3.30 20.01 -25.55
CA MET B 649 -1.84 20.08 -25.57
C MET B 649 -1.26 20.96 -24.48
N ASP B 650 -2.08 21.52 -23.61
CA ASP B 650 -1.56 22.10 -22.38
C ASP B 650 -1.65 21.11 -21.23
N LYS B 651 -2.22 19.94 -21.45
CA LYS B 651 -2.25 18.86 -20.47
C LYS B 651 -1.21 17.80 -20.74
N LEU B 652 -0.31 18.03 -21.70
CA LEU B 652 0.81 17.14 -21.97
C LEU B 652 2.16 17.75 -21.69
N ARG B 653 2.26 19.07 -21.65
CA ARG B 653 3.55 19.74 -21.62
C ARG B 653 4.06 19.82 -20.17
N GLU B 654 5.18 19.17 -19.90
CA GLU B 654 5.90 19.38 -18.67
C GLU B 654 7.02 20.37 -18.92
N ASP B 655 7.85 20.60 -17.91
CA ASP B 655 9.12 21.29 -18.10
C ASP B 655 10.23 20.25 -18.04
N LEU B 656 11.18 20.34 -18.95
CA LEU B 656 12.19 19.31 -19.13
C LEU B 656 13.57 19.86 -18.85
N ILE B 657 14.33 19.16 -18.02
CA ILE B 657 15.73 19.41 -17.76
C ILE B 657 16.46 18.08 -17.86
N THR B 658 17.78 18.08 -17.58
CA THR B 658 18.53 16.81 -17.55
C THR B 658 18.53 15.94 -18.80
N PRO B 659 19.32 16.29 -19.82
CA PRO B 659 19.11 15.87 -21.21
C PRO B 659 18.54 14.47 -21.45
N ALA B 660 18.66 13.58 -20.47
CA ALA B 660 17.91 12.32 -20.59
C ALA B 660 16.43 12.60 -20.71
N GLU B 661 15.92 13.54 -19.90
CA GLU B 661 14.50 13.83 -19.91
C GLU B 661 14.06 14.57 -21.15
N LYS B 662 14.99 15.00 -22.01
CA LYS B 662 14.64 15.51 -23.33
C LYS B 662 14.74 14.44 -24.41
N VAL B 663 15.78 13.62 -24.37
CA VAL B 663 15.87 12.55 -25.35
C VAL B 663 14.72 11.57 -25.18
N VAL B 664 14.15 11.47 -23.98
CA VAL B 664 12.93 10.67 -23.87
C VAL B 664 11.83 11.26 -24.73
N TYR B 665 11.68 12.58 -24.72
CA TYR B 665 10.66 13.20 -25.55
C TYR B 665 10.96 12.96 -27.03
N LYS B 666 12.22 13.11 -27.43
CA LYS B 666 12.53 12.93 -28.85
C LYS B 666 12.22 11.52 -29.29
N LEU B 667 12.53 10.54 -28.46
CA LEU B 667 12.19 9.16 -28.78
C LEU B 667 10.69 8.98 -28.89
N LEU B 668 9.93 9.60 -27.99
CA LEU B 668 8.48 9.45 -28.05
C LEU B 668 7.92 10.03 -29.33
N ARG B 669 8.38 11.22 -29.73
CA ARG B 669 7.87 11.85 -30.94
C ARG B 669 8.27 11.05 -32.17
N PHE B 670 9.50 10.53 -32.19
CA PHE B 670 9.93 9.71 -33.32
C PHE B 670 9.08 8.46 -33.42
N LEU B 671 8.81 7.83 -32.29
CA LEU B 671 8.01 6.62 -32.28
C LEU B 671 6.60 6.90 -32.78
N ILE B 672 6.02 8.03 -32.37
CA ILE B 672 4.65 8.36 -32.79
C ILE B 672 4.60 8.71 -34.27
N LYS B 673 5.57 9.47 -34.77
CA LYS B 673 5.61 9.74 -36.20
C LYS B 673 5.76 8.47 -37.00
N THR B 674 6.57 7.53 -36.51
CA THR B 674 6.81 6.30 -37.27
C THR B 674 5.57 5.42 -37.30
N ILE B 675 4.94 5.19 -36.14
CA ILE B 675 3.82 4.26 -36.12
C ILE B 675 2.58 4.91 -36.69
N PHE B 676 2.23 6.11 -36.21
CA PHE B 676 1.01 6.79 -36.62
C PHE B 676 1.22 7.67 -37.84
N GLY B 677 2.19 7.35 -38.68
CA GLY B 677 2.51 8.19 -39.82
C GLY B 677 1.61 7.91 -41.00
N THR B 678 2.21 7.67 -42.16
CA THR B 678 1.42 7.54 -43.37
C THR B 678 0.78 6.16 -43.46
N GLY B 679 -0.15 6.04 -44.41
CA GLY B 679 -0.80 4.76 -44.69
C GLY B 679 -1.61 4.21 -43.55
N GLU B 680 -2.00 5.06 -42.60
CA GLU B 680 -2.60 4.57 -41.37
C GLU B 680 -3.98 3.98 -41.64
N LYS B 681 -4.61 3.52 -40.56
CA LYS B 681 -5.92 2.87 -40.63
C LYS B 681 -5.89 1.65 -41.54
N VAL B 682 -4.84 0.85 -41.43
CA VAL B 682 -4.81 -0.42 -42.16
C VAL B 682 -4.65 -1.55 -41.16
N LEU B 683 -4.00 -1.28 -40.03
CA LEU B 683 -3.95 -2.23 -38.93
C LEU B 683 -4.29 -1.65 -37.56
N LEU B 684 -4.97 -0.51 -37.55
CA LEU B 684 -4.90 0.49 -36.48
C LEU B 684 -5.09 -0.13 -35.11
N SER B 685 -5.79 -1.26 -35.03
CA SER B 685 -5.96 -1.90 -33.72
C SER B 685 -4.62 -2.29 -33.12
N ALA B 686 -3.74 -2.88 -33.93
CA ALA B 686 -2.45 -3.35 -33.43
C ALA B 686 -1.55 -2.20 -33.02
N LYS B 687 -1.51 -1.13 -33.81
CA LYS B 687 -0.72 0.03 -33.42
C LYS B 687 -1.27 0.66 -32.14
N PHE B 688 -2.60 0.71 -32.00
CA PHE B 688 -3.19 1.21 -30.78
C PHE B 688 -2.77 0.37 -29.58
N LYS B 689 -2.81 -0.95 -29.72
CA LYS B 689 -2.43 -1.81 -28.62
C LYS B 689 -0.97 -1.60 -28.25
N PHE B 690 -0.09 -1.65 -29.25
CA PHE B 690 1.33 -1.34 -29.07
C PHE B 690 1.50 -0.06 -28.26
N MET B 691 0.83 1.01 -28.68
CA MET B 691 1.14 2.31 -28.10
C MET B 691 0.50 2.51 -26.73
N LEU B 692 -0.67 1.96 -26.47
CA LEU B 692 -1.19 2.04 -25.11
C LEU B 692 -0.27 1.29 -24.15
N ASN B 693 0.28 0.15 -24.59
CA ASN B 693 1.22 -0.57 -23.74
C ASN B 693 2.48 0.25 -23.51
N VAL B 694 3.02 0.87 -24.56
CA VAL B 694 4.18 1.73 -24.35
C VAL B 694 3.82 2.90 -23.44
N SER B 695 2.56 3.29 -23.39
CA SER B 695 2.16 4.34 -22.45
C SER B 695 2.23 3.84 -21.02
N TYR B 696 1.64 2.67 -20.76
CA TYR B 696 1.79 2.02 -19.45
C TYR B 696 3.20 1.59 -19.11
N LEU B 697 4.14 1.69 -20.03
CA LEU B 697 5.52 1.37 -19.68
C LEU B 697 6.03 2.25 -18.56
N CYS B 698 5.21 3.17 -18.06
CA CYS B 698 5.66 4.08 -17.02
C CYS B 698 5.58 3.49 -15.63
N HIS B 699 5.13 2.25 -15.48
CA HIS B 699 5.15 1.65 -14.15
C HIS B 699 6.52 1.11 -13.77
N LEU B 700 7.43 0.96 -14.73
CA LEU B 700 8.77 0.50 -14.40
C LEU B 700 9.50 1.45 -13.49
N ILE B 701 9.07 2.69 -13.41
CA ILE B 701 9.59 3.59 -12.40
C ILE B 701 8.84 3.30 -11.10
N THR B 702 9.52 3.43 -9.98
CA THR B 702 8.89 3.16 -8.70
C THR B 702 8.10 4.34 -8.19
N LYS B 703 7.04 4.06 -7.43
CA LYS B 703 6.18 5.08 -6.87
C LYS B 703 6.54 5.28 -5.40
N GLU B 704 7.58 6.05 -5.15
CA GLU B 704 8.14 6.14 -3.80
C GLU B 704 8.46 7.54 -3.30
N THR B 705 7.73 8.53 -3.84
CA THR B 705 7.83 9.95 -3.50
C THR B 705 9.20 10.57 -3.19
N PRO B 706 9.90 11.03 -4.26
CA PRO B 706 11.22 11.67 -4.31
C PRO B 706 11.64 12.38 -3.02
N ASP B 707 10.83 13.31 -2.52
CA ASP B 707 11.18 14.00 -1.29
C ASP B 707 9.95 14.05 -0.40
N ARG B 708 10.19 14.22 0.90
CA ARG B 708 9.07 14.28 1.83
C ARG B 708 8.44 15.67 1.87
N LEU B 709 9.21 16.66 2.31
CA LEU B 709 8.65 17.98 2.53
C LEU B 709 8.22 18.63 1.23
N THR B 710 9.01 18.47 0.17
CA THR B 710 8.63 19.03 -1.12
C THR B 710 7.51 18.25 -1.78
N ASP B 711 6.96 17.23 -1.12
CA ASP B 711 5.74 16.58 -1.56
C ASP B 711 4.62 16.70 -0.55
N GLN B 712 4.88 17.33 0.59
CA GLN B 712 3.81 17.80 1.47
C GLN B 712 3.37 19.21 1.11
N ILE B 713 4.32 20.08 0.76
CA ILE B 713 3.96 21.42 0.31
C ILE B 713 3.05 21.34 -0.89
N LYS B 714 3.33 20.43 -1.81
CA LYS B 714 2.51 20.32 -3.02
C LYS B 714 1.09 19.89 -2.70
N CYS B 715 0.92 18.93 -1.77
CA CYS B 715 -0.44 18.50 -1.45
C CYS B 715 -1.20 19.62 -0.75
N PHE B 716 -0.55 20.35 0.14
CA PHE B 716 -1.23 21.48 0.76
C PHE B 716 -1.62 22.52 -0.27
N GLU B 717 -0.77 22.75 -1.26
CA GLU B 717 -1.09 23.70 -2.31
C GLU B 717 -2.32 23.25 -3.10
N LYS B 718 -2.36 21.98 -3.47
CA LYS B 718 -3.49 21.47 -4.23
C LYS B 718 -4.77 21.52 -3.41
N PHE B 719 -4.66 21.43 -2.09
CA PHE B 719 -5.81 21.73 -1.23
C PHE B 719 -6.20 23.20 -1.27
N PHE B 720 -5.25 24.09 -1.08
CA PHE B 720 -5.53 25.46 -0.69
C PHE B 720 -5.65 26.40 -1.87
N GLU B 721 -5.55 25.93 -3.10
CA GLU B 721 -5.70 26.88 -4.20
C GLU B 721 -7.14 27.37 -4.37
N PRO B 722 -8.16 26.51 -4.51
CA PRO B 722 -9.53 27.05 -4.68
C PRO B 722 -10.03 27.88 -3.50
N LYS B 723 -9.68 27.50 -2.27
CA LYS B 723 -10.07 28.31 -1.13
C LYS B 723 -9.53 29.73 -1.24
N SER B 724 -8.41 29.92 -1.94
CA SER B 724 -7.90 31.27 -2.13
C SER B 724 -8.88 32.10 -2.93
N GLN B 725 -9.54 31.49 -3.90
CA GLN B 725 -10.47 32.19 -4.76
C GLN B 725 -11.92 32.11 -4.28
N PHE B 726 -12.19 31.44 -3.17
CA PHE B 726 -13.55 31.44 -2.65
C PHE B 726 -13.68 32.07 -1.26
N GLY B 727 -12.92 31.60 -0.27
CA GLY B 727 -12.99 32.17 1.07
C GLY B 727 -12.45 31.10 1.98
N PHE B 728 -11.87 31.47 3.12
CA PHE B 728 -11.32 30.39 3.93
C PHE B 728 -11.47 30.58 5.44
N PHE B 729 -11.26 31.78 5.96
CA PHE B 729 -11.41 32.05 7.40
C PHE B 729 -10.52 31.27 8.36
N VAL B 730 -9.20 31.48 8.20
CA VAL B 730 -8.20 30.81 9.01
C VAL B 730 -8.60 30.66 10.47
N ASN B 731 -8.32 29.48 11.03
CA ASN B 731 -8.41 29.09 12.44
C ASN B 731 -9.66 29.39 13.24
N PRO B 732 -10.81 28.85 12.84
CA PRO B 732 -12.06 29.18 13.52
C PRO B 732 -11.97 28.86 15.00
N LYS B 733 -13.01 29.22 15.73
CA LYS B 733 -13.10 28.98 17.16
C LYS B 733 -14.06 27.83 17.45
N GLU B 734 -14.01 27.37 18.71
CA GLU B 734 -14.86 26.25 19.11
C GLU B 734 -16.32 26.64 19.13
N ALA B 735 -16.62 27.89 19.39
CA ALA B 735 -17.97 28.44 19.28
C ALA B 735 -17.97 29.46 18.15
N ILE B 736 -18.86 29.26 17.17
CA ILE B 736 -18.80 30.02 15.92
C ILE B 736 -19.02 31.49 16.22
N THR B 737 -17.97 32.29 16.03
CA THR B 737 -18.04 33.72 16.30
C THR B 737 -18.86 34.42 15.22
N PRO B 738 -19.29 35.66 15.45
CA PRO B 738 -20.05 36.37 14.42
C PRO B 738 -19.34 36.50 13.09
N GLU B 739 -18.01 36.61 13.09
CA GLU B 739 -17.30 36.69 11.82
C GLU B 739 -17.49 35.42 10.99
N GLU B 740 -17.45 34.26 11.63
CA GLU B 740 -17.69 33.02 10.90
C GLU B 740 -19.10 33.00 10.33
N GLU B 741 -20.07 33.48 11.09
CA GLU B 741 -21.42 33.54 10.57
C GLU B 741 -21.52 34.48 9.37
N CYS B 742 -20.83 35.62 9.42
CA CYS B 742 -20.84 36.54 8.30
C CYS B 742 -20.18 35.93 7.06
N VAL B 743 -19.05 35.25 7.25
CA VAL B 743 -18.35 34.67 6.11
C VAL B 743 -19.16 33.53 5.51
N PHE B 744 -19.84 32.74 6.35
CA PHE B 744 -20.69 31.70 5.79
C PHE B 744 -21.92 32.28 5.13
N TYR B 745 -22.43 33.41 5.65
CA TYR B 745 -23.47 34.16 4.96
C TYR B 745 -23.03 34.47 3.54
N GLU B 746 -21.84 35.06 3.42
CA GLU B 746 -21.37 35.50 2.11
C GLU B 746 -21.13 34.31 1.18
N GLN B 747 -20.54 33.24 1.70
CA GLN B 747 -20.23 32.11 0.84
C GLN B 747 -21.48 31.37 0.39
N MET B 748 -22.44 31.16 1.29
CA MET B 748 -23.67 30.53 0.86
C MET B 748 -24.43 31.43 -0.10
N LYS B 749 -24.23 32.75 -0.02
CA LYS B 749 -24.90 33.62 -0.98
C LYS B 749 -24.24 33.57 -2.35
N ARG B 750 -22.92 33.51 -2.40
CA ARG B 750 -22.23 33.40 -3.69
C ARG B 750 -22.42 32.04 -4.33
N PHE B 751 -22.52 31.00 -3.51
CA PHE B 751 -22.58 29.64 -4.02
C PHE B 751 -23.82 29.42 -4.87
N THR B 752 -24.94 30.01 -4.49
CA THR B 752 -26.20 29.80 -5.20
C THR B 752 -26.56 30.97 -6.11
N SER B 753 -25.58 31.76 -6.53
CA SER B 753 -25.81 32.86 -7.47
C SER B 753 -24.77 32.74 -8.56
N LYS B 754 -25.09 31.96 -9.59
CA LYS B 754 -24.21 31.78 -10.74
C LYS B 754 -25.06 31.94 -11.99
N GLU B 755 -24.86 33.03 -12.71
CA GLU B 755 -25.74 33.37 -13.81
C GLU B 755 -25.58 32.37 -14.95
N ILE B 756 -26.44 32.50 -15.95
CA ILE B 756 -26.57 31.49 -16.99
C ILE B 756 -25.42 31.52 -17.97
N ASP B 757 -24.44 32.39 -17.75
CA ASP B 757 -23.17 32.39 -18.49
C ASP B 757 -22.05 32.41 -17.47
N CYS B 758 -21.67 31.24 -16.98
CA CYS B 758 -20.74 31.22 -15.86
C CYS B 758 -19.30 31.30 -16.34
N GLN B 759 -18.39 31.61 -15.40
CA GLN B 759 -16.97 31.74 -15.72
C GLN B 759 -16.33 30.39 -15.98
N HIS B 760 -17.12 29.33 -15.98
CA HIS B 760 -16.87 28.00 -16.53
C HIS B 760 -15.91 27.17 -15.69
N THR B 761 -15.21 27.73 -14.68
CA THR B 761 -14.54 26.85 -13.72
C THR B 761 -14.70 27.17 -12.24
N THR B 762 -15.65 27.99 -11.89
CA THR B 762 -15.67 28.42 -10.51
C THR B 762 -16.77 27.69 -9.76
N PRO B 763 -16.57 27.39 -8.47
CA PRO B 763 -17.62 26.68 -7.74
C PRO B 763 -18.90 27.50 -7.69
N GLY B 764 -20.02 26.82 -7.88
CA GLY B 764 -21.30 27.49 -7.81
C GLY B 764 -22.30 26.49 -8.36
N VAL B 765 -23.56 26.64 -7.97
CA VAL B 765 -24.70 25.96 -8.57
C VAL B 765 -25.80 26.97 -8.82
N ASN B 766 -26.38 26.93 -10.01
CA ASN B 766 -27.31 27.96 -10.43
C ASN B 766 -28.73 27.57 -10.03
N LEU B 767 -29.43 28.48 -9.35
CA LEU B 767 -30.74 28.21 -8.78
C LEU B 767 -31.86 28.27 -9.80
N GLU B 768 -31.55 28.17 -11.09
CA GLU B 768 -32.58 28.06 -12.12
C GLU B 768 -32.56 26.73 -12.86
N ALA B 769 -31.40 26.09 -13.01
CA ALA B 769 -31.38 24.70 -13.46
C ALA B 769 -31.47 23.74 -12.28
N PHE B 770 -30.93 24.12 -11.13
CA PHE B 770 -31.04 23.31 -9.94
C PHE B 770 -32.50 23.09 -9.57
N SER B 771 -33.30 24.15 -9.64
CA SER B 771 -34.73 24.00 -9.42
C SER B 771 -35.31 22.97 -10.34
N LEU B 772 -34.90 22.96 -11.61
CA LEU B 772 -35.42 22.00 -12.56
C LEU B 772 -35.05 20.58 -12.17
N MET B 773 -33.80 20.36 -11.77
CA MET B 773 -33.41 19.02 -11.35
C MET B 773 -34.24 18.53 -10.18
N VAL B 774 -34.29 19.31 -9.10
CA VAL B 774 -34.99 18.86 -7.91
C VAL B 774 -36.46 18.67 -8.19
N SER B 775 -37.10 19.62 -8.88
CA SER B 775 -38.52 19.51 -9.16
C SER B 775 -38.84 18.41 -10.15
N SER B 776 -37.87 17.98 -10.95
CA SER B 776 -38.11 16.82 -11.79
C SER B 776 -37.87 15.52 -11.06
N PHE B 777 -37.23 15.56 -9.90
CA PHE B 777 -37.16 14.33 -9.12
C PHE B 777 -38.32 14.18 -8.14
N ASN B 778 -38.74 15.27 -7.48
CA ASN B 778 -39.91 15.20 -6.61
C ASN B 778 -41.12 14.72 -7.39
N ASN B 779 -41.42 15.39 -8.50
CA ASN B 779 -42.36 14.84 -9.47
C ASN B 779 -41.87 13.47 -9.92
N GLY B 780 -42.82 12.62 -10.32
CA GLY B 780 -42.45 11.26 -10.68
C GLY B 780 -42.14 11.03 -12.14
N THR B 781 -41.15 11.75 -12.68
CA THR B 781 -40.83 11.67 -14.09
C THR B 781 -39.42 11.20 -14.37
N LEU B 782 -38.61 10.98 -13.35
CA LEU B 782 -37.20 10.72 -13.57
C LEU B 782 -36.68 9.47 -12.86
N ILE B 783 -37.58 8.54 -12.58
CA ILE B 783 -37.24 7.33 -11.84
C ILE B 783 -37.74 6.12 -12.63
N PHE B 784 -37.03 5.01 -12.49
CA PHE B 784 -37.37 3.76 -13.15
C PHE B 784 -37.30 3.91 -14.67
N TYR B 857 27.84 27.51 9.23
CA TYR B 857 27.58 28.66 10.10
C TYR B 857 26.24 29.31 9.76
N GLU B 858 25.97 29.46 8.46
CA GLU B 858 24.70 30.06 8.03
C GLU B 858 23.52 29.19 8.42
N TYR B 859 23.70 27.86 8.46
CA TYR B 859 22.61 26.96 8.79
C TYR B 859 22.05 27.26 10.19
N LYS B 860 22.93 27.33 11.19
CA LYS B 860 22.48 27.49 12.56
C LYS B 860 21.73 28.80 12.76
N VAL B 861 22.31 29.90 12.28
CA VAL B 861 21.70 31.21 12.49
C VAL B 861 20.41 31.33 11.68
N SER B 862 20.44 30.90 10.42
CA SER B 862 19.27 31.00 9.57
C SER B 862 18.18 30.01 9.94
N LYS B 863 18.46 29.06 10.82
CA LYS B 863 17.42 28.22 11.40
C LYS B 863 16.92 28.76 12.73
N LEU B 864 17.80 29.32 13.56
CA LEU B 864 17.33 29.87 14.84
C LEU B 864 16.51 31.14 14.63
N VAL B 865 16.85 31.95 13.63
CA VAL B 865 16.01 33.10 13.34
C VAL B 865 14.69 32.66 12.73
N SER B 866 14.63 31.45 12.16
CA SER B 866 13.38 30.86 11.71
C SER B 866 12.75 29.96 12.75
N ARG B 867 13.30 29.94 13.96
CA ARG B 867 12.68 29.27 15.09
C ARG B 867 11.70 30.19 15.83
N LEU B 868 11.17 31.19 15.13
CA LEU B 868 10.22 32.13 15.72
C LEU B 868 8.79 31.58 15.76
N VAL B 869 8.53 30.44 15.13
CA VAL B 869 7.18 29.88 15.16
C VAL B 869 6.73 29.65 16.60
N ILE B 870 7.66 29.32 17.48
CA ILE B 870 7.33 29.16 18.89
C ILE B 870 6.77 30.46 19.45
N GLY B 871 7.17 31.59 18.90
CA GLY B 871 6.60 32.86 19.26
C GLY B 871 5.33 33.22 18.53
N SER B 872 4.83 32.35 17.67
CA SER B 872 3.62 32.74 16.95
C SER B 872 2.50 31.71 17.00
N LYS B 873 2.80 30.41 16.95
CA LYS B 873 1.76 29.40 16.74
C LYS B 873 1.45 28.81 18.10
N GLY B 874 0.56 29.50 18.81
CA GLY B 874 -0.22 28.83 19.83
C GLY B 874 -1.43 28.10 19.27
N GLU B 875 -2.36 28.86 18.72
CA GLU B 875 -3.57 28.35 18.05
C GLU B 875 -4.02 27.02 18.66
N GLU B 876 -4.33 27.08 19.95
CA GLU B 876 -4.48 25.91 20.80
C GLU B 876 -5.31 24.82 20.12
N THR B 877 -4.69 23.66 19.93
CA THR B 877 -5.33 22.55 19.23
C THR B 877 -6.44 21.95 20.08
N MET B 1081 -18.06 20.48 42.79
CA MET B 1081 -16.90 20.07 42.00
C MET B 1081 -17.09 18.67 41.43
N SER B 1082 -16.56 18.46 40.23
CA SER B 1082 -16.67 17.15 39.59
C SER B 1082 -15.72 16.16 40.26
N ALA B 1083 -15.95 14.87 39.98
CA ALA B 1083 -15.11 13.81 40.54
C ALA B 1083 -13.80 13.80 39.78
N ALA B 1084 -12.85 14.63 40.25
CA ALA B 1084 -11.56 14.74 39.58
C ALA B 1084 -10.84 13.40 39.55
N LEU B 1085 -10.75 12.72 40.70
CA LEU B 1085 -10.08 11.43 40.75
C LEU B 1085 -10.85 10.39 39.95
N LYS B 1086 -12.17 10.34 40.12
CA LYS B 1086 -12.97 9.31 39.46
C LYS B 1086 -13.12 9.54 37.96
N ASN B 1087 -12.45 10.55 37.39
CA ASN B 1087 -12.51 10.75 35.95
C ASN B 1087 -11.95 9.54 35.21
N LEU B 1088 -10.81 9.01 35.67
CA LEU B 1088 -10.30 7.76 35.12
C LEU B 1088 -11.23 6.60 35.41
N CYS B 1089 -12.05 6.74 36.45
CA CYS B 1089 -12.98 5.71 36.88
C CYS B 1089 -14.24 5.71 36.03
N PHE B 1090 -15.30 5.11 36.57
CA PHE B 1090 -16.63 4.95 35.98
C PHE B 1090 -17.05 6.11 35.09
N TYR B 1091 -16.82 7.35 35.53
CA TYR B 1091 -17.34 8.53 34.87
C TYR B 1091 -16.46 8.91 33.68
N SER B 1092 -17.00 8.82 32.47
CA SER B 1092 -16.30 9.16 31.25
C SER B 1092 -16.47 10.64 30.95
N GLU B 1093 -15.37 11.38 30.91
CA GLU B 1093 -15.46 12.84 30.92
C GLU B 1093 -16.10 13.37 29.64
N GLU B 1094 -15.62 12.94 28.49
CA GLU B 1094 -16.13 13.44 27.22
C GLU B 1094 -17.14 12.46 26.64
N SER B 1095 -18.24 13.00 26.14
CA SER B 1095 -19.27 12.20 25.48
C SER B 1095 -20.29 13.14 24.89
N PRO B 1096 -21.01 12.70 23.86
CA PRO B 1096 -22.04 13.55 23.27
C PRO B 1096 -23.12 13.92 24.29
N THR B 1097 -23.58 15.16 24.17
CA THR B 1097 -24.66 15.74 24.97
C THR B 1097 -25.47 16.58 24.01
N SER B 1098 -26.20 17.56 24.53
CA SER B 1098 -26.81 18.58 23.69
C SER B 1098 -25.88 19.00 22.56
N TYR B 1099 -26.35 18.89 21.34
CA TYR B 1099 -25.55 19.15 20.15
C TYR B 1099 -26.15 20.32 19.39
N THR B 1100 -25.33 21.33 19.13
CA THR B 1100 -25.76 22.52 18.41
C THR B 1100 -25.76 22.20 16.92
N SER B 1101 -26.01 23.19 16.08
CA SER B 1101 -25.91 22.92 14.66
C SER B 1101 -24.48 22.88 14.17
N VAL B 1102 -23.54 23.43 14.96
CA VAL B 1102 -22.13 23.45 14.59
C VAL B 1102 -21.46 22.13 14.95
N GLY B 1103 -21.54 21.73 16.20
CA GLY B 1103 -20.82 20.57 16.68
C GLY B 1103 -21.51 19.80 17.79
N PRO B 1104 -21.12 18.56 17.96
CA PRO B 1104 -21.83 17.67 18.87
C PRO B 1104 -21.48 17.87 20.33
N ASP B 1105 -20.88 19.01 20.67
CA ASP B 1105 -20.50 19.44 22.00
C ASP B 1105 -19.22 18.78 22.51
N SER B 1106 -18.66 17.80 21.81
CA SER B 1106 -17.33 17.35 22.19
C SER B 1106 -16.25 18.11 21.44
N GLY B 1107 -16.51 18.44 20.17
CA GLY B 1107 -15.59 19.20 19.35
C GLY B 1107 -16.29 19.82 18.15
N ARG B 1108 -15.61 19.88 17.00
CA ARG B 1108 -16.26 20.41 15.82
C ARG B 1108 -15.60 19.67 14.68
N LEU B 1109 -15.64 18.33 14.67
CA LEU B 1109 -15.25 17.50 13.53
C LEU B 1109 -13.87 17.91 13.00
N LYS B 1110 -12.86 17.84 13.86
CA LYS B 1110 -11.51 18.13 13.44
C LYS B 1110 -11.01 17.07 12.47
N PHE B 1111 -9.99 17.43 11.69
CA PHE B 1111 -9.43 16.55 10.67
C PHE B 1111 -7.93 16.79 10.60
N ALA B 1112 -7.29 16.19 9.60
CA ALA B 1112 -5.90 16.44 9.27
C ALA B 1112 -5.60 15.76 7.95
N LEU B 1113 -4.77 16.39 7.13
CA LEU B 1113 -4.55 15.95 5.77
C LEU B 1113 -3.11 15.47 5.58
N SER B 1114 -2.96 14.47 4.72
CA SER B 1114 -1.66 14.03 4.26
C SER B 1114 -1.84 13.40 2.90
N TYR B 1115 -0.73 13.23 2.19
CA TYR B 1115 -0.77 12.76 0.82
C TYR B 1115 -0.72 11.25 0.76
N LYS B 1116 -1.53 10.68 -0.11
CA LYS B 1116 -1.35 9.30 -0.50
C LYS B 1116 -0.24 9.26 -1.54
N GLU B 1117 0.12 8.05 -1.96
CA GLU B 1117 1.21 7.85 -2.92
C GLU B 1117 0.69 7.17 -4.16
N GLN B 1118 0.93 7.76 -5.32
CA GLN B 1118 0.43 7.23 -6.57
C GLN B 1118 1.47 7.43 -7.66
N VAL B 1119 1.16 6.98 -8.86
CA VAL B 1119 2.12 7.07 -9.96
C VAL B 1119 2.24 8.50 -10.47
N GLY B 1120 1.16 9.06 -10.99
CA GLY B 1120 1.24 10.39 -11.54
C GLY B 1120 1.34 11.54 -10.56
N GLY B 1121 0.32 11.72 -9.74
CA GLY B 1121 0.32 12.77 -8.74
C GLY B 1121 -0.23 12.28 -7.42
N ASN B 1122 0.30 12.86 -6.35
CA ASN B 1122 -0.05 12.41 -5.01
C ASN B 1122 -1.44 12.89 -4.65
N ARG B 1123 -2.36 11.94 -4.43
CA ARG B 1123 -3.74 12.24 -4.08
C ARG B 1123 -3.84 12.70 -2.63
N GLU B 1124 -4.83 13.53 -2.36
CA GLU B 1124 -5.10 14.02 -1.02
C GLU B 1124 -5.72 12.93 -0.16
N LEU B 1125 -5.51 13.04 1.15
CA LEU B 1125 -6.07 12.10 2.10
C LEU B 1125 -6.43 12.82 3.38
N TYR B 1126 -7.66 12.64 3.84
CA TYR B 1126 -8.15 13.23 5.08
C TYR B 1126 -8.31 12.12 6.11
N ILE B 1127 -7.66 12.28 7.26
CA ILE B 1127 -7.73 11.30 8.33
C ILE B 1127 -8.05 12.02 9.64
N GLY B 1128 -9.06 11.53 10.35
CA GLY B 1128 -9.49 12.14 11.58
C GLY B 1128 -9.59 11.13 12.70
N ASP B 1129 -9.66 11.65 13.93
CA ASP B 1129 -9.73 10.81 15.11
C ASP B 1129 -10.97 9.93 15.06
N LEU B 1130 -11.06 8.99 16.01
CA LEU B 1130 -11.96 7.86 15.81
C LEU B 1130 -13.42 8.27 15.98
N ARG B 1131 -13.72 9.22 16.87
CA ARG B 1131 -15.11 9.62 17.05
C ARG B 1131 -15.68 10.23 15.78
N THR B 1132 -14.94 11.14 15.15
CA THR B 1132 -15.40 11.75 13.91
C THR B 1132 -15.47 10.71 12.80
N LYS B 1133 -14.53 9.76 12.81
CA LYS B 1133 -14.59 8.64 11.88
C LYS B 1133 -15.79 7.76 12.13
N MET B 1134 -16.39 7.86 13.31
CA MET B 1134 -17.61 7.12 13.58
C MET B 1134 -18.84 7.88 13.13
N PHE B 1135 -18.86 9.19 13.36
CA PHE B 1135 -19.98 10.00 12.86
C PHE B 1135 -20.06 9.99 11.34
N THR B 1136 -18.92 10.14 10.65
CA THR B 1136 -18.94 10.15 9.19
C THR B 1136 -19.53 8.88 8.61
N ARG B 1137 -19.45 7.77 9.33
CA ARG B 1137 -19.95 6.52 8.80
C ARG B 1137 -21.46 6.55 8.64
N LEU B 1138 -22.17 7.28 9.50
CA LEU B 1138 -23.63 7.33 9.39
C LEU B 1138 -24.06 7.97 8.07
N ILE B 1139 -23.43 9.08 7.69
CA ILE B 1139 -23.76 9.71 6.41
C ILE B 1139 -23.31 8.82 5.26
N GLU B 1140 -22.06 8.33 5.32
CA GLU B 1140 -21.55 7.55 4.20
C GLU B 1140 -22.20 6.18 4.08
N ASP B 1141 -23.04 5.79 5.03
CA ASP B 1141 -23.83 4.57 4.94
C ASP B 1141 -25.28 4.85 4.57
N TYR B 1142 -25.88 5.90 5.15
CA TYR B 1142 -27.23 6.28 4.77
C TYR B 1142 -27.30 6.57 3.29
N PHE B 1143 -26.36 7.35 2.76
CA PHE B 1143 -26.39 7.67 1.34
C PHE B 1143 -26.13 6.43 0.50
N GLU B 1144 -25.26 5.53 0.98
CA GLU B 1144 -25.00 4.29 0.26
C GLU B 1144 -26.28 3.48 0.10
N SER B 1145 -27.00 3.26 1.19
CA SER B 1145 -28.24 2.51 1.09
C SER B 1145 -29.27 3.26 0.27
N PHE B 1146 -29.31 4.59 0.37
CA PHE B 1146 -30.30 5.37 -0.35
C PHE B 1146 -30.10 5.23 -1.86
N SER B 1147 -28.85 5.30 -2.31
CA SER B 1147 -28.56 5.11 -3.73
C SER B 1147 -28.59 3.65 -4.13
N SER B 1148 -28.64 2.72 -3.17
CA SER B 1148 -28.84 1.33 -3.55
C SER B 1148 -30.21 1.10 -4.19
N PHE B 1149 -31.16 2.01 -4.01
CA PHE B 1149 -32.45 1.86 -4.66
C PHE B 1149 -32.40 2.24 -6.14
N PHE B 1150 -31.56 3.20 -6.50
CA PHE B 1150 -31.37 3.62 -7.88
C PHE B 1150 -30.26 2.81 -8.52
N SER B 1151 -30.42 2.53 -9.81
CA SER B 1151 -29.65 1.45 -10.41
C SER B 1151 -28.59 1.84 -11.45
N GLY B 1152 -28.01 3.02 -11.32
CA GLY B 1152 -27.06 3.45 -12.32
C GLY B 1152 -25.63 3.49 -11.83
N SER B 1153 -25.42 3.75 -10.54
CA SER B 1153 -24.08 3.90 -10.02
C SER B 1153 -23.34 2.57 -9.99
N CYS B 1154 -22.02 2.65 -10.08
CA CYS B 1154 -21.19 1.47 -9.90
C CYS B 1154 -19.99 2.13 -9.23
N LEU B 1155 -19.88 1.94 -7.92
CA LEU B 1155 -18.70 2.24 -7.12
C LEU B 1155 -18.34 1.06 -6.25
N ASN B 1156 -19.30 0.56 -5.47
CA ASN B 1156 -19.15 -0.63 -4.67
C ASN B 1156 -20.21 -1.68 -4.94
N ASN B 1157 -21.22 -1.37 -5.76
CA ASN B 1157 -22.16 -2.36 -6.23
C ASN B 1157 -21.21 -3.01 -7.21
N ASP B 1158 -20.61 -4.14 -6.83
CA ASP B 1158 -19.78 -4.90 -7.75
C ASP B 1158 -20.62 -5.57 -8.83
N LYS B 1159 -21.77 -6.12 -8.46
CA LYS B 1159 -22.61 -6.77 -9.46
C LYS B 1159 -22.98 -5.82 -10.59
N GLU B 1160 -23.01 -4.53 -10.32
CA GLU B 1160 -23.31 -3.57 -11.37
C GLU B 1160 -22.15 -3.41 -12.34
N PHE B 1161 -20.92 -3.63 -11.88
CA PHE B 1161 -19.78 -3.45 -12.78
C PHE B 1161 -19.83 -4.46 -13.92
N GLU B 1162 -20.25 -5.68 -13.63
CA GLU B 1162 -20.34 -6.68 -14.69
C GLU B 1162 -21.35 -6.26 -15.75
N ASN B 1163 -22.46 -5.68 -15.33
CA ASN B 1163 -23.45 -5.22 -16.30
C ASN B 1163 -22.96 -4.00 -17.07
N ALA B 1164 -22.21 -3.12 -16.39
CA ALA B 1164 -21.60 -1.99 -17.09
C ALA B 1164 -20.68 -2.48 -18.19
N ILE B 1165 -19.86 -3.48 -17.87
CA ILE B 1165 -18.94 -4.03 -18.86
C ILE B 1165 -19.71 -4.66 -20.01
N LEU B 1166 -20.77 -5.41 -19.71
CA LEU B 1166 -21.52 -6.04 -20.78
C LEU B 1166 -22.15 -5.01 -21.71
N SER B 1167 -22.75 -3.96 -21.14
CA SER B 1167 -23.37 -2.95 -21.99
C SER B 1167 -22.33 -2.18 -22.79
N MET B 1168 -21.22 -1.81 -22.16
CA MET B 1168 -20.16 -1.09 -22.87
C MET B 1168 -19.62 -1.93 -24.02
N THR B 1169 -19.44 -3.22 -23.80
CA THR B 1169 -18.92 -4.07 -24.86
C THR B 1169 -19.92 -4.21 -26.01
N ILE B 1170 -21.20 -4.39 -25.69
CA ILE B 1170 -22.20 -4.47 -26.75
C ILE B 1170 -22.25 -3.17 -27.54
N ASN B 1171 -22.07 -2.04 -26.86
CA ASN B 1171 -21.98 -0.76 -27.55
C ASN B 1171 -20.80 -0.73 -28.50
N VAL B 1172 -19.58 -0.83 -27.95
CA VAL B 1172 -18.36 -0.70 -28.72
C VAL B 1172 -18.37 -1.65 -29.91
N ARG B 1173 -18.94 -2.84 -29.76
CA ARG B 1173 -18.96 -3.79 -30.86
C ARG B 1173 -19.67 -3.25 -32.09
N GLU B 1174 -20.52 -2.24 -31.95
CA GLU B 1174 -21.32 -1.75 -33.06
C GLU B 1174 -20.83 -0.43 -33.63
N GLY B 1175 -20.39 0.49 -32.78
CA GLY B 1175 -19.78 1.71 -33.27
C GLY B 1175 -20.46 3.01 -32.88
N PHE B 1176 -21.44 2.97 -32.04
CA PHE B 1176 -21.98 4.16 -31.38
C PHE B 1176 -20.97 4.93 -30.51
N LEU B 1177 -21.19 6.24 -30.38
CA LEU B 1177 -20.26 7.05 -29.62
C LEU B 1177 -20.13 6.55 -28.19
N ASN B 1178 -19.09 7.01 -27.52
CA ASN B 1178 -18.90 6.64 -26.12
C ASN B 1178 -18.28 7.99 -25.74
N TYR B 1179 -18.99 8.75 -24.93
CA TYR B 1179 -18.36 9.98 -24.49
C TYR B 1179 -17.60 9.75 -23.20
N SER B 1180 -16.50 9.03 -23.28
CA SER B 1180 -15.85 8.51 -22.08
C SER B 1180 -15.34 9.86 -21.65
N MET B 1181 -16.04 10.50 -20.73
CA MET B 1181 -15.60 11.68 -20.01
C MET B 1181 -14.90 11.30 -18.71
N ASP B 1182 -14.28 12.26 -18.04
CA ASP B 1182 -13.61 12.03 -16.79
C ASP B 1182 -13.68 13.37 -16.04
N HIS B 1183 -14.44 13.67 -14.96
CA HIS B 1183 -14.62 14.99 -14.38
C HIS B 1183 -13.36 15.47 -13.69
N SER B 1184 -13.19 16.79 -13.64
CA SER B 1184 -11.99 17.43 -13.14
C SER B 1184 -12.29 18.22 -11.88
N LYS B 1185 -11.31 18.25 -10.99
CA LYS B 1185 -11.47 18.90 -9.69
C LYS B 1185 -12.78 18.45 -9.04
N TRP B 1186 -12.85 17.16 -8.77
CA TRP B 1186 -13.97 16.58 -8.06
C TRP B 1186 -13.81 16.67 -6.56
N GLY B 1187 -12.61 16.95 -6.08
CA GLY B 1187 -12.39 17.11 -4.67
C GLY B 1187 -12.83 18.47 -4.19
N PRO B 1188 -12.14 19.52 -4.63
CA PRO B 1188 -12.37 20.84 -4.06
C PRO B 1188 -13.57 21.60 -4.60
N MET B 1189 -14.29 21.08 -5.59
CA MET B 1189 -15.43 21.79 -6.14
C MET B 1189 -16.76 21.24 -5.66
N MET B 1190 -16.76 20.32 -4.70
CA MET B 1190 -17.98 19.80 -4.11
C MET B 1190 -18.04 20.19 -2.64
N CYS B 1191 -19.25 20.50 -2.17
CA CYS B 1191 -19.39 21.01 -0.83
C CYS B 1191 -20.53 20.28 -0.12
N PRO B 1192 -20.40 20.02 1.18
CA PRO B 1192 -21.53 19.42 1.90
C PRO B 1192 -22.77 20.26 1.83
N PHE B 1193 -22.63 21.58 1.72
CA PHE B 1193 -23.78 22.44 1.51
C PHE B 1193 -24.59 21.97 0.32
N LEU B 1194 -23.95 21.42 -0.70
CA LEU B 1194 -24.69 21.08 -1.90
C LEU B 1194 -25.54 19.84 -1.67
N PHE B 1195 -25.00 18.83 -0.99
CA PHE B 1195 -25.82 17.68 -0.64
C PHE B 1195 -26.94 18.07 0.31
N LEU B 1196 -26.68 19.01 1.21
CA LEU B 1196 -27.75 19.49 2.08
C LEU B 1196 -28.87 20.13 1.28
N MET B 1197 -28.51 20.98 0.31
CA MET B 1197 -29.51 21.56 -0.58
C MET B 1197 -30.29 20.46 -1.29
N PHE B 1198 -29.59 19.43 -1.74
CA PHE B 1198 -30.25 18.42 -2.56
C PHE B 1198 -31.12 17.52 -1.72
N LEU B 1199 -30.80 17.36 -0.43
CA LEU B 1199 -31.57 16.50 0.45
C LEU B 1199 -32.79 17.21 1.02
N GLN B 1200 -32.58 18.38 1.63
CA GLN B 1200 -33.68 19.07 2.26
C GLN B 1200 -34.64 19.63 1.26
N ASN B 1201 -34.52 19.27 -0.02
CA ASN B 1201 -35.50 19.59 -1.04
C ASN B 1201 -36.24 18.39 -1.62
N LEU B 1202 -35.66 17.20 -1.57
CA LEU B 1202 -36.39 16.02 -2.00
C LEU B 1202 -37.58 15.77 -1.08
N LYS B 1203 -38.56 15.03 -1.58
CA LYS B 1203 -39.87 14.90 -0.92
C LYS B 1203 -39.93 13.39 -1.02
N LEU B 1204 -39.27 12.71 -0.09
CA LEU B 1204 -39.46 11.29 0.22
C LEU B 1204 -40.61 11.09 1.21
N GLY B 1205 -40.90 9.84 1.56
CA GLY B 1205 -42.22 9.47 2.03
C GLY B 1205 -42.57 9.83 3.46
N ASP B 1206 -43.41 9.00 4.09
CA ASP B 1206 -44.19 9.34 5.27
C ASP B 1206 -43.30 9.58 6.48
N ASP B 1207 -43.92 9.78 7.63
CA ASP B 1207 -43.24 10.31 8.80
C ASP B 1207 -42.79 9.22 9.76
N GLN B 1208 -42.05 9.64 10.79
CA GLN B 1208 -41.60 8.85 11.93
C GLN B 1208 -40.48 7.88 11.56
N TYR B 1209 -40.24 7.71 10.26
CA TYR B 1209 -39.15 6.87 9.77
C TYR B 1209 -38.37 7.61 8.71
N VAL B 1210 -39.05 8.45 7.94
CA VAL B 1210 -38.41 9.28 6.94
C VAL B 1210 -38.38 10.73 7.38
N ARG B 1211 -39.51 11.26 7.86
CA ARG B 1211 -39.52 12.65 8.34
C ARG B 1211 -38.47 12.86 9.42
N SER B 1212 -38.19 11.84 10.21
CA SER B 1212 -36.97 11.77 10.98
C SER B 1212 -36.07 10.72 10.36
N GLY B 1213 -34.83 10.68 10.80
CA GLY B 1213 -33.81 10.01 10.02
C GLY B 1213 -33.13 11.03 9.12
N LYS B 1214 -33.85 11.55 8.12
CA LYS B 1214 -33.20 12.57 7.29
C LYS B 1214 -32.92 13.82 8.10
N ASP B 1215 -33.62 14.02 9.20
CA ASP B 1215 -33.24 15.09 10.10
C ASP B 1215 -32.08 14.69 11.00
N HIS B 1216 -31.40 13.59 10.68
CA HIS B 1216 -30.11 13.28 11.26
C HIS B 1216 -28.99 13.33 10.24
N VAL B 1217 -29.24 12.91 9.00
CA VAL B 1217 -28.28 13.19 7.95
C VAL B 1217 -28.16 14.68 7.72
N SER B 1218 -29.28 15.39 7.74
CA SER B 1218 -29.27 16.84 7.54
C SER B 1218 -28.82 17.60 8.77
N THR B 1219 -28.29 16.92 9.77
CA THR B 1219 -27.62 17.59 10.86
C THR B 1219 -26.28 16.98 11.19
N LEU B 1220 -25.91 15.90 10.52
CA LEU B 1220 -24.51 15.53 10.43
C LEU B 1220 -23.82 16.25 9.29
N LEU B 1221 -24.54 16.51 8.18
CA LEU B 1221 -23.98 17.30 7.11
C LEU B 1221 -23.66 18.71 7.57
N THR B 1222 -24.55 19.30 8.37
CA THR B 1222 -24.25 20.62 8.89
C THR B 1222 -23.01 20.59 9.78
N TRP B 1223 -22.74 19.47 10.43
CA TRP B 1223 -21.48 19.33 11.15
C TRP B 1223 -20.31 19.34 10.19
N HIS B 1224 -20.44 18.60 9.08
CA HIS B 1224 -19.35 18.53 8.11
C HIS B 1224 -19.06 19.88 7.49
N MET B 1225 -20.10 20.67 7.26
CA MET B 1225 -19.94 21.98 6.63
C MET B 1225 -18.93 22.85 7.37
N HIS B 1226 -18.81 22.67 8.68
CA HIS B 1226 -17.91 23.49 9.49
C HIS B 1226 -16.69 22.70 9.97
N LYS B 1227 -16.16 21.80 9.16
CA LYS B 1227 -15.04 20.99 9.59
C LYS B 1227 -13.82 21.87 9.81
N LEU B 1228 -12.75 21.29 10.37
CA LEU B 1228 -11.53 22.04 10.64
C LEU B 1228 -10.32 21.22 10.21
N VAL B 1229 -9.90 21.35 8.95
CA VAL B 1229 -8.64 20.73 8.60
C VAL B 1229 -7.49 21.52 9.21
N GLU B 1230 -6.35 20.87 9.34
CA GLU B 1230 -5.21 21.45 10.04
C GLU B 1230 -4.05 21.62 9.08
N VAL B 1231 -3.45 22.80 9.08
CA VAL B 1231 -2.29 23.04 8.23
C VAL B 1231 -1.13 22.23 8.80
N PRO B 1232 -0.59 21.27 8.05
CA PRO B 1232 0.41 20.37 8.63
C PRO B 1232 1.62 21.14 9.12
N PHE B 1233 2.23 20.65 10.20
CA PHE B 1233 3.32 21.37 10.83
C PHE B 1233 4.51 21.60 9.90
N PRO B 1234 4.99 20.63 9.13
CA PRO B 1234 6.12 20.93 8.22
C PRO B 1234 5.84 22.05 7.25
N VAL B 1235 4.63 22.10 6.70
CA VAL B 1235 4.30 23.11 5.72
C VAL B 1235 4.33 24.50 6.34
N VAL B 1236 3.74 24.65 7.52
CA VAL B 1236 3.74 25.95 8.17
C VAL B 1236 5.15 26.34 8.58
N ASN B 1237 5.94 25.38 9.04
CA ASN B 1237 7.34 25.69 9.36
C ASN B 1237 8.08 26.19 8.14
N ALA B 1238 7.89 25.52 7.00
CA ALA B 1238 8.57 25.92 5.77
C ALA B 1238 8.13 27.31 5.32
N MET B 1239 6.83 27.59 5.38
CA MET B 1239 6.35 28.90 4.96
C MET B 1239 6.86 29.99 5.86
N MET B 1240 6.90 29.75 7.17
CA MET B 1240 7.46 30.74 8.08
C MET B 1240 8.94 30.98 7.79
N LYS B 1241 9.69 29.91 7.54
CA LYS B 1241 11.10 30.06 7.21
C LYS B 1241 11.27 30.90 5.95
N SER B 1242 10.49 30.59 4.91
CA SER B 1242 10.60 31.36 3.68
C SER B 1242 10.25 32.82 3.90
N TYR B 1243 9.21 33.07 4.70
CA TYR B 1243 8.81 34.45 4.96
C TYR B 1243 9.91 35.21 5.65
N VAL B 1244 10.51 34.63 6.68
CA VAL B 1244 11.54 35.36 7.43
C VAL B 1244 12.78 35.57 6.58
N LYS B 1245 13.14 34.56 5.76
CA LYS B 1245 14.28 34.73 4.86
C LYS B 1245 14.05 35.89 3.90
N SER B 1246 12.87 35.91 3.26
CA SER B 1246 12.60 36.95 2.28
C SER B 1246 12.52 38.32 2.93
N LYS B 1247 11.84 38.41 4.08
CA LYS B 1247 11.68 39.72 4.72
C LYS B 1247 12.99 40.28 5.21
N LEU B 1248 13.85 39.43 5.80
CA LEU B 1248 15.14 39.93 6.28
C LEU B 1248 16.04 40.31 5.10
N LYS B 1249 15.98 39.54 4.02
CA LYS B 1249 16.82 39.82 2.86
C LYS B 1249 16.08 40.67 1.83
N GLU B 1255 10.23 39.18 -7.01
CA GLU B 1255 10.14 37.87 -6.37
C GLU B 1255 9.17 36.97 -7.12
N THR B 1256 9.04 35.72 -6.67
CA THR B 1256 8.21 34.72 -7.32
C THR B 1256 7.22 34.01 -6.40
N THR B 1257 6.76 34.72 -5.37
CA THR B 1257 5.96 34.09 -4.32
C THR B 1257 4.65 33.57 -4.90
N VAL B 1258 4.35 32.31 -4.61
CA VAL B 1258 3.11 31.71 -5.07
C VAL B 1258 1.94 32.23 -4.23
N THR B 1259 0.72 32.01 -4.73
CA THR B 1259 -0.47 32.56 -4.08
C THR B 1259 -0.56 32.11 -2.62
N GLU B 1260 -0.37 30.83 -2.36
CA GLU B 1260 -0.54 30.38 -1.00
C GLU B 1260 0.60 30.71 -0.14
N ARG B 1261 1.48 31.62 -0.53
CA ARG B 1261 2.48 32.14 0.37
C ARG B 1261 2.22 33.58 0.78
N ILE B 1262 1.54 34.36 -0.05
CA ILE B 1262 1.24 35.74 0.33
C ILE B 1262 0.26 35.79 1.48
N PHE B 1263 -0.67 34.84 1.53
CA PHE B 1263 -1.60 34.75 2.66
C PHE B 1263 -0.84 34.52 3.96
N ARG B 1264 0.14 33.61 3.92
CA ARG B 1264 0.96 33.42 5.09
C ARG B 1264 1.63 34.71 5.50
N GLN B 1265 1.99 35.54 4.54
CA GLN B 1265 2.61 36.82 4.88
C GLN B 1265 1.61 37.74 5.58
N TYR B 1266 0.41 37.89 5.01
CA TYR B 1266 -0.62 38.70 5.66
C TYR B 1266 -0.83 38.25 7.09
N PHE B 1267 -1.04 36.95 7.28
CA PHE B 1267 -1.42 36.48 8.60
C PHE B 1267 -0.26 36.46 9.58
N GLU B 1268 0.95 36.17 9.12
CA GLU B 1268 2.09 36.17 10.03
C GLU B 1268 2.58 37.57 10.32
N MET B 1269 2.09 38.58 9.59
CA MET B 1269 2.19 39.94 10.12
C MET B 1269 1.38 40.07 11.41
N GLY B 1270 0.32 39.27 11.54
CA GLY B 1270 -0.46 39.15 12.76
C GLY B 1270 -0.34 37.79 13.41
N ILE B 1271 -1.32 36.92 13.15
CA ILE B 1271 -1.46 35.63 13.79
C ILE B 1271 -1.33 34.52 12.75
N VAL B 1272 -0.57 33.49 13.10
CA VAL B 1272 -0.23 32.38 12.20
C VAL B 1272 -1.41 31.44 11.97
N PRO B 1273 -1.65 30.99 10.75
CA PRO B 1273 -2.75 30.06 10.52
C PRO B 1273 -2.43 28.70 11.09
N SER B 1274 -3.44 28.07 11.69
CA SER B 1274 -3.38 26.65 11.98
C SER B 1274 -4.50 25.73 11.53
N HIS B 1275 -5.66 26.28 11.17
CA HIS B 1275 -6.84 25.49 10.87
C HIS B 1275 -7.56 26.30 9.80
N ILE B 1276 -8.13 25.60 8.83
CA ILE B 1276 -8.83 26.22 7.72
C ILE B 1276 -10.20 25.58 7.61
N SER B 1277 -11.25 26.39 7.50
CA SER B 1277 -12.60 25.86 7.49
C SER B 1277 -13.43 26.61 6.46
N SER B 1278 -13.88 25.91 5.42
CA SER B 1278 -14.63 26.57 4.35
C SER B 1278 -15.63 25.60 3.76
N LEU B 1279 -16.59 26.16 3.02
CA LEU B 1279 -17.72 25.38 2.54
C LEU B 1279 -17.31 24.36 1.49
N ILE B 1280 -16.38 24.71 0.61
CA ILE B 1280 -16.07 23.87 -0.56
C ILE B 1280 -14.94 22.93 -0.17
N ASP B 1281 -15.31 21.85 0.53
CA ASP B 1281 -14.28 20.92 0.99
C ASP B 1281 -14.44 19.52 0.43
N MET B 1282 -15.54 18.84 0.73
CA MET B 1282 -15.77 17.43 0.37
C MET B 1282 -14.52 16.60 0.50
N GLY B 1283 -14.06 16.43 1.74
CA GLY B 1283 -12.82 15.73 1.98
C GLY B 1283 -12.63 14.51 1.10
N GLN B 1284 -11.58 14.49 0.28
CA GLN B 1284 -11.47 13.49 -0.77
C GLN B 1284 -11.52 12.08 -0.22
N GLY B 1285 -12.57 11.34 -0.53
CA GLY B 1285 -12.76 10.01 -0.01
C GLY B 1285 -13.58 9.92 1.25
N ILE B 1286 -13.74 11.03 1.98
CA ILE B 1286 -14.59 11.03 3.17
C ILE B 1286 -16.02 10.72 2.79
N LEU B 1287 -16.65 11.62 2.04
CA LEU B 1287 -18.04 11.42 1.61
C LEU B 1287 -18.13 10.75 0.27
N HIS B 1288 -17.16 9.91 -0.08
CA HIS B 1288 -17.05 9.36 -1.41
C HIS B 1288 -18.24 8.50 -1.79
N ASN B 1289 -19.23 8.38 -0.91
CA ASN B 1289 -20.52 7.79 -1.25
C ASN B 1289 -21.61 8.82 -1.43
N ALA B 1290 -21.63 9.88 -0.63
CA ALA B 1290 -22.57 10.96 -0.88
C ALA B 1290 -22.30 11.60 -2.23
N SER B 1291 -21.03 11.79 -2.57
CA SER B 1291 -20.68 12.34 -3.88
C SER B 1291 -21.16 11.43 -4.99
N ASP B 1292 -21.01 10.12 -4.82
CA ASP B 1292 -21.50 9.19 -5.82
C ASP B 1292 -23.00 9.28 -5.98
N PHE B 1293 -23.73 9.43 -4.87
CA PHE B 1293 -25.17 9.57 -4.96
C PHE B 1293 -25.55 10.79 -5.77
N TYR B 1294 -24.97 11.94 -5.43
CA TYR B 1294 -25.30 13.17 -6.14
C TYR B 1294 -24.91 13.07 -7.61
N GLY B 1295 -23.74 12.52 -7.90
CA GLY B 1295 -23.33 12.38 -9.27
C GLY B 1295 -24.27 11.49 -10.06
N LEU B 1296 -24.73 10.41 -9.45
CA LEU B 1296 -25.65 9.52 -10.13
C LEU B 1296 -26.93 10.25 -10.51
N LEU B 1297 -27.49 11.01 -9.58
CA LEU B 1297 -28.75 11.68 -9.95
C LEU B 1297 -28.53 12.80 -10.94
N SER B 1298 -27.47 13.58 -10.79
CA SER B 1298 -27.24 14.64 -11.75
C SER B 1298 -27.06 14.07 -13.16
N GLU B 1299 -26.30 12.99 -13.29
CA GLU B 1299 -26.17 12.35 -14.60
C GLU B 1299 -27.47 11.72 -15.07
N ARG B 1300 -28.39 11.40 -14.16
CA ARG B 1300 -29.68 10.91 -14.62
C ARG B 1300 -30.57 12.06 -15.08
N PHE B 1301 -30.26 13.28 -14.68
CA PHE B 1301 -31.02 14.44 -15.13
C PHE B 1301 -30.49 15.03 -16.43
N ILE B 1302 -29.17 15.15 -16.57
CA ILE B 1302 -28.64 15.80 -17.75
C ILE B 1302 -28.92 14.97 -19.00
N ASN B 1303 -28.87 13.66 -18.86
CA ASN B 1303 -29.26 12.75 -19.94
C ASN B 1303 -30.75 12.69 -20.13
N TYR B 1304 -31.50 13.56 -19.45
CA TYR B 1304 -32.89 13.86 -19.76
C TYR B 1304 -33.05 15.20 -20.43
N CYS B 1305 -32.27 16.19 -20.01
CA CYS B 1305 -32.22 17.45 -20.74
C CYS B 1305 -31.88 17.19 -22.19
N ILE B 1306 -30.81 16.42 -22.41
CA ILE B 1306 -30.40 16.08 -23.77
C ILE B 1306 -31.49 15.30 -24.48
N GLY B 1307 -32.20 14.46 -23.75
CA GLY B 1307 -33.27 13.68 -24.36
C GLY B 1307 -34.41 14.54 -24.85
N VAL B 1308 -34.78 15.56 -24.07
CA VAL B 1308 -35.92 16.37 -24.46
C VAL B 1308 -35.54 17.38 -25.53
N ILE B 1309 -34.27 17.78 -25.62
CA ILE B 1309 -33.90 18.74 -26.66
C ILE B 1309 -33.59 18.02 -27.96
N PHE B 1310 -32.64 17.08 -27.93
CA PHE B 1310 -32.15 16.49 -29.18
C PHE B 1310 -32.99 15.32 -29.66
N GLY B 1311 -33.55 14.54 -28.75
CA GLY B 1311 -34.45 13.47 -29.15
C GLY B 1311 -34.08 12.04 -28.81
N GLU B 1312 -33.13 11.85 -27.91
CA GLU B 1312 -32.56 10.55 -27.60
C GLU B 1312 -32.09 10.54 -26.15
N ARG B 1313 -32.30 9.41 -25.48
CA ARG B 1313 -31.88 9.28 -24.09
C ARG B 1313 -30.63 8.43 -24.04
N PRO B 1314 -29.48 9.00 -23.78
CA PRO B 1314 -28.26 8.20 -23.66
C PRO B 1314 -28.00 7.72 -22.26
N GLU B 1315 -27.81 6.41 -22.06
CA GLU B 1315 -27.55 5.87 -20.74
C GLU B 1315 -26.21 6.36 -20.21
N ALA B 1316 -25.93 6.05 -18.95
CA ALA B 1316 -24.74 6.58 -18.31
C ALA B 1316 -24.32 5.63 -17.21
N TYR B 1317 -23.23 5.96 -16.54
CA TYR B 1317 -22.75 5.22 -15.39
C TYR B 1317 -22.02 6.20 -14.48
N THR B 1318 -21.34 5.68 -13.47
CA THR B 1318 -20.59 6.57 -12.60
C THR B 1318 -19.73 5.74 -11.67
N SER B 1319 -18.66 6.34 -11.20
CA SER B 1319 -17.88 5.82 -10.09
C SER B 1319 -17.66 6.82 -8.98
N SER B 1320 -18.21 8.01 -9.14
CA SER B 1320 -17.98 9.18 -8.29
C SER B 1320 -16.82 10.03 -8.78
N ASP B 1321 -16.07 9.54 -9.73
CA ASP B 1321 -15.18 10.43 -10.45
C ASP B 1321 -15.23 10.22 -11.95
N ASP B 1322 -15.15 9.04 -12.48
CA ASP B 1322 -15.26 8.83 -13.90
C ASP B 1322 -16.62 8.81 -14.37
N GLN B 1323 -16.88 8.43 -15.59
CA GLN B 1323 -18.21 8.26 -16.13
C GLN B 1323 -18.13 7.61 -17.49
N ILE B 1324 -19.28 7.49 -18.15
CA ILE B 1324 -19.34 7.10 -19.54
C ILE B 1324 -20.73 7.50 -20.00
N THR B 1325 -20.92 7.62 -21.31
CA THR B 1325 -22.23 8.02 -21.80
C THR B 1325 -22.31 7.31 -23.14
N LEU B 1326 -23.14 6.29 -23.22
CA LEU B 1326 -23.21 5.48 -24.43
C LEU B 1326 -24.37 5.95 -25.30
N PHE B 1327 -24.13 7.01 -26.07
CA PHE B 1327 -25.16 7.51 -26.97
C PHE B 1327 -25.65 6.37 -27.87
N ASP B 1328 -26.87 6.48 -28.34
CA ASP B 1328 -27.46 5.39 -29.10
C ASP B 1328 -27.27 5.69 -30.60
N ARG B 1329 -27.94 4.92 -31.45
CA ARG B 1329 -27.70 4.97 -32.89
C ARG B 1329 -28.05 6.32 -33.49
N ARG B 1330 -29.17 6.91 -33.06
CA ARG B 1330 -29.64 8.12 -33.71
C ARG B 1330 -28.64 9.27 -33.55
N LEU B 1331 -27.98 9.35 -32.40
CA LEU B 1331 -26.97 10.36 -32.16
C LEU B 1331 -25.57 9.91 -32.57
N SER B 1332 -25.45 8.75 -33.22
CA SER B 1332 -24.19 8.33 -33.80
C SER B 1332 -24.17 8.36 -35.31
N ASP B 1333 -25.32 8.22 -35.96
CA ASP B 1333 -25.38 8.51 -37.38
C ASP B 1333 -25.20 9.99 -37.64
N LEU B 1334 -25.47 10.83 -36.65
CA LEU B 1334 -25.37 12.27 -36.81
C LEU B 1334 -23.92 12.73 -36.89
N VAL B 1335 -22.98 11.99 -36.30
CA VAL B 1335 -21.59 12.45 -36.31
C VAL B 1335 -20.97 12.28 -37.68
N VAL B 1336 -21.49 11.35 -38.49
CA VAL B 1336 -21.04 11.25 -39.87
C VAL B 1336 -21.95 12.06 -40.79
N SER B 1337 -23.24 12.20 -40.45
CA SER B 1337 -24.12 13.01 -41.26
C SER B 1337 -23.88 14.50 -41.03
N ASP B 1338 -23.64 14.91 -39.78
CA ASP B 1338 -23.49 16.33 -39.47
C ASP B 1338 -22.58 16.02 -38.29
N PRO B 1339 -21.38 16.60 -38.24
CA PRO B 1339 -20.61 16.75 -37.00
C PRO B 1339 -20.88 18.04 -36.26
N GLU B 1340 -21.29 19.09 -36.97
CA GLU B 1340 -21.46 20.39 -36.33
C GLU B 1340 -22.63 20.42 -35.35
N GLU B 1341 -23.48 19.41 -35.34
CA GLU B 1341 -24.54 19.35 -34.34
C GLU B 1341 -24.13 18.55 -33.11
N VAL B 1342 -23.49 17.40 -33.30
CA VAL B 1342 -22.96 16.67 -32.14
C VAL B 1342 -21.92 17.51 -31.44
N LEU B 1343 -21.27 18.41 -32.16
CA LEU B 1343 -20.40 19.37 -31.49
C LEU B 1343 -21.20 20.23 -30.52
N VAL B 1344 -22.41 20.63 -30.89
CA VAL B 1344 -23.22 21.44 -29.99
C VAL B 1344 -23.70 20.59 -28.82
N LEU B 1345 -24.05 19.33 -29.08
CA LEU B 1345 -24.46 18.45 -27.99
C LEU B 1345 -23.36 18.33 -26.95
N LEU B 1346 -22.12 18.09 -27.39
CA LEU B 1346 -21.00 18.01 -26.44
C LEU B 1346 -20.62 19.36 -25.90
N GLU B 1347 -21.06 20.44 -26.53
CA GLU B 1347 -20.87 21.77 -25.96
C GLU B 1347 -21.85 22.07 -24.85
N PHE B 1348 -23.05 21.50 -24.94
CA PHE B 1348 -24.13 21.77 -24.00
C PHE B 1348 -24.11 20.83 -22.80
N GLN B 1349 -23.77 19.56 -23.03
CA GLN B 1349 -23.61 18.64 -21.92
C GLN B 1349 -22.48 19.07 -21.02
N SER B 1350 -21.54 19.87 -21.51
CA SER B 1350 -20.49 20.44 -20.69
C SER B 1350 -20.83 21.84 -20.24
N HIS B 1351 -22.03 22.32 -20.50
CA HIS B 1351 -22.47 23.60 -19.99
C HIS B 1351 -23.47 23.45 -18.85
N LEU B 1352 -24.47 22.58 -19.00
CA LEU B 1352 -25.28 22.24 -17.83
C LEU B 1352 -24.40 21.81 -16.67
N SER B 1353 -23.49 20.87 -16.93
CA SER B 1353 -22.61 20.42 -15.86
C SER B 1353 -21.90 21.59 -15.20
N GLY B 1354 -21.61 22.63 -15.96
CA GLY B 1354 -21.10 23.84 -15.35
C GLY B 1354 -22.13 24.52 -14.48
N LEU B 1355 -23.40 24.49 -14.90
CA LEU B 1355 -24.44 25.12 -14.08
C LEU B 1355 -24.71 24.34 -12.82
N LEU B 1356 -24.26 23.12 -12.72
CA LEU B 1356 -24.19 22.34 -11.51
C LEU B 1356 -22.71 22.28 -11.13
N ASN B 1357 -22.35 21.52 -10.11
CA ASN B 1357 -20.93 21.46 -9.75
C ASN B 1357 -20.44 20.18 -10.42
N LYS B 1358 -20.18 20.27 -11.71
CA LYS B 1358 -19.51 19.19 -12.43
C LYS B 1358 -18.77 19.79 -13.62
N PHE B 1359 -17.44 19.77 -13.59
CA PHE B 1359 -16.64 20.42 -14.61
C PHE B 1359 -15.88 19.37 -15.42
N ILE B 1360 -16.30 19.16 -16.66
CA ILE B 1360 -15.65 18.15 -17.51
C ILE B 1360 -14.22 18.56 -17.81
N SER B 1361 -13.28 17.58 -17.71
CA SER B 1361 -11.84 17.77 -17.84
C SER B 1361 -11.43 17.71 -19.31
N PRO B 1362 -10.33 18.39 -19.66
CA PRO B 1362 -9.88 18.39 -21.06
C PRO B 1362 -9.38 17.04 -21.54
N LYS B 1363 -9.25 16.04 -20.66
CA LYS B 1363 -8.75 14.73 -21.02
C LYS B 1363 -9.85 13.80 -21.51
N SER B 1364 -11.07 14.28 -21.65
CA SER B 1364 -12.12 13.44 -22.17
C SER B 1364 -12.03 13.34 -23.68
N VAL B 1365 -12.72 12.37 -24.24
CA VAL B 1365 -12.83 12.20 -25.69
C VAL B 1365 -14.24 11.75 -26.00
N ALA B 1366 -14.52 11.50 -27.28
CA ALA B 1366 -15.76 10.79 -27.61
C ALA B 1366 -15.23 10.06 -28.83
N GLY B 1367 -15.03 8.76 -28.69
CA GLY B 1367 -14.54 7.96 -29.77
C GLY B 1367 -15.55 6.94 -30.23
N ARG B 1368 -15.55 6.64 -31.51
CA ARG B 1368 -16.43 5.62 -32.02
C ARG B 1368 -15.87 4.21 -31.89
N PHE B 1369 -14.62 4.21 -31.37
CA PHE B 1369 -13.78 3.01 -31.06
C PHE B 1369 -12.91 2.61 -29.83
N ALA B 1370 -12.73 3.37 -28.79
CA ALA B 1370 -12.07 2.87 -27.62
C ALA B 1370 -13.18 3.25 -26.57
N ALA B 1371 -12.92 3.05 -25.26
CA ALA B 1371 -13.53 3.16 -23.96
C ALA B 1371 -12.56 3.17 -22.83
N GLU B 1372 -12.85 3.61 -21.65
CA GLU B 1372 -11.93 3.61 -20.54
C GLU B 1372 -12.81 3.91 -19.37
N PHE B 1373 -13.51 2.99 -18.84
CA PHE B 1373 -14.27 3.06 -17.60
C PHE B 1373 -13.45 2.35 -16.54
N LYS B 1374 -12.93 3.12 -15.58
CA LYS B 1374 -12.13 2.58 -14.49
C LYS B 1374 -10.94 1.80 -15.03
N SER B 1375 -10.21 2.41 -15.97
CA SER B 1375 -8.95 1.87 -16.45
C SER B 1375 -9.09 0.48 -17.03
N ARG B 1376 -10.14 0.27 -17.83
CA ARG B 1376 -10.31 -0.98 -18.57
C ARG B 1376 -10.62 -0.63 -20.01
N PHE B 1377 -9.59 -0.39 -20.80
CA PHE B 1377 -9.76 0.12 -22.15
C PHE B 1377 -10.39 -0.94 -23.04
N TYR B 1378 -10.91 -0.51 -24.18
CA TYR B 1378 -11.56 -1.43 -25.10
C TYR B 1378 -11.26 -1.03 -26.53
N VAL B 1379 -11.08 -2.01 -27.39
CA VAL B 1379 -11.01 -1.78 -28.82
C VAL B 1379 -12.16 -2.57 -29.40
N TRP B 1380 -12.29 -2.61 -30.72
CA TRP B 1380 -13.51 -3.15 -31.30
C TRP B 1380 -13.62 -4.63 -30.98
N GLY B 1381 -14.48 -4.97 -30.02
CA GLY B 1381 -14.56 -6.32 -29.51
C GLY B 1381 -13.80 -6.55 -28.22
N GLU B 1382 -12.60 -7.09 -28.35
CA GLU B 1382 -11.77 -7.54 -27.23
C GLU B 1382 -11.24 -6.35 -26.42
N GLU B 1383 -10.38 -6.63 -25.44
CA GLU B 1383 -9.89 -5.61 -24.51
C GLU B 1383 -8.37 -5.56 -24.53
N VAL B 1384 -7.81 -4.35 -24.48
CA VAL B 1384 -6.37 -4.16 -24.46
C VAL B 1384 -5.79 -4.84 -23.23
N PRO B 1385 -4.80 -5.73 -23.39
CA PRO B 1385 -4.36 -6.54 -22.24
C PRO B 1385 -3.64 -5.78 -21.14
N LEU B 1386 -2.80 -4.81 -21.47
CA LEU B 1386 -2.03 -4.06 -20.47
C LEU B 1386 -1.03 -4.95 -19.76
N LEU B 1387 -0.31 -5.75 -20.54
CA LEU B 1387 0.82 -6.53 -20.08
C LEU B 1387 1.75 -5.76 -19.13
N THR B 1388 2.26 -4.62 -19.59
CA THR B 1388 3.24 -3.89 -18.81
C THR B 1388 2.66 -3.30 -17.54
N LYS B 1389 1.34 -3.30 -17.37
CA LYS B 1389 0.77 -2.83 -16.12
C LYS B 1389 0.94 -3.86 -15.02
N PHE B 1390 0.81 -5.14 -15.36
CA PHE B 1390 0.89 -6.22 -14.38
C PHE B 1390 2.30 -6.73 -14.18
N VAL B 1391 3.15 -6.73 -15.20
CA VAL B 1391 4.53 -7.11 -14.98
C VAL B 1391 5.19 -6.15 -14.00
N SER B 1392 4.96 -4.85 -14.18
CA SER B 1392 5.55 -3.85 -13.30
C SER B 1392 5.03 -3.94 -11.89
N ALA B 1393 3.93 -4.64 -11.67
CA ALA B 1393 3.38 -4.80 -10.33
C ALA B 1393 3.84 -6.09 -9.67
N ALA B 1394 3.97 -7.16 -10.44
CA ALA B 1394 4.57 -8.36 -9.90
C ALA B 1394 6.02 -8.12 -9.50
N LEU B 1395 6.77 -7.38 -10.30
CA LEU B 1395 8.18 -7.22 -10.02
C LEU B 1395 8.44 -6.39 -8.77
N HIS B 1396 7.52 -5.51 -8.40
CA HIS B 1396 7.62 -4.79 -7.14
C HIS B 1396 7.07 -5.65 -6.02
N ASN B 1397 6.88 -5.03 -4.85
CA ASN B 1397 6.25 -5.63 -3.67
C ASN B 1397 6.79 -7.03 -3.37
N VAL B 1398 8.09 -7.08 -3.09
CA VAL B 1398 8.70 -8.21 -2.43
C VAL B 1398 8.88 -7.75 -0.98
N LYS B 1399 7.86 -7.99 -0.16
CA LYS B 1399 7.79 -7.40 1.17
C LYS B 1399 8.47 -8.27 2.21
N CYS B 1400 8.99 -7.63 3.25
CA CYS B 1400 9.69 -8.33 4.32
C CYS B 1400 8.70 -9.15 5.13
N LYS B 1401 8.64 -10.44 4.86
CA LYS B 1401 7.82 -11.36 5.62
C LYS B 1401 8.52 -12.70 5.65
N GLU B 1402 7.88 -13.67 6.29
CA GLU B 1402 8.39 -15.03 6.19
C GLU B 1402 8.31 -15.48 4.74
N PRO B 1403 9.38 -16.07 4.19
CA PRO B 1403 9.37 -16.38 2.75
C PRO B 1403 8.23 -17.27 2.33
N HIS B 1404 7.70 -18.11 3.20
CA HIS B 1404 6.56 -18.91 2.80
C HIS B 1404 5.29 -18.08 2.61
N GLN B 1405 5.33 -16.78 2.89
CA GLN B 1405 4.23 -15.86 2.61
C GLN B 1405 4.58 -14.82 1.55
N LEU B 1406 5.84 -14.36 1.55
CA LEU B 1406 6.35 -13.59 0.43
C LEU B 1406 6.15 -14.34 -0.88
N CYS B 1407 6.27 -15.66 -0.85
CA CYS B 1407 6.03 -16.48 -2.02
C CYS B 1407 4.60 -16.91 -2.15
N GLU B 1408 3.70 -16.34 -1.35
CA GLU B 1408 2.27 -16.50 -1.56
C GLU B 1408 1.64 -15.27 -2.17
N THR B 1409 2.10 -14.09 -1.72
CA THR B 1409 1.68 -12.86 -2.37
C THR B 1409 1.98 -12.90 -3.87
N ILE B 1410 3.19 -13.33 -4.24
CA ILE B 1410 3.56 -13.38 -5.65
C ILE B 1410 2.77 -14.47 -6.37
N ASP B 1411 2.50 -15.59 -5.70
CA ASP B 1411 1.70 -16.59 -6.38
C ASP B 1411 0.24 -16.19 -6.47
N THR B 1412 -0.16 -15.10 -5.83
CA THR B 1412 -1.45 -14.48 -6.15
C THR B 1412 -1.33 -13.52 -7.32
N ILE B 1413 -0.34 -12.62 -7.26
CA ILE B 1413 -0.17 -11.59 -8.27
C ILE B 1413 0.11 -12.19 -9.64
N ALA B 1414 0.71 -13.38 -9.66
CA ALA B 1414 0.96 -14.02 -10.95
C ALA B 1414 -0.34 -14.52 -11.57
N ASP B 1415 -1.27 -15.04 -10.77
CA ASP B 1415 -2.55 -15.40 -11.34
C ASP B 1415 -3.35 -14.15 -11.71
N GLN B 1416 -3.20 -13.09 -10.93
CA GLN B 1416 -3.72 -11.78 -11.32
C GLN B 1416 -3.25 -11.43 -12.74
N ALA B 1417 -1.96 -11.60 -12.98
CA ALA B 1417 -1.39 -11.26 -14.28
C ALA B 1417 -1.96 -12.17 -15.37
N ILE B 1418 -1.88 -13.49 -15.18
CA ILE B 1418 -2.35 -14.39 -16.23
C ILE B 1418 -3.85 -14.31 -16.43
N ALA B 1419 -4.56 -13.61 -15.55
CA ALA B 1419 -5.96 -13.30 -15.85
C ALA B 1419 -6.07 -12.54 -17.16
N ASN B 1420 -5.20 -11.55 -17.34
CA ASN B 1420 -5.05 -10.84 -18.59
C ASN B 1420 -3.97 -11.54 -19.42
N GLY B 1421 -3.46 -10.89 -20.46
CA GLY B 1421 -2.64 -11.61 -21.40
C GLY B 1421 -1.15 -11.72 -21.21
N VAL B 1422 -0.64 -11.57 -19.99
CA VAL B 1422 0.79 -11.76 -19.79
C VAL B 1422 1.09 -13.20 -20.17
N PRO B 1423 1.90 -13.49 -21.16
CA PRO B 1423 2.07 -14.87 -21.59
C PRO B 1423 2.82 -15.66 -20.53
N VAL B 1424 2.62 -16.98 -20.53
CA VAL B 1424 3.05 -17.80 -19.41
C VAL B 1424 4.57 -17.76 -19.27
N SER B 1425 5.29 -17.69 -20.40
CA SER B 1425 6.75 -17.74 -20.38
C SER B 1425 7.36 -16.51 -19.73
N LEU B 1426 6.56 -15.48 -19.48
CA LEU B 1426 7.04 -14.35 -18.71
C LEU B 1426 6.73 -14.51 -17.23
N VAL B 1427 5.61 -15.15 -16.91
CA VAL B 1427 5.29 -15.38 -15.50
C VAL B 1427 6.30 -16.32 -14.88
N ASN B 1428 6.70 -17.35 -15.62
CA ASN B 1428 7.77 -18.20 -15.13
C ASN B 1428 9.02 -17.39 -14.82
N SER B 1429 9.36 -16.43 -15.66
CA SER B 1429 10.60 -15.69 -15.43
C SER B 1429 10.46 -14.73 -14.26
N ILE B 1430 9.26 -14.21 -14.01
CA ILE B 1430 9.06 -13.43 -12.78
C ILE B 1430 9.27 -14.31 -11.56
N GLN B 1431 8.72 -15.52 -11.58
CA GLN B 1431 8.89 -16.42 -10.45
C GLN B 1431 10.35 -16.80 -10.25
N ARG B 1432 11.05 -17.06 -11.35
CA ARG B 1432 12.47 -17.36 -11.23
C ARG B 1432 13.23 -16.19 -10.65
N ARG B 1433 12.84 -14.96 -10.99
CA ARG B 1433 13.49 -13.83 -10.34
C ARG B 1433 13.27 -13.86 -8.84
N THR B 1434 12.04 -14.13 -8.41
CA THR B 1434 11.78 -14.11 -6.97
C THR B 1434 12.59 -15.18 -6.26
N LEU B 1435 12.64 -16.38 -6.83
CA LEU B 1435 13.46 -17.42 -6.22
C LEU B 1435 14.92 -17.04 -6.22
N ASP B 1436 15.40 -16.35 -7.26
CA ASP B 1436 16.79 -15.91 -7.23
C ASP B 1436 17.02 -14.90 -6.13
N LEU B 1437 16.04 -14.05 -5.85
CA LEU B 1437 16.16 -13.13 -4.73
C LEU B 1437 16.33 -13.89 -3.41
N LEU B 1438 15.44 -14.85 -3.17
CA LEU B 1438 15.54 -15.62 -1.93
C LEU B 1438 16.87 -16.35 -1.86
N LYS B 1439 17.26 -17.01 -2.96
CA LYS B 1439 18.51 -17.74 -3.00
C LYS B 1439 19.70 -16.82 -2.79
N TYR B 1440 19.57 -15.54 -3.11
CA TYR B 1440 20.61 -14.59 -2.76
C TYR B 1440 20.58 -14.27 -1.28
N ALA B 1441 19.41 -14.35 -0.65
CA ALA B 1441 19.37 -14.17 0.79
C ALA B 1441 20.00 -15.34 1.54
N ASN B 1442 20.35 -16.42 0.85
CA ASN B 1442 20.84 -17.67 1.43
C ASN B 1442 19.83 -18.40 2.32
N PHE B 1443 18.68 -18.69 1.72
CA PHE B 1443 17.58 -19.38 2.37
C PHE B 1443 17.33 -20.69 1.62
N PRO B 1444 17.42 -21.85 2.27
CA PRO B 1444 17.27 -23.11 1.53
C PRO B 1444 15.92 -23.18 0.85
N LEU B 1445 15.90 -23.72 -0.37
CA LEU B 1445 14.67 -23.75 -1.17
C LEU B 1445 13.97 -25.08 -0.96
N ASP B 1446 13.15 -25.14 0.06
CA ASP B 1446 12.32 -26.32 0.28
C ASP B 1446 11.15 -26.33 -0.70
N PRO B 1447 10.67 -27.52 -1.07
CA PRO B 1447 9.80 -27.61 -2.24
C PRO B 1447 8.43 -26.99 -2.10
N PHE B 1448 8.14 -26.30 -1.00
CA PHE B 1448 6.88 -25.61 -0.84
C PHE B 1448 7.02 -24.10 -0.93
N LEU B 1449 8.15 -23.61 -1.43
CA LEU B 1449 8.42 -22.18 -1.32
C LEU B 1449 7.66 -21.39 -2.37
N LEU B 1450 8.01 -21.56 -3.64
CA LEU B 1450 7.32 -20.84 -4.70
C LEU B 1450 7.02 -21.82 -5.82
N ASN B 1451 5.97 -21.51 -6.56
CA ASN B 1451 5.32 -22.51 -7.37
C ASN B 1451 6.27 -23.06 -8.43
N THR B 1452 5.81 -24.08 -9.11
CA THR B 1452 6.51 -24.64 -10.24
C THR B 1452 7.05 -23.53 -11.12
N ASN B 1453 8.30 -23.68 -11.56
CA ASN B 1453 8.84 -22.88 -12.63
C ASN B 1453 8.79 -23.62 -13.94
N THR B 1454 7.75 -24.43 -14.14
CA THR B 1454 7.45 -25.00 -15.44
C THR B 1454 5.93 -25.05 -15.33
N ASP B 1455 5.27 -24.14 -16.04
CA ASP B 1455 3.82 -24.03 -16.01
C ASP B 1455 3.22 -24.19 -17.39
N VAL B 1456 2.15 -24.96 -17.47
CA VAL B 1456 1.18 -24.88 -18.54
C VAL B 1456 0.35 -23.64 -18.24
N LYS B 1457 -0.38 -22.95 -19.15
CA LYS B 1457 -1.28 -21.86 -18.72
C LYS B 1457 -2.30 -22.35 -17.63
N ASP B 1458 -2.04 -23.54 -17.08
CA ASP B 1458 -2.80 -24.24 -16.04
C ASP B 1458 -2.97 -23.49 -14.74
N TRP B 1459 -2.96 -22.17 -14.83
CA TRP B 1459 -3.30 -21.30 -13.72
C TRP B 1459 -4.80 -21.09 -13.64
N LEU B 1460 -5.51 -21.38 -14.73
CA LEU B 1460 -6.90 -21.76 -14.64
C LEU B 1460 -7.01 -23.06 -13.85
N ASP B 1461 -8.21 -23.33 -13.34
CA ASP B 1461 -8.55 -24.59 -12.69
C ASP B 1461 -7.55 -25.24 -11.73
N GLY B 1462 -6.81 -24.42 -11.00
CA GLY B 1462 -5.84 -24.94 -10.08
C GLY B 1462 -5.72 -23.90 -8.99
N SER B 1463 -5.58 -24.33 -7.76
CA SER B 1463 -5.43 -23.42 -6.64
C SER B 1463 -3.94 -23.29 -6.41
N ARG B 1464 -3.53 -22.72 -5.28
CA ARG B 1464 -2.15 -22.87 -4.88
C ARG B 1464 -1.82 -24.31 -4.52
N GLY B 1465 -2.84 -25.12 -4.27
CA GLY B 1465 -2.58 -26.54 -4.03
C GLY B 1465 -2.06 -27.25 -5.25
N TYR B 1466 -2.62 -26.95 -6.43
CA TYR B 1466 -2.24 -27.74 -7.60
C TYR B 1466 -0.84 -27.41 -8.07
N ARG B 1467 -0.42 -26.16 -7.97
CA ARG B 1467 0.95 -25.83 -8.35
C ARG B 1467 1.93 -26.63 -7.53
N ILE B 1468 1.75 -26.65 -6.21
CA ILE B 1468 2.70 -27.32 -5.33
C ILE B 1468 2.63 -28.83 -5.50
N GLN B 1469 1.44 -29.38 -5.70
CA GLN B 1469 1.37 -30.82 -5.95
C GLN B 1469 2.02 -31.18 -7.28
N ARG B 1470 1.82 -30.37 -8.32
CA ARG B 1470 2.50 -30.66 -9.57
C ARG B 1470 3.99 -30.43 -9.47
N LEU B 1471 4.44 -29.67 -8.48
CA LEU B 1471 5.87 -29.57 -8.23
C LEU B 1471 6.41 -30.85 -7.61
N ILE B 1472 5.88 -31.21 -6.44
CA ILE B 1472 6.32 -32.42 -5.76
C ILE B 1472 6.06 -33.67 -6.58
N GLU B 1473 5.27 -33.57 -7.64
CA GLU B 1473 5.12 -34.70 -8.56
C GLU B 1473 6.16 -34.71 -9.66
N GLU B 1474 7.05 -33.72 -9.68
CA GLU B 1474 8.20 -33.72 -10.57
C GLU B 1474 9.52 -33.74 -9.84
N LEU B 1475 9.53 -33.33 -8.57
CA LEU B 1475 10.74 -33.36 -7.77
C LEU B 1475 11.11 -34.77 -7.35
N CYS B 1476 10.12 -35.60 -7.05
CA CYS B 1476 10.29 -37.03 -6.79
C CYS B 1476 9.42 -37.78 -7.79
N PRO B 1477 9.96 -38.20 -8.91
CA PRO B 1477 9.10 -38.53 -10.06
C PRO B 1477 8.39 -39.87 -9.96
N ASN B 1478 9.03 -40.87 -9.35
CA ASN B 1478 8.47 -42.22 -9.34
C ASN B 1478 8.03 -42.72 -7.97
N GLU B 1479 8.53 -42.14 -6.89
CA GLU B 1479 7.91 -42.39 -5.59
C GLU B 1479 6.47 -41.91 -5.60
N THR B 1480 6.24 -40.70 -6.10
CA THR B 1480 4.88 -40.16 -6.16
C THR B 1480 3.77 -41.00 -6.77
N LYS B 1481 4.14 -42.12 -7.35
CA LYS B 1481 3.42 -42.90 -8.36
C LYS B 1481 2.56 -43.94 -7.66
N VAL B 1482 3.00 -44.37 -6.49
CA VAL B 1482 2.20 -45.25 -5.63
C VAL B 1482 1.36 -44.43 -4.66
N VAL B 1483 1.94 -43.35 -4.13
CA VAL B 1483 1.26 -42.50 -3.16
C VAL B 1483 0.19 -41.68 -3.86
N ARG B 1484 0.01 -41.91 -5.15
CA ARG B 1484 -1.09 -41.32 -5.90
C ARG B 1484 -2.09 -42.36 -6.37
N LYS B 1485 -1.90 -43.64 -6.03
CA LYS B 1485 -2.98 -44.61 -6.13
C LYS B 1485 -3.49 -45.06 -4.78
N LEU B 1486 -2.65 -44.98 -3.75
CA LEU B 1486 -3.15 -45.10 -2.39
C LEU B 1486 -4.17 -44.00 -2.10
N VAL B 1487 -3.92 -42.79 -2.57
CA VAL B 1487 -4.89 -41.71 -2.38
C VAL B 1487 -6.13 -41.96 -3.19
N ARG B 1488 -6.01 -42.56 -4.38
CA ARG B 1488 -7.21 -42.90 -5.13
C ARG B 1488 -8.06 -43.91 -4.36
N LYS B 1489 -7.42 -44.94 -3.79
CA LYS B 1489 -8.17 -45.89 -2.98
C LYS B 1489 -8.80 -45.20 -1.78
N LEU B 1490 -8.05 -44.32 -1.12
CA LEU B 1490 -8.56 -43.62 0.05
C LEU B 1490 -9.78 -42.77 -0.28
N HIS B 1491 -9.74 -42.06 -1.41
CA HIS B 1491 -10.88 -41.26 -1.82
C HIS B 1491 -12.04 -42.14 -2.26
N HIS B 1492 -11.75 -43.30 -2.83
CA HIS B 1492 -12.82 -44.21 -3.22
C HIS B 1492 -13.63 -44.66 -2.02
N LYS B 1493 -12.95 -44.93 -0.91
CA LYS B 1493 -13.56 -45.52 0.28
C LYS B 1493 -13.72 -44.59 1.47
N LEU B 1494 -13.81 -43.29 1.21
CA LEU B 1494 -13.98 -42.30 2.27
C LEU B 1494 -15.25 -41.52 2.03
N LYS B 1495 -15.69 -41.46 0.77
CA LYS B 1495 -16.80 -40.59 0.42
C LYS B 1495 -18.15 -41.25 0.66
N ASN B 1496 -18.29 -42.54 0.35
CA ASN B 1496 -19.62 -43.14 0.41
C ASN B 1496 -19.98 -43.61 1.82
N GLY B 1497 -19.25 -44.59 2.34
CA GLY B 1497 -19.71 -45.27 3.54
C GLY B 1497 -18.65 -45.63 4.57
N GLU B 1498 -17.46 -45.09 4.40
CA GLU B 1498 -16.34 -45.50 5.24
C GLU B 1498 -15.68 -44.32 5.86
N PHE B 1499 -14.63 -44.59 6.61
CA PHE B 1499 -13.84 -43.55 7.27
C PHE B 1499 -14.78 -42.57 8.07
N ASN B 1500 -14.36 -41.30 7.93
CA ASN B 1500 -14.86 -39.98 8.26
C ASN B 1500 -14.51 -39.54 9.67
N GLU B 1501 -14.11 -40.47 10.54
CA GLU B 1501 -13.59 -40.15 11.85
C GLU B 1501 -12.35 -40.98 12.15
N GLU B 1502 -12.40 -42.26 11.78
CA GLU B 1502 -11.26 -43.14 12.00
C GLU B 1502 -10.11 -42.79 11.07
N PHE B 1503 -10.39 -41.96 10.04
CA PHE B 1503 -9.29 -41.44 9.15
C PHE B 1503 -8.48 -40.55 10.09
N PHE B 1504 -9.21 -39.81 10.98
CA PHE B 1504 -8.44 -38.93 11.85
C PHE B 1504 -7.58 -39.73 12.83
N LEU B 1505 -8.08 -40.88 13.29
CA LEU B 1505 -7.27 -41.75 14.12
C LEU B 1505 -6.03 -42.22 13.36
N ASP B 1506 -6.22 -42.61 12.09
CA ASP B 1506 -5.09 -43.00 11.25
C ASP B 1506 -4.28 -41.80 10.80
N LEU B 1507 -4.85 -40.59 10.83
CA LEU B 1507 -4.05 -39.40 10.66
C LEU B 1507 -2.99 -39.34 11.73
N PHE B 1508 -3.27 -39.94 12.88
CA PHE B 1508 -2.27 -40.43 13.81
C PHE B 1508 -1.34 -39.31 14.26
N ASN B 1509 -1.74 -38.05 14.02
CA ASN B 1509 -0.92 -36.89 14.33
C ASN B 1509 -0.43 -36.90 15.76
N ARG B 1510 -1.05 -37.71 16.62
CA ARG B 1510 -0.56 -37.91 17.96
C ARG B 1510 0.88 -38.42 17.97
N ASP B 1511 1.25 -39.26 17.00
CA ASP B 1511 2.60 -39.83 16.97
C ASP B 1511 3.15 -39.78 15.54
N LYS B 1512 4.47 -40.19 15.59
CA LYS B 1512 5.59 -40.33 14.56
C LYS B 1512 5.45 -41.09 13.22
N LYS B 1513 6.41 -40.95 12.31
CA LYS B 1513 6.09 -41.39 10.95
C LYS B 1513 6.21 -42.90 10.60
N GLU B 1514 5.17 -43.62 11.03
CA GLU B 1514 4.81 -44.95 10.55
C GLU B 1514 3.28 -44.91 10.21
N ALA B 1515 2.64 -43.71 10.26
CA ALA B 1515 1.26 -43.61 9.81
C ALA B 1515 1.14 -43.96 8.33
N ILE B 1516 2.09 -43.50 7.50
CA ILE B 1516 2.06 -43.87 6.10
C ILE B 1516 2.09 -45.38 5.95
N LEU B 1517 2.92 -46.04 6.75
CA LEU B 1517 3.05 -47.49 6.65
C LEU B 1517 1.77 -48.20 7.09
N GLN B 1518 1.22 -47.80 8.24
CA GLN B 1518 0.02 -48.46 8.72
C GLN B 1518 -1.17 -48.21 7.79
N LEU B 1519 -1.23 -47.02 7.18
CA LEU B 1519 -2.34 -46.69 6.30
C LEU B 1519 -2.18 -47.36 4.95
N GLY B 1520 -0.94 -47.60 4.50
CA GLY B 1520 -0.74 -48.42 3.33
C GLY B 1520 -1.11 -49.86 3.58
N ASP B 1521 -0.82 -50.36 4.79
CA ASP B 1521 -1.19 -51.72 5.15
C ASP B 1521 -2.70 -51.86 5.34
N LEU B 1522 -3.37 -50.76 5.68
CA LEU B 1522 -4.78 -50.82 6.05
C LEU B 1522 -5.65 -51.25 4.88
N LEU B 1523 -5.36 -50.76 3.67
CA LEU B 1523 -6.25 -51.02 2.55
C LEU B 1523 -5.55 -51.28 1.23
N GLY B 1524 -4.23 -51.40 1.20
CA GLY B 1524 -3.54 -51.42 -0.07
C GLY B 1524 -2.73 -52.65 -0.40
N LEU B 1525 -1.50 -52.42 -0.85
CA LEU B 1525 -0.60 -53.48 -1.30
C LEU B 1525 0.80 -52.99 -0.98
N GLU B 1526 1.82 -53.77 -1.32
CA GLU B 1526 3.18 -53.54 -0.85
C GLU B 1526 3.53 -52.06 -0.99
N GLU B 1527 4.07 -51.49 0.08
CA GLU B 1527 4.51 -50.09 0.11
C GLU B 1527 5.69 -50.18 1.08
N ASP B 1528 6.89 -50.08 0.54
CA ASP B 1528 8.07 -50.19 1.38
C ASP B 1528 8.26 -48.92 2.20
N LEU B 1529 9.28 -48.95 3.06
CA LEU B 1529 9.67 -47.76 3.78
C LEU B 1529 10.48 -46.80 2.93
N ASN B 1530 10.78 -47.17 1.69
CA ASN B 1530 11.56 -46.30 0.82
C ASN B 1530 10.81 -45.01 0.51
N GLN B 1531 9.53 -45.13 0.13
CA GLN B 1531 8.76 -43.92 -0.14
C GLN B 1531 8.68 -43.05 1.09
N LEU B 1532 8.45 -43.65 2.26
CA LEU B 1532 8.21 -42.89 3.47
C LEU B 1532 9.47 -42.23 3.99
N ALA B 1533 10.46 -43.04 4.37
CA ALA B 1533 11.61 -42.51 5.09
C ALA B 1533 12.50 -41.68 4.20
N ASP B 1534 12.76 -42.16 2.99
CA ASP B 1534 13.82 -41.59 2.16
C ASP B 1534 13.55 -40.13 1.84
N VAL B 1535 12.48 -39.85 1.10
CA VAL B 1535 12.19 -38.48 0.72
C VAL B 1535 11.79 -37.70 1.96
N ASN B 1536 12.56 -36.67 2.30
CA ASN B 1536 12.32 -35.93 3.54
C ASN B 1536 12.95 -34.60 3.16
N TRP B 1537 12.27 -33.49 3.44
CA TRP B 1537 12.84 -32.16 3.22
C TRP B 1537 13.03 -31.41 4.53
N LEU B 1538 14.14 -30.68 4.63
CA LEU B 1538 14.36 -29.84 5.81
C LEU B 1538 13.27 -28.80 5.89
N ASN B 1539 12.72 -28.61 7.09
CA ASN B 1539 11.59 -27.72 7.31
C ASN B 1539 11.92 -26.80 8.47
N LEU B 1540 12.03 -25.51 8.18
CA LEU B 1540 12.54 -24.59 9.20
C LEU B 1540 11.48 -24.31 10.27
N ASN B 1541 10.24 -24.10 9.87
CA ASN B 1541 9.18 -23.86 10.86
C ASN B 1541 8.53 -25.24 10.84
N GLU B 1542 9.09 -26.14 11.64
CA GLU B 1542 8.44 -27.40 11.98
C GLU B 1542 7.91 -27.40 13.39
N MET B 1543 8.69 -26.91 14.34
CA MET B 1543 8.25 -26.86 15.73
C MET B 1543 7.65 -25.52 16.17
N PHE B 1544 8.37 -24.43 15.97
CA PHE B 1544 7.87 -23.09 16.21
C PHE B 1544 8.13 -22.23 14.99
N PRO B 1545 7.27 -21.25 14.71
CA PRO B 1545 7.52 -20.36 13.58
C PRO B 1545 8.83 -19.61 13.75
N LEU B 1546 9.50 -19.36 12.63
CA LEU B 1546 10.80 -18.69 12.66
C LEU B 1546 10.62 -17.20 12.86
N ARG B 1547 11.43 -16.63 13.74
CA ARG B 1547 11.20 -15.31 14.30
C ARG B 1547 11.61 -14.21 13.34
N MET B 1548 11.10 -13.01 13.61
CA MET B 1548 11.53 -11.79 12.92
C MET B 1548 11.64 -10.63 13.91
N ILE B 1567 -1.26 -23.36 18.00
CA ILE B 1567 -1.76 -22.14 17.39
C ILE B 1567 -1.53 -22.20 15.87
N PRO B 1568 -2.43 -22.88 15.17
CA PRO B 1568 -2.22 -23.16 13.75
C PRO B 1568 -2.40 -21.94 12.85
N SER B 1569 -2.34 -22.17 11.53
CA SER B 1569 -2.37 -21.08 10.58
C SER B 1569 -3.80 -20.57 10.37
N LEU B 1570 -4.70 -21.44 9.93
CA LEU B 1570 -6.07 -21.02 9.65
C LEU B 1570 -6.71 -20.36 10.87
N ILE B 1571 -6.32 -20.80 12.07
CA ILE B 1571 -6.81 -20.14 13.28
C ILE B 1571 -6.34 -18.70 13.35
N LYS B 1572 -5.07 -18.46 13.03
CA LYS B 1572 -4.57 -17.08 13.02
C LYS B 1572 -5.27 -16.26 11.94
N THR B 1573 -5.48 -16.84 10.76
CA THR B 1573 -6.15 -16.12 9.69
C THR B 1573 -7.57 -15.73 10.10
N LEU B 1574 -8.31 -16.67 10.69
CA LEU B 1574 -9.65 -16.35 11.16
C LEU B 1574 -9.61 -15.34 12.29
N GLN B 1575 -8.58 -15.40 13.14
CA GLN B 1575 -8.31 -14.35 14.10
C GLN B 1575 -8.07 -13.01 13.43
N ASN B 1576 -7.67 -13.02 12.17
CA ASN B 1576 -7.45 -11.79 11.41
C ASN B 1576 -8.75 -11.32 10.73
N LYS B 1577 -9.90 -11.61 11.31
CA LYS B 1577 -11.19 -11.15 10.85
C LYS B 1577 -12.01 -10.37 11.86
N LEU B 1578 -11.32 -9.73 12.80
CA LEU B 1578 -11.98 -9.01 13.88
C LEU B 1578 -12.10 -7.53 13.52
N CYS B 1602 8.88 1.75 2.61
CA CYS B 1602 9.73 1.47 1.45
C CYS B 1602 9.63 0.01 1.08
N ILE B 1603 10.05 -0.34 -0.12
CA ILE B 1603 10.07 -1.73 -0.56
C ILE B 1603 11.49 -2.26 -0.72
N SER B 1604 12.45 -1.41 -1.05
CA SER B 1604 13.85 -1.79 -1.17
C SER B 1604 14.62 -1.58 0.11
N SER B 1605 13.94 -1.20 1.19
CA SER B 1605 14.47 -1.29 2.54
C SER B 1605 13.76 -2.35 3.35
N GLY B 1606 12.86 -3.11 2.73
CA GLY B 1606 12.32 -4.29 3.34
C GLY B 1606 13.18 -5.48 2.97
N PHE B 1607 13.65 -5.53 1.72
CA PHE B 1607 14.53 -6.60 1.30
C PHE B 1607 15.90 -6.50 1.98
N ILE B 1608 16.42 -5.29 2.15
CA ILE B 1608 17.72 -5.10 2.77
C ILE B 1608 17.61 -5.44 4.26
N GLY B 1609 16.42 -5.81 4.70
CA GLY B 1609 16.24 -6.29 6.06
C GLY B 1609 15.91 -7.77 6.12
N LEU B 1610 15.16 -8.24 5.12
CA LEU B 1610 14.88 -9.67 5.01
C LEU B 1610 16.17 -10.44 4.76
N CYS B 1611 17.14 -9.84 4.10
CA CYS B 1611 18.43 -10.48 3.96
C CYS B 1611 19.27 -10.37 5.22
N LYS B 1612 18.82 -9.63 6.22
CA LYS B 1612 19.54 -9.55 7.47
C LYS B 1612 18.97 -10.47 8.55
N THR B 1613 17.65 -10.54 8.67
CA THR B 1613 17.09 -11.46 9.67
C THR B 1613 17.28 -12.91 9.25
N LEU B 1614 16.93 -13.24 8.01
CA LEU B 1614 17.03 -14.65 7.61
C LEU B 1614 18.40 -15.29 7.52
N GLY B 1615 19.42 -14.61 8.00
CA GLY B 1615 20.75 -15.19 7.97
C GLY B 1615 21.25 -15.39 9.38
N SER B 1616 20.66 -14.66 10.33
CA SER B 1616 21.08 -14.69 11.71
C SER B 1616 20.27 -15.74 12.46
N ARG B 1617 20.29 -15.69 13.79
CA ARG B 1617 19.62 -16.71 14.58
C ARG B 1617 18.13 -16.56 14.39
N CYS B 1618 17.55 -17.37 13.53
CA CYS B 1618 16.13 -17.28 13.24
C CYS B 1618 15.37 -18.56 13.54
N VAL B 1619 15.93 -19.72 13.18
CA VAL B 1619 15.24 -20.97 13.41
C VAL B 1619 15.15 -21.24 14.91
N ARG B 1620 14.14 -21.99 15.32
CA ARG B 1620 13.89 -22.21 16.74
C ARG B 1620 13.78 -23.71 17.05
N ASN B 1621 14.17 -24.05 18.27
CA ASN B 1621 14.30 -25.41 18.74
C ASN B 1621 13.09 -25.81 19.57
N LYS B 1622 13.06 -27.06 20.01
CA LYS B 1622 11.96 -27.55 20.84
C LYS B 1622 11.93 -26.92 22.22
N ASN B 1623 12.98 -26.21 22.62
CA ASN B 1623 13.05 -25.59 23.93
C ASN B 1623 13.18 -24.07 23.90
N ARG B 1624 12.61 -23.45 22.87
CA ARG B 1624 12.74 -22.01 22.63
C ARG B 1624 14.16 -21.59 22.30
N GLU B 1625 15.01 -22.52 21.91
CA GLU B 1625 16.38 -22.16 21.58
C GLU B 1625 16.44 -21.52 20.19
N ASN B 1626 17.58 -20.91 19.88
CA ASN B 1626 17.78 -20.23 18.62
C ASN B 1626 19.07 -20.73 17.97
N LEU B 1627 18.99 -21.10 16.70
CA LEU B 1627 20.12 -21.60 15.92
C LEU B 1627 20.31 -20.73 14.68
N TYR B 1628 21.35 -21.03 13.91
CA TYR B 1628 21.52 -20.42 12.59
C TYR B 1628 21.00 -21.37 11.53
N ILE B 1629 20.83 -20.85 10.32
CA ILE B 1629 20.53 -21.73 9.20
C ILE B 1629 21.80 -22.38 8.66
N LYS B 1630 22.96 -21.79 8.94
CA LYS B 1630 24.22 -22.33 8.40
C LYS B 1630 24.72 -23.51 9.20
N LYS B 1631 24.86 -23.33 10.51
CA LYS B 1631 25.30 -24.43 11.37
C LYS B 1631 24.39 -25.63 11.24
N LEU B 1632 23.13 -25.40 10.92
CA LEU B 1632 22.15 -26.46 10.79
C LEU B 1632 22.07 -27.03 9.38
N LEU B 1633 22.35 -26.21 8.36
CA LEU B 1633 22.28 -26.67 6.98
C LEU B 1633 23.58 -27.28 6.50
N GLU B 1634 24.66 -27.16 7.26
CA GLU B 1634 25.88 -27.88 6.87
C GLU B 1634 25.92 -29.28 7.48
N ASP B 1635 25.48 -29.44 8.72
CA ASP B 1635 25.57 -30.74 9.37
C ASP B 1635 24.64 -31.75 8.72
N LEU B 1636 23.48 -31.30 8.26
CA LEU B 1636 22.49 -32.20 7.68
C LEU B 1636 22.98 -32.84 6.39
N THR B 1637 24.05 -32.33 5.79
CA THR B 1637 24.58 -32.87 4.56
C THR B 1637 26.02 -33.37 4.68
N THR B 1638 26.79 -32.84 5.62
CA THR B 1638 28.21 -33.15 5.73
C THR B 1638 28.54 -34.05 6.91
N ASP B 1639 27.99 -33.77 8.09
CA ASP B 1639 28.40 -34.45 9.30
C ASP B 1639 27.45 -35.58 9.70
N ASP B 1640 26.90 -36.29 8.73
CA ASP B 1640 26.10 -37.48 9.00
C ASP B 1640 26.12 -38.36 7.77
N HIS B 1641 25.61 -39.58 7.92
CA HIS B 1641 25.42 -40.47 6.78
C HIS B 1641 24.08 -40.03 6.18
N VAL B 1642 24.11 -38.86 5.55
CA VAL B 1642 22.94 -38.23 4.96
C VAL B 1642 23.30 -37.82 3.54
N THR B 1643 22.49 -38.24 2.57
CA THR B 1643 22.71 -37.89 1.18
C THR B 1643 21.80 -36.74 0.77
N ARG B 1644 22.38 -35.66 0.26
CA ARG B 1644 21.66 -34.39 0.17
C ARG B 1644 21.65 -33.65 -1.16
N VAL B 1645 21.88 -34.35 -2.27
CA VAL B 1645 22.18 -33.70 -3.55
C VAL B 1645 20.90 -33.09 -4.11
N CYS B 1646 21.06 -32.11 -4.99
CA CYS B 1646 20.00 -31.17 -5.33
C CYS B 1646 19.41 -31.46 -6.71
N ASN B 1647 18.22 -30.91 -6.93
CA ASN B 1647 17.54 -30.90 -8.22
C ASN B 1647 17.09 -29.53 -8.71
N ARG B 1648 17.83 -28.50 -8.29
CA ARG B 1648 17.60 -27.06 -8.19
C ARG B 1648 17.01 -26.66 -6.82
N ASP B 1649 16.68 -27.62 -5.96
CA ASP B 1649 16.23 -27.32 -4.59
C ASP B 1649 16.58 -28.53 -3.73
N GLY B 1650 17.40 -28.32 -2.70
CA GLY B 1650 17.97 -29.43 -1.96
C GLY B 1650 16.93 -30.17 -1.17
N ILE B 1651 16.61 -31.39 -1.59
CA ILE B 1651 15.72 -32.27 -0.81
C ILE B 1651 16.64 -33.10 0.09
N THR B 1652 17.02 -32.50 1.22
CA THR B 1652 18.12 -33.01 2.02
C THR B 1652 17.81 -34.42 2.54
N LEU B 1653 18.87 -35.19 2.77
CA LEU B 1653 18.78 -36.48 3.43
C LEU B 1653 17.89 -37.53 2.75
N TYR B 1654 18.27 -37.85 1.52
CA TYR B 1654 17.51 -38.76 0.68
C TYR B 1654 17.19 -40.08 1.39
N ILE B 1655 17.64 -40.27 2.63
CA ILE B 1655 17.35 -41.53 3.30
C ILE B 1655 16.65 -41.33 4.63
N CYS B 1656 17.34 -40.73 5.61
CA CYS B 1656 16.88 -40.67 6.99
C CYS B 1656 16.25 -41.98 7.42
N ASP B 1657 16.99 -43.08 7.23
CA ASP B 1657 16.37 -44.39 7.17
C ASP B 1657 15.54 -44.67 8.41
N LYS B 1658 14.21 -44.66 8.24
CA LYS B 1658 13.24 -44.75 9.33
C LYS B 1658 13.52 -43.73 10.44
N GLN B 1659 14.37 -42.75 10.14
CA GLN B 1659 15.00 -41.91 11.15
C GLN B 1659 15.53 -42.77 12.29
N SER B 1660 16.00 -43.99 11.97
CA SER B 1660 16.66 -44.87 12.93
C SER B 1660 18.11 -44.44 13.02
N HIS B 1661 18.47 -43.83 14.14
CA HIS B 1661 19.60 -42.92 14.20
C HIS B 1661 19.81 -42.52 15.66
N PRO B 1662 21.00 -42.07 16.01
CA PRO B 1662 21.13 -41.30 17.26
C PRO B 1662 20.37 -39.99 17.14
N GLU B 1663 19.04 -40.08 17.23
CA GLU B 1663 18.15 -39.03 16.77
C GLU B 1663 18.23 -37.81 17.68
N ALA B 1664 17.80 -36.67 17.14
CA ALA B 1664 17.84 -35.37 17.82
C ALA B 1664 19.29 -34.99 18.13
N HIS B 1665 20.14 -35.06 17.10
CA HIS B 1665 21.57 -34.85 17.26
C HIS B 1665 21.81 -33.50 17.91
N ARG B 1666 21.49 -32.43 17.18
CA ARG B 1666 21.17 -31.15 17.81
C ARG B 1666 19.74 -30.75 17.50
N ASP B 1667 19.42 -30.52 16.23
CA ASP B 1667 18.05 -30.48 15.72
C ASP B 1667 17.90 -31.11 14.35
N HIS B 1668 18.98 -31.27 13.59
CA HIS B 1668 18.89 -31.47 12.16
C HIS B 1668 18.23 -32.79 11.77
N ILE B 1669 17.76 -33.57 12.74
CA ILE B 1669 17.03 -34.79 12.45
C ILE B 1669 15.58 -34.69 12.91
N CYS B 1670 15.32 -34.04 14.04
CA CYS B 1670 13.94 -33.83 14.42
C CYS B 1670 13.24 -32.87 13.47
N LEU B 1671 13.98 -31.91 12.93
CA LEU B 1671 13.45 -30.79 12.16
C LEU B 1671 13.14 -30.98 10.67
N LEU B 1672 12.95 -32.21 10.23
CA LEU B 1672 12.77 -32.47 8.80
C LEU B 1672 11.70 -33.54 8.65
N ARG B 1673 10.62 -33.22 7.96
CA ARG B 1673 9.47 -34.09 7.92
C ARG B 1673 9.36 -34.77 6.57
N PRO B 1674 8.78 -35.97 6.51
CA PRO B 1674 8.76 -36.72 5.25
C PRO B 1674 8.01 -35.97 4.18
N LEU B 1675 8.33 -36.30 2.93
CA LEU B 1675 7.66 -35.63 1.82
C LEU B 1675 6.43 -36.39 1.38
N LEU B 1676 6.56 -37.66 1.06
CA LEU B 1676 5.48 -38.38 0.43
C LEU B 1676 4.26 -38.52 1.32
N TRP B 1677 4.25 -37.94 2.51
CA TRP B 1677 3.03 -37.77 3.30
C TRP B 1677 2.40 -36.41 3.04
N ASP B 1678 3.19 -35.34 3.23
CA ASP B 1678 2.76 -34.00 2.85
C ASP B 1678 2.26 -33.93 1.43
N TYR B 1679 2.64 -34.89 0.60
CA TYR B 1679 1.99 -35.02 -0.69
C TYR B 1679 0.63 -35.70 -0.56
N ILE B 1680 0.46 -36.64 0.37
CA ILE B 1680 -0.83 -37.33 0.45
C ILE B 1680 -1.90 -36.40 0.97
N CYS B 1681 -1.60 -35.65 2.03
CA CYS B 1681 -2.65 -34.80 2.59
C CYS B 1681 -3.08 -33.73 1.58
N ILE B 1682 -2.14 -33.21 0.80
CA ILE B 1682 -2.50 -32.26 -0.26
C ILE B 1682 -3.25 -32.95 -1.38
N SER B 1683 -2.67 -33.99 -1.97
CA SER B 1683 -3.38 -34.61 -3.09
C SER B 1683 -4.67 -35.29 -2.67
N LEU B 1684 -5.04 -35.21 -1.40
CA LEU B 1684 -6.43 -35.49 -1.02
C LEU B 1684 -7.23 -34.22 -0.83
N SER B 1685 -6.71 -33.22 -0.11
CA SER B 1685 -7.42 -31.96 0.00
C SER B 1685 -7.71 -31.38 -1.37
N ASN B 1686 -6.78 -31.52 -2.32
CA ASN B 1686 -7.09 -31.16 -3.69
C ASN B 1686 -8.14 -31.97 -4.42
N SER B 1687 -8.74 -32.96 -3.76
CA SER B 1687 -9.58 -33.89 -4.49
C SER B 1687 -11.05 -33.76 -4.14
N PHE B 1688 -11.40 -33.14 -3.01
CA PHE B 1688 -12.76 -32.71 -2.76
C PHE B 1688 -13.00 -31.30 -3.25
N GLU B 1689 -11.94 -30.49 -3.30
CA GLU B 1689 -12.06 -29.07 -3.58
C GLU B 1689 -12.10 -28.76 -5.07
N LEU B 1690 -11.36 -29.49 -5.90
CA LEU B 1690 -11.41 -29.15 -7.31
C LEU B 1690 -11.72 -30.29 -8.25
N GLY B 1691 -12.03 -31.46 -7.72
CA GLY B 1691 -12.43 -32.55 -8.59
C GLY B 1691 -11.67 -33.83 -8.32
N VAL B 1692 -12.09 -34.87 -9.05
CA VAL B 1692 -11.47 -36.18 -8.95
C VAL B 1692 -10.31 -36.35 -9.93
N TRP B 1693 -10.23 -35.52 -10.97
CA TRP B 1693 -9.17 -35.65 -11.95
C TRP B 1693 -7.81 -35.30 -11.41
N VAL B 1694 -7.71 -34.69 -10.23
CA VAL B 1694 -6.44 -34.23 -9.69
C VAL B 1694 -5.57 -35.42 -9.32
N LEU B 1695 -6.06 -36.64 -9.56
CA LEU B 1695 -5.36 -37.86 -9.19
C LEU B 1695 -4.90 -38.69 -10.37
N ALA B 1696 -5.49 -38.52 -11.55
CA ALA B 1696 -5.18 -39.41 -12.66
C ALA B 1696 -3.78 -39.13 -13.20
N GLU B 1697 -3.34 -39.99 -14.10
CA GLU B 1697 -1.98 -39.95 -14.62
C GLU B 1697 -1.83 -38.83 -15.64
N PRO B 1698 -0.87 -37.91 -15.46
CA PRO B 1698 -0.55 -36.86 -16.44
C PRO B 1698 -0.18 -37.42 -17.81
N LYS B 1732 -18.44 -22.19 2.46
CA LYS B 1732 -17.36 -21.69 1.61
C LYS B 1732 -16.59 -20.57 2.29
N VAL B 1733 -17.27 -19.81 3.15
CA VAL B 1733 -16.75 -18.53 3.63
C VAL B 1733 -16.60 -18.53 5.14
N ASN B 1734 -16.23 -17.37 5.68
CA ASN B 1734 -15.64 -17.28 7.02
C ASN B 1734 -16.49 -17.98 8.08
N LEU B 1735 -17.80 -17.73 8.07
CA LEU B 1735 -18.64 -18.29 9.13
C LEU B 1735 -18.61 -19.81 9.12
N ASN B 1736 -18.68 -20.41 7.93
CA ASN B 1736 -18.56 -21.85 7.84
C ASN B 1736 -17.28 -22.32 8.51
N GLN B 1737 -16.14 -21.77 8.06
CA GLN B 1737 -14.86 -22.26 8.57
C GLN B 1737 -14.79 -22.12 10.08
N VAL B 1738 -15.37 -21.06 10.64
CA VAL B 1738 -15.36 -20.94 12.08
C VAL B 1738 -16.19 -22.05 12.71
N ILE B 1739 -17.33 -22.39 12.12
CA ILE B 1739 -18.18 -23.43 12.71
C ILE B 1739 -17.50 -24.80 12.66
N GLN B 1740 -16.97 -25.18 11.50
CA GLN B 1740 -16.29 -26.47 11.46
C GLN B 1740 -14.90 -26.46 12.09
N SER B 1741 -14.37 -25.29 12.49
CA SER B 1741 -13.31 -25.31 13.49
C SER B 1741 -13.87 -25.53 14.87
N VAL B 1742 -15.11 -25.08 15.11
CA VAL B 1742 -15.77 -25.28 16.39
C VAL B 1742 -16.07 -26.75 16.61
N ARG B 1743 -16.30 -27.50 15.53
CA ARG B 1743 -16.67 -28.91 15.68
C ARG B 1743 -15.56 -29.74 16.29
N ARG B 1744 -14.43 -29.12 16.62
CA ARG B 1744 -13.52 -29.61 17.64
C ARG B 1744 -13.13 -28.42 18.51
N LEU B 1745 -13.52 -28.46 19.78
CA LEU B 1745 -13.71 -27.25 20.58
C LEU B 1745 -12.50 -26.86 21.42
N TYR B 1746 -11.38 -27.57 21.28
CA TYR B 1746 -10.21 -27.18 22.07
C TYR B 1746 -9.69 -25.79 21.74
N PRO B 1747 -9.51 -25.39 20.47
CA PRO B 1747 -9.03 -24.03 20.21
C PRO B 1747 -10.10 -22.95 20.32
N LYS B 1748 -11.36 -23.33 20.51
CA LYS B 1748 -12.41 -22.32 20.60
C LYS B 1748 -12.21 -21.41 21.80
N ILE B 1749 -11.61 -21.92 22.86
CA ILE B 1749 -11.35 -21.09 24.04
C ILE B 1749 -10.52 -19.87 23.67
N PHE B 1750 -9.70 -19.97 22.63
CA PHE B 1750 -8.94 -18.83 22.16
C PHE B 1750 -9.51 -18.17 20.91
N GLU B 1751 -10.34 -18.89 20.15
CA GLU B 1751 -10.89 -18.33 18.92
C GLU B 1751 -12.27 -17.69 19.10
N ASP B 1752 -12.87 -17.79 20.29
CA ASP B 1752 -14.20 -17.23 20.51
C ASP B 1752 -14.16 -15.85 21.13
N GLN B 1753 -13.40 -15.68 22.21
CA GLN B 1753 -13.43 -14.44 22.98
C GLN B 1753 -12.93 -13.25 22.17
N LEU B 1754 -12.23 -13.48 21.08
CA LEU B 1754 -11.80 -12.38 20.21
C LEU B 1754 -12.87 -11.98 19.21
N LEU B 1755 -14.01 -12.67 19.17
CA LEU B 1755 -15.09 -12.26 18.29
C LEU B 1755 -15.59 -10.85 18.58
N PRO B 1756 -15.79 -10.42 19.84
CA PRO B 1756 -16.14 -9.00 20.04
C PRO B 1756 -15.03 -8.04 19.64
N ILE B 1772 -20.04 -28.38 5.15
CA ILE B 1772 -21.12 -29.00 4.40
C ILE B 1772 -20.81 -30.47 4.10
N LYS B 1773 -20.76 -30.85 2.82
CA LYS B 1773 -20.64 -32.26 2.47
C LYS B 1773 -19.35 -32.87 3.03
N PHE B 1774 -18.19 -32.26 2.75
CA PHE B 1774 -16.90 -32.77 3.18
C PHE B 1774 -16.03 -31.71 3.87
N LEU B 1775 -16.59 -30.53 4.16
CA LEU B 1775 -15.76 -29.42 4.63
C LEU B 1775 -14.96 -29.78 5.87
N ASP B 1776 -15.45 -30.69 6.70
CA ASP B 1776 -14.70 -31.10 7.89
C ASP B 1776 -13.34 -31.70 7.51
N LEU B 1777 -13.30 -32.59 6.52
CA LEU B 1777 -12.03 -33.17 6.11
C LEU B 1777 -11.06 -32.11 5.59
N CYS B 1778 -11.54 -31.21 4.73
CA CYS B 1778 -10.64 -30.22 4.15
C CYS B 1778 -10.10 -29.29 5.22
N VAL B 1779 -10.95 -28.83 6.15
CA VAL B 1779 -10.44 -27.95 7.19
C VAL B 1779 -9.48 -28.70 8.10
N LEU B 1780 -9.76 -29.97 8.36
CA LEU B 1780 -8.87 -30.75 9.20
C LEU B 1780 -7.50 -30.90 8.57
N ILE B 1781 -7.47 -31.29 7.29
CA ILE B 1781 -6.19 -31.43 6.59
C ILE B 1781 -5.51 -30.10 6.42
N ASP B 1782 -6.25 -29.00 6.47
CA ASP B 1782 -5.64 -27.67 6.39
C ASP B 1782 -4.98 -27.28 7.70
N ILE B 1783 -5.59 -27.64 8.83
CA ILE B 1783 -5.03 -27.23 10.12
C ILE B 1783 -3.65 -27.83 10.33
N ASN B 1784 -3.47 -29.11 9.99
CA ASN B 1784 -2.18 -29.76 10.24
C ASN B 1784 -1.09 -29.19 9.33
N SER B 1785 -1.35 -29.09 8.03
CA SER B 1785 -0.35 -28.63 7.08
C SER B 1785 -0.28 -27.11 7.15
N GLU B 1786 0.61 -26.60 8.00
CA GLU B 1786 0.59 -25.21 8.42
C GLU B 1786 1.37 -24.29 7.50
N SER B 1787 1.52 -24.65 6.23
CA SER B 1787 2.36 -23.83 5.36
C SER B 1787 1.64 -23.25 4.14
N LEU B 1788 0.89 -24.27 3.73
CA LEU B 1788 -0.05 -24.50 2.69
C LEU B 1788 -1.48 -24.02 3.03
N SER B 1789 -2.20 -23.57 1.98
CA SER B 1789 -3.55 -22.99 1.95
C SER B 1789 -4.33 -24.20 1.59
N LEU B 1790 -5.51 -24.07 0.86
CA LEU B 1790 -6.49 -25.05 0.39
C LEU B 1790 -7.89 -24.92 0.98
N ILE B 1791 -8.07 -24.17 2.06
CA ILE B 1791 -9.37 -23.61 2.40
C ILE B 1791 -9.16 -22.16 2.74
N SER B 1792 -8.20 -21.91 3.63
CA SER B 1792 -7.92 -20.57 4.12
C SER B 1792 -7.44 -19.66 2.99
N HIS B 1793 -7.45 -20.16 1.76
CA HIS B 1793 -7.09 -19.37 0.59
C HIS B 1793 -8.31 -18.61 0.05
N VAL B 1794 -9.38 -19.33 -0.28
CA VAL B 1794 -10.55 -18.67 -0.86
C VAL B 1794 -11.17 -17.67 0.10
N VAL B 1795 -10.82 -17.73 1.39
CA VAL B 1795 -11.30 -16.75 2.35
C VAL B 1795 -10.22 -15.74 2.70
N LYS B 1796 -9.15 -15.68 1.93
CA LYS B 1796 -8.10 -14.71 2.21
C LYS B 1796 -7.72 -13.88 0.99
N TRP B 1797 -7.71 -14.46 -0.20
CA TRP B 1797 -7.45 -13.74 -1.44
C TRP B 1797 -8.63 -13.94 -2.37
N LYS B 1798 -9.12 -12.85 -2.96
CA LYS B 1798 -10.20 -12.95 -3.92
C LYS B 1798 -9.65 -13.44 -5.25
N ARG B 1799 -10.26 -14.49 -5.79
CA ARG B 1799 -9.87 -15.01 -7.10
C ARG B 1799 -10.56 -14.20 -8.18
N ASP B 1800 -10.39 -14.62 -9.44
CA ASP B 1800 -10.96 -13.92 -10.58
C ASP B 1800 -11.96 -14.83 -11.29
N GLU B 1801 -12.79 -14.24 -12.12
CA GLU B 1801 -13.87 -14.98 -12.76
C GLU B 1801 -13.70 -15.18 -14.26
N HIS B 1802 -13.17 -14.20 -14.98
CA HIS B 1802 -13.08 -14.28 -16.44
C HIS B 1802 -11.62 -14.17 -16.84
N TYR B 1803 -11.14 -15.15 -17.62
CA TYR B 1803 -9.78 -15.16 -18.12
C TYR B 1803 -9.73 -15.01 -19.63
N THR B 1804 -8.76 -14.24 -20.10
CA THR B 1804 -8.37 -14.16 -21.50
C THR B 1804 -6.96 -14.72 -21.60
N VAL B 1805 -6.81 -15.84 -22.30
CA VAL B 1805 -5.55 -16.57 -22.36
C VAL B 1805 -5.17 -16.80 -23.81
N LEU B 1806 -3.87 -16.90 -24.06
CA LEU B 1806 -3.40 -17.10 -25.42
C LEU B 1806 -3.82 -18.48 -25.90
N PHE B 1807 -3.70 -18.67 -27.21
CA PHE B 1807 -4.04 -19.94 -27.82
C PHE B 1807 -2.81 -20.75 -28.18
N SER B 1808 -1.63 -20.21 -27.94
CA SER B 1808 -0.40 -20.99 -28.01
C SER B 1808 0.05 -21.49 -26.64
N ASP B 1809 -0.74 -21.23 -25.60
CA ASP B 1809 -0.51 -21.81 -24.28
C ASP B 1809 -1.57 -22.84 -23.89
N LEU B 1810 -2.70 -22.86 -24.58
CA LEU B 1810 -3.74 -23.84 -24.34
C LEU B 1810 -3.59 -25.08 -25.22
N ALA B 1811 -2.54 -25.14 -26.03
CA ALA B 1811 -2.22 -26.35 -26.77
C ALA B 1811 -1.13 -27.17 -26.13
N ASN B 1812 -0.28 -26.54 -25.32
CA ASN B 1812 0.75 -27.25 -24.56
C ASN B 1812 0.21 -27.38 -23.14
N SER B 1813 -0.59 -28.43 -22.93
CA SER B 1813 -1.22 -28.65 -21.64
C SER B 1813 -1.02 -30.08 -21.17
N HIS B 1814 -0.99 -30.24 -19.85
CA HIS B 1814 -0.95 -31.55 -19.23
C HIS B 1814 -2.25 -31.80 -18.50
#